data_7Q05
#
_entry.id   7Q05
#
_cell.length_a   219.714
_cell.length_b   219.714
_cell.length_c   82.964
_cell.angle_alpha   90.000
_cell.angle_beta   90.000
_cell.angle_gamma   120.000
#
_symmetry.space_group_name_H-M   'P 61'
#
loop_
_entity.id
_entity.type
_entity.pdbx_description
1 polymer 'Terephthalate 1,2-dioxygenase, terminal oxygenase component subunit beta 1'
2 polymer 'Terephthalate 1,2-dioxygenase, terminal oxygenase component subunit alpha 2'
3 polymer Lysozyme
4 non-polymer 'FE2/S2 (INORGANIC) CLUSTER'
5 non-polymer 'SULFATE ION'
6 non-polymer 'terephthalic acid'
7 non-polymer 'FE (III) ION'
8 water water
#
loop_
_entity_poly.entity_id
_entity_poly.type
_entity_poly.pdbx_seq_one_letter_code
_entity_poly.pdbx_strand_id
1 'polypeptide(L)'
;MINEIQIAAFNAAYAKTVDSDAMEQWPTFFTKDCHYRVTNVDNHAEGLAAGIVWADSQDMLTDRISALREANIYERHRYR
HILGLPSIQSGDATQASASTPFMVLRIMHTGETEVFASGEYLDKFTTIDGKLRLQERIAVCDSTVTDTLMALPL
;
A,B,C
2 'polypeptide(L)'
;MGMQESIIQWHGATNTRVPFGIYTDTANADQEQQRIYRGEVWNYLCLESEIPGAGDFRTTFAGETPIVVVRDADQEIYAF
ENRCAHRGALIALEKSGRTDSFQCVYHAWSYNRQGDLTGVAFEKGVKGQGGMPASFCKEEHGPRKLRVAVFCGLVFGSFS
EDVPSIEDYLGPEICERIERVLHKPVEVIGRFTQKLPNNWKLYFENVKDSYHASLLHMFFTTFELNRLSQKGGVIVDESG
GHHVSYSMIDRGAKDDSYKDQAIRSDNERYRLKDPSLLEGFEEFEDGVTLQILSVFPGFVLQQIQNSIAVRQLLPKSISS
SELNWTYLGYADDSAEQRKVRLKQANLIGPAGFISMEDGAVGGFVQRGIAGAANLDAVIEMGGDHEGSSEGRATETSVRG
FWKAYRKHMGQEMQAENLYFQGHHHHHH
;
D,E,F
3 'polypeptide(L)'
;KVFGRCELAAAMKRHGLDNYRGYSLGNWVCAAKFESNFNTQATNRNTDGSTDYGILQINSRWWCNDGRTPGSRNLCNIPC
SALLSSDITASVNCAKKIVSDGNGMNAWVAWRNRCKGTDVQAWIRGCRL
;
H
#
loop_
_chem_comp.id
_chem_comp.type
_chem_comp.name
_chem_comp.formula
FE non-polymer 'FE (III) ION' 'Fe 3'
FES non-polymer 'FE2/S2 (INORGANIC) CLUSTER' 'Fe2 S2'
SO4 non-polymer 'SULFATE ION' 'O4 S -2'
UB7 non-polymer 'terephthalic acid' 'C8 H6 O4'
#
# COMPACT_ATOMS: atom_id res chain seq x y z
N MET A 1 21.90 -24.31 -27.07
CA MET A 1 21.52 -24.56 -25.68
C MET A 1 21.14 -23.24 -24.98
N ILE A 2 19.85 -23.05 -24.80
CA ILE A 2 19.34 -21.92 -23.99
C ILE A 2 19.62 -22.25 -22.51
N ASN A 3 20.14 -21.29 -21.77
CA ASN A 3 20.40 -21.44 -20.31
C ASN A 3 19.89 -20.21 -19.56
N GLU A 4 19.92 -20.30 -18.23
CA GLU A 4 19.34 -19.31 -17.25
C GLU A 4 20.09 -17.98 -17.42
N ILE A 5 21.35 -18.00 -17.79
CA ILE A 5 22.15 -16.76 -17.95
C ILE A 5 21.65 -15.98 -19.17
N GLN A 6 21.45 -16.65 -20.31
CA GLN A 6 20.94 -15.99 -21.54
C GLN A 6 19.55 -15.40 -21.24
N ILE A 7 18.71 -16.13 -20.55
CA ILE A 7 17.31 -15.71 -20.32
C ILE A 7 17.35 -14.51 -19.35
N ALA A 8 18.22 -14.51 -18.33
CA ALA A 8 18.33 -13.39 -17.36
C ALA A 8 18.73 -12.11 -18.12
N ALA A 9 19.71 -12.22 -19.02
CA ALA A 9 20.22 -11.09 -19.80
C ALA A 9 19.07 -10.55 -20.68
N PHE A 10 18.33 -11.47 -21.32
CA PHE A 10 17.19 -11.18 -22.20
C PHE A 10 16.13 -10.42 -21.39
N ASN A 11 15.78 -10.98 -20.23
CA ASN A 11 14.72 -10.40 -19.35
C ASN A 11 15.12 -8.99 -18.92
N ALA A 12 16.40 -8.75 -18.62
CA ALA A 12 16.86 -7.40 -18.25
C ALA A 12 16.69 -6.46 -19.44
N ALA A 13 17.06 -6.88 -20.67
CA ALA A 13 16.95 -5.96 -21.84
C ALA A 13 15.46 -5.70 -22.11
N TYR A 14 14.58 -6.69 -21.96
CA TYR A 14 13.12 -6.53 -22.14
C TYR A 14 12.60 -5.48 -21.15
N ALA A 15 12.95 -5.63 -19.87
CA ALA A 15 12.52 -4.72 -18.79
C ALA A 15 13.05 -3.30 -19.10
N LYS A 16 14.32 -3.18 -19.50
CA LYS A 16 14.89 -1.86 -19.78
C LYS A 16 14.11 -1.20 -20.91
N THR A 17 13.77 -1.98 -21.94
CA THR A 17 13.04 -1.45 -23.12
C THR A 17 11.67 -0.91 -22.70
N VAL A 18 10.94 -1.70 -21.96
CA VAL A 18 9.55 -1.34 -21.54
C VAL A 18 9.59 -0.20 -20.52
N ASP A 19 10.60 -0.16 -19.64
CA ASP A 19 10.63 0.84 -18.55
C ASP A 19 11.13 2.18 -19.10
N SER A 20 11.76 2.21 -20.26
CA SER A 20 12.44 3.43 -20.78
C SER A 20 11.51 4.10 -21.79
N ASP A 21 10.34 3.52 -22.02
CA ASP A 21 9.48 4.08 -23.09
C ASP A 21 10.16 3.96 -24.47
N ALA A 22 11.12 3.05 -24.70
CA ALA A 22 11.59 2.65 -26.05
C ALA A 22 10.62 1.58 -26.56
N MET A 23 9.33 1.82 -26.43
CA MET A 23 8.30 0.75 -26.67
C MET A 23 8.40 0.24 -28.12
N GLU A 24 8.95 1.05 -29.03
CA GLU A 24 9.11 0.67 -30.46
C GLU A 24 9.95 -0.62 -30.52
N GLN A 25 10.85 -0.87 -29.57
CA GLN A 25 11.79 -2.01 -29.65
C GLN A 25 11.16 -3.24 -29.02
N TRP A 26 10.06 -3.11 -28.31
CA TRP A 26 9.43 -4.23 -27.58
C TRP A 26 9.07 -5.40 -28.51
N PRO A 27 8.43 -5.19 -29.69
CA PRO A 27 8.13 -6.29 -30.61
C PRO A 27 9.34 -7.08 -31.10
N THR A 28 10.53 -6.50 -31.10
CA THR A 28 11.73 -7.21 -31.63
C THR A 28 12.14 -8.32 -30.63
N PHE A 29 11.57 -8.37 -29.45
CA PHE A 29 11.92 -9.45 -28.45
C PHE A 29 11.18 -10.74 -28.82
N PHE A 30 10.32 -10.69 -29.85
CA PHE A 30 9.39 -11.81 -30.17
C PHE A 30 9.64 -12.34 -31.60
N THR A 31 9.33 -13.61 -31.83
CA THR A 31 9.28 -14.20 -33.21
C THR A 31 8.10 -13.58 -33.99
N LYS A 32 8.11 -13.70 -35.32
CA LYS A 32 7.03 -13.20 -36.21
C LYS A 32 5.68 -13.78 -35.81
N ASP A 33 5.64 -15.07 -35.55
CA ASP A 33 4.43 -15.86 -35.22
C ASP A 33 4.32 -16.08 -33.70
N CYS A 34 4.70 -15.12 -32.88
CA CYS A 34 4.70 -15.24 -31.40
C CYS A 34 3.26 -15.20 -30.85
N HIS A 35 3.11 -15.58 -29.58
CA HIS A 35 1.93 -15.29 -28.75
C HIS A 35 2.40 -14.45 -27.56
N TYR A 36 1.69 -13.38 -27.30
CA TYR A 36 1.79 -12.59 -26.05
C TYR A 36 0.37 -12.39 -25.48
N ARG A 37 0.28 -12.55 -24.16
CA ARG A 37 -0.99 -12.40 -23.43
C ARG A 37 -0.70 -11.88 -22.05
N VAL A 38 -1.55 -11.01 -21.55
CA VAL A 38 -1.57 -10.59 -20.13
C VAL A 38 -2.86 -11.16 -19.54
N THR A 39 -2.74 -12.00 -18.52
CA THR A 39 -3.89 -12.69 -17.90
C THR A 39 -3.67 -12.73 -16.38
N ASN A 40 -4.43 -13.56 -15.69
CA ASN A 40 -4.27 -13.68 -14.23
C ASN A 40 -4.35 -15.17 -13.83
N VAL A 41 -4.01 -15.45 -12.57
CA VAL A 41 -3.93 -16.84 -12.05
C VAL A 41 -5.29 -17.55 -12.19
N ASP A 42 -6.40 -16.85 -11.95
CA ASP A 42 -7.76 -17.48 -12.03
C ASP A 42 -8.03 -17.98 -13.44
N ASN A 43 -7.83 -17.11 -14.43
CA ASN A 43 -8.04 -17.47 -15.84
C ASN A 43 -7.11 -18.64 -16.15
N HIS A 44 -5.84 -18.56 -15.72
CA HIS A 44 -4.81 -19.57 -16.10
C HIS A 44 -5.19 -20.93 -15.49
N ALA A 45 -5.58 -20.97 -14.22
CA ALA A 45 -6.07 -22.17 -13.49
C ALA A 45 -7.32 -22.75 -14.17
N GLU A 46 -8.29 -21.94 -14.58
CA GLU A 46 -9.50 -22.48 -15.24
C GLU A 46 -9.25 -22.77 -16.72
N GLY A 47 -8.13 -22.40 -17.30
CA GLY A 47 -7.88 -22.60 -18.74
C GLY A 47 -8.63 -21.63 -19.59
N LEU A 48 -9.00 -20.43 -19.11
CA LEU A 48 -9.65 -19.35 -19.91
C LEU A 48 -8.59 -18.63 -20.74
N ALA A 49 -8.86 -18.43 -22.03
CA ALA A 49 -7.86 -18.04 -23.05
C ALA A 49 -7.67 -16.52 -23.16
N ALA A 50 -8.64 -15.70 -22.75
CA ALA A 50 -8.65 -14.25 -23.08
C ALA A 50 -7.55 -13.55 -22.28
N GLY A 51 -7.01 -12.47 -22.85
CA GLY A 51 -6.04 -11.59 -22.21
C GLY A 51 -6.54 -10.16 -22.29
N ILE A 52 -6.17 -9.35 -21.30
CA ILE A 52 -6.39 -7.90 -21.41
C ILE A 52 -5.53 -7.40 -22.58
N VAL A 53 -4.41 -8.04 -22.88
CA VAL A 53 -3.68 -7.92 -24.18
C VAL A 53 -3.63 -9.35 -24.74
N TRP A 54 -3.79 -9.49 -26.06
CA TRP A 54 -3.79 -10.79 -26.75
C TRP A 54 -3.22 -10.59 -28.13
N ALA A 55 -2.09 -11.20 -28.43
CA ALA A 55 -1.41 -11.03 -29.74
C ALA A 55 -0.94 -12.39 -30.23
N ASP A 56 -1.19 -12.72 -31.50
CA ASP A 56 -0.67 -13.97 -32.09
C ASP A 56 0.23 -13.61 -33.25
N SER A 57 0.73 -12.38 -33.29
CA SER A 57 1.76 -11.99 -34.29
C SER A 57 2.57 -10.80 -33.76
N GLN A 58 3.79 -10.65 -34.28
CA GLN A 58 4.65 -9.51 -33.92
C GLN A 58 4.00 -8.23 -34.40
N ASP A 59 3.34 -8.30 -35.55
CA ASP A 59 2.61 -7.13 -36.12
C ASP A 59 1.55 -6.62 -35.11
N MET A 60 0.83 -7.49 -34.42
CA MET A 60 -0.17 -7.05 -33.42
C MET A 60 0.52 -6.31 -32.28
N LEU A 61 1.75 -6.70 -31.92
CA LEU A 61 2.51 -5.98 -30.87
C LEU A 61 2.85 -4.57 -31.37
N THR A 62 3.30 -4.46 -32.61
CA THR A 62 3.66 -3.16 -33.25
C THR A 62 2.43 -2.25 -33.31
N ASP A 63 1.25 -2.78 -33.69
CA ASP A 63 -0.04 -2.03 -33.69
C ASP A 63 -0.35 -1.51 -32.28
N ARG A 64 -0.13 -2.34 -31.27
CA ARG A 64 -0.44 -1.93 -29.88
C ARG A 64 0.43 -0.73 -29.50
N ILE A 65 1.70 -0.70 -29.90
CA ILE A 65 2.60 0.44 -29.59
C ILE A 65 2.20 1.67 -30.45
N SER A 66 1.83 1.52 -31.72
CA SER A 66 1.30 2.63 -32.56
C SER A 66 0.14 3.31 -31.85
N ALA A 67 -0.83 2.50 -31.39
CA ALA A 67 -2.08 2.98 -30.75
C ALA A 67 -1.74 3.72 -29.46
N LEU A 68 -0.78 3.20 -28.70
CA LEU A 68 -0.28 3.82 -27.46
C LEU A 68 0.29 5.21 -27.72
N ARG A 69 1.03 5.39 -28.81
CA ARG A 69 1.70 6.66 -29.19
C ARG A 69 0.71 7.70 -29.74
N GLU A 70 -0.19 7.28 -30.64
CA GLU A 70 -0.87 8.20 -31.58
C GLU A 70 -2.34 8.33 -31.25
N ALA A 71 -2.91 7.42 -30.46
CA ALA A 71 -4.39 7.25 -30.37
C ALA A 71 -4.87 7.30 -28.92
N ASN A 72 -4.26 6.58 -28.02
CA ASN A 72 -4.83 6.33 -26.67
C ASN A 72 -4.54 7.55 -25.77
N ILE A 73 -5.55 7.88 -24.96
CA ILE A 73 -5.58 8.89 -23.86
C ILE A 73 -5.41 8.11 -22.54
N TYR A 74 -4.33 8.44 -21.84
CA TYR A 74 -4.03 7.92 -20.49
C TYR A 74 -3.10 8.97 -19.83
N GLU A 75 -3.20 9.05 -18.51
CA GLU A 75 -2.34 9.96 -17.72
C GLU A 75 -0.91 9.40 -17.81
N ARG A 76 0.08 10.27 -18.04
CA ARG A 76 1.52 9.91 -18.10
C ARG A 76 1.94 9.13 -16.84
N HIS A 77 2.56 7.99 -17.07
CA HIS A 77 3.13 7.15 -15.99
C HIS A 77 4.24 6.31 -16.57
N ARG A 78 4.99 5.62 -15.71
CA ARG A 78 6.13 4.79 -16.11
C ARG A 78 6.07 3.53 -15.29
N TYR A 79 6.77 2.52 -15.77
CA TYR A 79 6.91 1.21 -15.08
C TYR A 79 8.32 1.11 -14.54
N ARG A 80 8.42 0.38 -13.43
CA ARG A 80 9.69 -0.15 -12.94
C ARG A 80 9.51 -1.64 -12.72
N HIS A 81 10.09 -2.44 -13.59
CA HIS A 81 10.12 -3.92 -13.52
C HIS A 81 11.24 -4.35 -12.57
N ILE A 82 10.90 -5.15 -11.57
CA ILE A 82 11.88 -5.90 -10.75
C ILE A 82 11.61 -7.38 -10.98
N LEU A 83 12.56 -8.08 -11.55
CA LEU A 83 12.44 -9.46 -12.04
C LEU A 83 13.19 -10.42 -11.12
N GLY A 84 12.67 -11.62 -10.97
CA GLY A 84 13.40 -12.72 -10.34
C GLY A 84 14.28 -13.44 -11.34
N LEU A 85 14.90 -14.48 -10.87
CA LEU A 85 15.72 -15.39 -11.69
C LEU A 85 14.76 -16.25 -12.49
N PRO A 86 15.04 -16.45 -13.79
CA PRO A 86 14.31 -17.44 -14.58
C PRO A 86 14.65 -18.89 -14.15
N SER A 87 13.66 -19.75 -14.17
CA SER A 87 13.72 -21.18 -13.87
C SER A 87 13.23 -21.92 -15.14
N ILE A 88 14.09 -22.72 -15.78
CA ILE A 88 13.77 -23.50 -17.00
C ILE A 88 13.02 -24.76 -16.60
N GLN A 89 11.81 -24.91 -17.15
CA GLN A 89 10.84 -25.98 -16.83
C GLN A 89 11.08 -27.17 -17.75
N SER A 90 11.33 -26.90 -19.04
CA SER A 90 11.43 -27.91 -20.11
C SER A 90 12.46 -27.42 -21.12
N GLY A 91 13.14 -28.34 -21.75
CA GLY A 91 14.09 -27.99 -22.81
C GLY A 91 14.64 -29.20 -23.48
N ASP A 92 15.16 -29.01 -24.70
CA ASP A 92 15.87 -30.01 -25.51
C ASP A 92 17.12 -29.28 -25.99
N ALA A 93 17.68 -29.67 -27.11
CA ALA A 93 18.92 -29.06 -27.61
C ALA A 93 18.65 -27.62 -28.05
N THR A 94 17.41 -27.23 -28.37
CA THR A 94 17.14 -25.97 -29.14
C THR A 94 16.01 -25.15 -28.51
N GLN A 95 14.96 -25.75 -27.95
CA GLN A 95 13.82 -24.98 -27.38
C GLN A 95 13.93 -24.98 -25.84
N ALA A 96 13.31 -23.99 -25.21
CA ALA A 96 13.12 -24.01 -23.74
C ALA A 96 11.84 -23.28 -23.36
N SER A 97 11.19 -23.81 -22.33
CA SER A 97 10.15 -23.16 -21.54
C SER A 97 10.73 -22.70 -20.21
N ALA A 98 10.28 -21.55 -19.74
CA ALA A 98 10.81 -20.96 -18.49
C ALA A 98 9.70 -20.19 -17.80
N SER A 99 9.83 -20.08 -16.48
CA SER A 99 9.04 -19.14 -15.65
C SER A 99 9.99 -18.13 -15.00
N THR A 100 9.62 -16.86 -15.08
CA THR A 100 10.35 -15.73 -14.46
C THR A 100 9.38 -14.94 -13.59
N PRO A 101 9.60 -14.84 -12.28
CA PRO A 101 8.81 -13.94 -11.46
C PRO A 101 9.03 -12.47 -11.84
N PHE A 102 7.98 -11.67 -11.75
CA PHE A 102 8.09 -10.21 -11.96
C PHE A 102 7.25 -9.47 -10.90
N MET A 103 7.67 -8.25 -10.66
CA MET A 103 6.88 -7.21 -10.01
C MET A 103 7.00 -5.95 -10.90
N VAL A 104 5.90 -5.24 -11.13
CA VAL A 104 5.91 -3.94 -11.85
C VAL A 104 5.36 -2.84 -10.97
N LEU A 105 6.20 -1.86 -10.69
CA LEU A 105 5.75 -0.61 -10.05
C LEU A 105 5.20 0.30 -11.14
N ARG A 106 4.12 0.99 -10.84
CA ARG A 106 3.65 2.11 -11.65
C ARG A 106 3.98 3.40 -10.89
N ILE A 107 4.65 4.32 -11.57
CA ILE A 107 4.94 5.67 -11.06
C ILE A 107 4.20 6.68 -11.96
N MET A 108 3.17 7.31 -11.42
CA MET A 108 2.45 8.42 -12.08
C MET A 108 3.41 9.60 -12.24
N HIS A 109 3.22 10.41 -13.29
CA HIS A 109 3.95 11.69 -13.48
C HIS A 109 3.79 12.57 -12.21
N THR A 110 2.73 12.41 -11.44
CA THR A 110 2.49 13.21 -10.20
C THR A 110 3.17 12.60 -8.93
N GLY A 111 3.79 11.42 -9.02
CA GLY A 111 4.76 10.97 -8.02
C GLY A 111 4.38 9.71 -7.27
N GLU A 112 3.10 9.32 -7.27
CA GLU A 112 2.56 8.10 -6.62
C GLU A 112 3.22 6.87 -7.21
N THR A 113 3.77 6.02 -6.36
CA THR A 113 4.36 4.72 -6.69
C THR A 113 3.48 3.64 -6.09
N GLU A 114 2.95 2.73 -6.90
CA GLU A 114 2.12 1.59 -6.43
C GLU A 114 2.67 0.29 -7.03
N VAL A 115 2.55 -0.81 -6.31
CA VAL A 115 2.75 -2.16 -6.92
C VAL A 115 1.57 -2.37 -7.86
N PHE A 116 1.80 -2.34 -9.16
CA PHE A 116 0.75 -2.30 -10.21
C PHE A 116 0.41 -3.71 -10.66
N ALA A 117 1.39 -4.59 -10.72
CA ALA A 117 1.20 -6.00 -11.09
C ALA A 117 2.37 -6.81 -10.55
N SER A 118 2.13 -8.10 -10.38
CA SER A 118 3.17 -9.08 -10.02
C SER A 118 2.75 -10.42 -10.60
N GLY A 119 3.70 -11.33 -10.80
CA GLY A 119 3.34 -12.68 -11.24
C GLY A 119 4.50 -13.38 -11.87
N GLU A 120 4.24 -14.17 -12.90
CA GLU A 120 5.35 -14.81 -13.62
C GLU A 120 5.10 -14.74 -15.10
N TYR A 121 6.21 -14.61 -15.81
CA TYR A 121 6.24 -14.78 -17.25
C TYR A 121 6.33 -16.29 -17.52
N LEU A 122 5.36 -16.86 -18.22
CA LEU A 122 5.46 -18.24 -18.70
C LEU A 122 5.85 -18.17 -20.16
N ASP A 123 7.08 -18.56 -20.45
CA ASP A 123 7.75 -18.21 -21.73
C ASP A 123 8.11 -19.47 -22.52
N LYS A 124 8.13 -19.35 -23.84
CA LYS A 124 8.72 -20.34 -24.77
C LYS A 124 9.75 -19.59 -25.59
N PHE A 125 11.00 -20.02 -25.50
CA PHE A 125 12.16 -19.32 -26.06
C PHE A 125 12.68 -20.15 -27.22
N THR A 126 13.22 -19.46 -28.20
CA THR A 126 13.92 -20.07 -29.34
C THR A 126 15.11 -19.19 -29.67
N THR A 127 16.06 -19.74 -30.44
CA THR A 127 17.24 -18.99 -30.93
C THR A 127 17.21 -19.02 -32.45
N ILE A 128 17.06 -17.86 -33.10
CA ILE A 128 17.08 -17.79 -34.59
C ILE A 128 18.20 -16.84 -34.98
N ASP A 129 19.16 -17.33 -35.76
CA ASP A 129 20.21 -16.48 -36.35
C ASP A 129 20.98 -15.80 -35.23
N GLY A 130 21.18 -16.47 -34.11
CA GLY A 130 21.97 -15.95 -32.97
C GLY A 130 21.12 -15.15 -32.02
N LYS A 131 19.83 -14.92 -32.31
CA LYS A 131 19.00 -14.06 -31.44
C LYS A 131 18.04 -14.89 -30.58
N LEU A 132 18.15 -14.77 -29.27
CA LEU A 132 17.20 -15.36 -28.34
C LEU A 132 15.89 -14.57 -28.47
N ARG A 133 14.76 -15.27 -28.61
CA ARG A 133 13.48 -14.64 -28.94
C ARG A 133 12.37 -15.40 -28.24
N LEU A 134 11.37 -14.65 -27.79
CA LEU A 134 10.08 -15.23 -27.32
C LEU A 134 9.23 -15.71 -28.51
N GLN A 135 9.00 -17.00 -28.56
CA GLN A 135 7.88 -17.63 -29.32
C GLN A 135 6.61 -17.31 -28.53
N GLU A 136 6.69 -17.35 -27.21
CA GLU A 136 5.52 -17.07 -26.38
C GLU A 136 5.93 -16.40 -25.06
N ARG A 137 5.16 -15.41 -24.64
CA ARG A 137 5.21 -14.87 -23.26
C ARG A 137 3.78 -14.65 -22.78
N ILE A 138 3.39 -15.42 -21.77
CA ILE A 138 2.15 -15.21 -20.99
C ILE A 138 2.54 -14.57 -19.66
N ALA A 139 2.16 -13.30 -19.45
CA ALA A 139 2.31 -12.59 -18.16
C ALA A 139 1.12 -12.97 -17.30
N VAL A 140 1.30 -13.97 -16.47
CA VAL A 140 0.27 -14.43 -15.51
C VAL A 140 0.34 -13.54 -14.26
N CYS A 141 -0.57 -12.57 -14.14
CA CYS A 141 -0.68 -11.66 -12.98
C CYS A 141 -1.29 -12.42 -11.80
N ASP A 142 -0.68 -12.19 -10.63
CA ASP A 142 -1.15 -12.70 -9.32
C ASP A 142 -2.55 -12.15 -9.00
N SER A 143 -2.82 -10.89 -9.33
CA SER A 143 -4.10 -10.19 -9.00
C SER A 143 -5.05 -10.25 -10.22
N THR A 144 -6.34 -10.40 -9.98
CA THR A 144 -7.42 -10.18 -10.95
C THR A 144 -7.68 -8.68 -11.16
N VAL A 145 -7.03 -7.81 -10.39
CA VAL A 145 -7.33 -6.34 -10.42
C VAL A 145 -6.22 -5.59 -11.15
N THR A 146 -6.62 -4.76 -12.12
CA THR A 146 -5.79 -3.71 -12.74
C THR A 146 -6.25 -2.36 -12.21
N ASP A 147 -5.34 -1.60 -11.61
CA ASP A 147 -5.69 -0.25 -11.09
C ASP A 147 -5.82 0.71 -12.28
N THR A 148 -7.02 1.29 -12.44
CA THR A 148 -7.41 2.31 -13.45
C THR A 148 -7.47 1.74 -14.87
N LEU A 149 -6.34 1.39 -15.44
CA LEU A 149 -6.21 0.89 -16.82
C LEU A 149 -4.78 0.33 -16.96
N MET A 150 -4.51 -0.35 -18.06
CA MET A 150 -3.15 -0.84 -18.44
C MET A 150 -2.84 -0.32 -19.83
N ALA A 151 -1.91 0.65 -19.95
CA ALA A 151 -1.52 1.26 -21.25
C ALA A 151 -0.26 0.55 -21.76
N LEU A 152 0.73 0.35 -20.91
CA LEU A 152 2.02 -0.22 -21.32
C LEU A 152 1.94 -1.71 -21.11
N PRO A 153 2.44 -2.53 -22.02
CA PRO A 153 2.51 -3.96 -21.78
C PRO A 153 3.50 -4.33 -20.65
N LEU A 154 3.24 -5.48 -20.03
CA LEU A 154 4.06 -5.99 -18.93
C LEU A 154 5.24 -6.77 -19.52
N MET B 1 37.36 -7.77 -19.22
CA MET B 1 36.34 -6.73 -19.30
C MET B 1 35.53 -6.84 -18.01
N ILE B 2 35.18 -5.70 -17.42
CA ILE B 2 34.13 -5.59 -16.37
C ILE B 2 32.84 -6.18 -16.95
N ASN B 3 32.15 -7.03 -16.22
CA ASN B 3 30.92 -7.71 -16.71
C ASN B 3 29.79 -7.55 -15.70
N GLU B 4 28.59 -7.97 -16.11
CA GLU B 4 27.29 -7.87 -15.41
C GLU B 4 27.35 -8.62 -14.06
N ILE B 5 28.12 -9.70 -14.00
CA ILE B 5 28.25 -10.49 -12.74
C ILE B 5 29.06 -9.69 -11.70
N GLN B 6 30.18 -9.08 -12.09
CA GLN B 6 31.02 -8.30 -11.14
C GLN B 6 30.20 -7.10 -10.66
N ILE B 7 29.44 -6.47 -11.53
CA ILE B 7 28.68 -5.26 -11.16
C ILE B 7 27.57 -5.72 -10.22
N ALA B 8 26.89 -6.84 -10.48
CA ALA B 8 25.78 -7.33 -9.62
C ALA B 8 26.33 -7.65 -8.21
N ALA B 9 27.52 -8.25 -8.14
CA ALA B 9 28.16 -8.60 -6.85
C ALA B 9 28.45 -7.29 -6.08
N PHE B 10 29.01 -6.30 -6.77
CA PHE B 10 29.34 -4.98 -6.22
C PHE B 10 28.06 -4.34 -5.71
N ASN B 11 27.01 -4.34 -6.54
CA ASN B 11 25.73 -3.69 -6.17
C ASN B 11 25.12 -4.36 -4.93
N ALA B 12 25.23 -5.66 -4.78
CA ALA B 12 24.77 -6.38 -3.57
C ALA B 12 25.59 -5.95 -2.35
N ALA B 13 26.91 -5.79 -2.47
CA ALA B 13 27.74 -5.34 -1.32
C ALA B 13 27.35 -3.89 -0.96
N TYR B 14 27.10 -3.05 -1.95
CA TYR B 14 26.70 -1.62 -1.75
C TYR B 14 25.36 -1.59 -0.99
N ALA B 15 24.40 -2.38 -1.47
CA ALA B 15 23.05 -2.45 -0.87
C ALA B 15 23.18 -2.96 0.55
N LYS B 16 23.96 -4.00 0.79
CA LYS B 16 24.09 -4.60 2.15
C LYS B 16 24.69 -3.56 3.07
N THR B 17 25.66 -2.77 2.59
CA THR B 17 26.32 -1.75 3.41
C THR B 17 25.28 -0.69 3.82
N VAL B 18 24.52 -0.18 2.86
CA VAL B 18 23.51 0.86 3.14
C VAL B 18 22.34 0.30 3.98
N ASP B 19 21.93 -0.94 3.73
CA ASP B 19 20.73 -1.50 4.40
C ASP B 19 21.09 -1.94 5.82
N SER B 20 22.37 -2.12 6.16
CA SER B 20 22.80 -2.58 7.50
C SER B 20 23.18 -1.36 8.36
N ASP B 21 23.06 -0.16 7.80
CA ASP B 21 23.48 1.10 8.44
C ASP B 21 24.98 1.02 8.83
N ALA B 22 25.82 0.27 8.09
CA ALA B 22 27.30 0.39 8.10
C ALA B 22 27.66 1.57 7.21
N MET B 23 27.00 2.70 7.41
CA MET B 23 27.13 3.86 6.48
C MET B 23 28.57 4.37 6.41
N GLU B 24 29.40 4.09 7.43
CA GLU B 24 30.81 4.53 7.42
C GLU B 24 31.52 3.89 6.23
N GLN B 25 31.07 2.73 5.75
CA GLN B 25 31.76 1.98 4.67
C GLN B 25 31.24 2.44 3.30
N TRP B 26 30.16 3.19 3.24
CA TRP B 26 29.53 3.57 1.94
C TRP B 26 30.50 4.38 1.06
N PRO B 27 31.26 5.40 1.58
CA PRO B 27 32.20 6.15 0.76
C PRO B 27 33.30 5.29 0.13
N THR B 28 33.63 4.16 0.72
CA THR B 28 34.73 3.30 0.20
C THR B 28 34.29 2.66 -1.12
N PHE B 29 33.00 2.69 -1.48
CA PHE B 29 32.52 2.15 -2.80
C PHE B 29 32.88 3.10 -3.95
N PHE B 30 33.48 4.26 -3.66
CA PHE B 30 33.66 5.38 -4.63
C PHE B 30 35.12 5.75 -4.78
N THR B 31 35.50 6.32 -5.93
CA THR B 31 36.87 6.88 -6.13
C THR B 31 37.00 8.16 -5.33
N LYS B 32 38.24 8.61 -5.11
CA LYS B 32 38.51 9.86 -4.36
C LYS B 32 37.81 11.05 -5.02
N ASP B 33 37.83 11.13 -6.35
CA ASP B 33 37.25 12.25 -7.15
C ASP B 33 35.92 11.80 -7.77
N CYS B 34 35.08 11.08 -7.05
CA CYS B 34 33.82 10.54 -7.62
C CYS B 34 32.75 11.62 -7.81
N HIS B 35 31.66 11.31 -8.50
CA HIS B 35 30.40 12.06 -8.45
C HIS B 35 29.30 11.13 -7.96
N TYR B 36 28.54 11.59 -6.97
CA TYR B 36 27.29 10.95 -6.51
C TYR B 36 26.18 11.99 -6.46
N ARG B 37 24.99 11.62 -6.95
CA ARG B 37 23.80 12.48 -6.97
C ARG B 37 22.54 11.65 -6.83
N VAL B 38 21.55 12.15 -6.08
CA VAL B 38 20.19 11.62 -6.04
C VAL B 38 19.30 12.66 -6.74
N THR B 39 18.66 12.27 -7.85
CA THR B 39 17.84 13.15 -8.69
C THR B 39 16.62 12.38 -9.14
N ASN B 40 15.94 12.85 -10.17
CA ASN B 40 14.70 12.17 -10.63
C ASN B 40 14.63 12.27 -12.14
N VAL B 41 13.66 11.58 -12.75
CA VAL B 41 13.59 11.45 -14.23
C VAL B 41 13.37 12.83 -14.86
N ASP B 42 12.55 13.68 -14.24
CA ASP B 42 12.26 15.03 -14.83
C ASP B 42 13.55 15.84 -14.89
N ASN B 43 14.30 15.92 -13.81
CA ASN B 43 15.58 16.66 -13.80
C ASN B 43 16.52 16.06 -14.85
N HIS B 44 16.59 14.73 -14.92
CA HIS B 44 17.57 14.04 -15.79
C HIS B 44 17.18 14.30 -17.26
N ALA B 45 15.89 14.18 -17.59
CA ALA B 45 15.35 14.48 -18.94
C ALA B 45 15.59 15.94 -19.32
N GLU B 46 15.42 16.92 -18.44
CA GLU B 46 15.66 18.33 -18.78
C GLU B 46 17.15 18.71 -18.67
N GLY B 47 18.02 17.82 -18.23
CA GLY B 47 19.46 18.17 -18.01
C GLY B 47 19.70 19.07 -16.80
N LEU B 48 18.84 19.05 -15.78
CA LEU B 48 19.03 19.87 -14.53
C LEU B 48 20.02 19.13 -13.61
N ALA B 49 21.05 19.87 -13.14
CA ALA B 49 22.25 19.31 -12.48
C ALA B 49 22.04 19.07 -10.97
N ALA B 50 21.08 19.70 -10.29
CA ALA B 50 21.01 19.69 -8.81
C ALA B 50 20.62 18.31 -8.31
N GLY B 51 21.11 17.94 -7.12
CA GLY B 51 20.69 16.69 -6.46
C GLY B 51 20.20 16.99 -5.05
N ILE B 52 19.27 16.20 -4.57
CA ILE B 52 18.88 16.10 -3.14
C ILE B 52 20.17 15.84 -2.35
N VAL B 53 21.03 14.98 -2.90
CA VAL B 53 22.44 14.77 -2.48
C VAL B 53 23.26 15.04 -3.73
N TRP B 54 24.38 15.72 -3.58
CA TRP B 54 25.29 16.10 -4.68
C TRP B 54 26.70 16.09 -4.11
N ALA B 55 27.58 15.22 -4.62
CA ALA B 55 28.95 15.12 -4.09
C ALA B 55 29.91 14.98 -5.27
N ASP B 56 31.04 15.68 -5.23
CA ASP B 56 32.07 15.55 -6.30
C ASP B 56 33.37 15.10 -5.64
N SER B 57 33.32 14.48 -4.50
CA SER B 57 34.49 13.87 -3.83
C SER B 57 34.05 12.83 -2.79
N GLN B 58 34.94 11.88 -2.50
CA GLN B 58 34.69 10.84 -1.49
C GLN B 58 34.56 11.52 -0.12
N ASP B 59 35.35 12.56 0.09
CA ASP B 59 35.33 13.34 1.36
C ASP B 59 33.94 13.92 1.60
N MET B 60 33.26 14.44 0.57
CA MET B 60 31.87 14.96 0.72
C MET B 60 30.94 13.84 1.18
N LEU B 61 31.13 12.62 0.68
CA LEU B 61 30.30 11.47 1.11
C LEU B 61 30.55 11.18 2.61
N THR B 62 31.81 11.18 3.02
CA THR B 62 32.21 10.92 4.43
C THR B 62 31.57 12.00 5.35
N ASP B 63 31.63 13.27 4.97
CA ASP B 63 30.98 14.37 5.72
C ASP B 63 29.47 14.16 5.83
N ARG B 64 28.82 13.66 4.77
CA ARG B 64 27.35 13.46 4.79
C ARG B 64 27.04 12.40 5.84
N ILE B 65 27.86 11.36 5.96
CA ILE B 65 27.64 10.29 6.97
C ILE B 65 27.96 10.82 8.38
N SER B 66 29.00 11.64 8.56
CA SER B 66 29.28 12.33 9.85
C SER B 66 28.02 13.08 10.29
N ALA B 67 27.44 13.87 9.39
CA ALA B 67 26.29 14.75 9.67
C ALA B 67 25.09 13.88 10.02
N LEU B 68 24.92 12.74 9.36
CA LEU B 68 23.83 11.78 9.63
C LEU B 68 23.92 11.27 11.08
N ARG B 69 25.15 11.00 11.54
CA ARG B 69 25.43 10.43 12.89
C ARG B 69 25.30 11.49 14.00
N GLU B 70 25.84 12.69 13.78
CA GLU B 70 26.25 13.65 14.83
C GLU B 70 25.45 14.95 14.74
N ALA B 71 24.57 15.13 13.75
CA ALA B 71 23.88 16.41 13.49
C ALA B 71 22.40 16.26 13.10
N ASN B 72 22.04 15.27 12.32
CA ASN B 72 20.66 15.16 11.75
C ASN B 72 19.72 14.52 12.80
N ILE B 73 18.49 15.03 12.86
CA ILE B 73 17.28 14.50 13.57
C ILE B 73 16.36 13.88 12.50
N TYR B 74 16.01 12.61 12.69
CA TYR B 74 15.01 11.89 11.87
C TYR B 74 14.52 10.70 12.71
N GLU B 75 13.28 10.30 12.47
CA GLU B 75 12.67 9.12 13.10
C GLU B 75 13.38 7.88 12.54
N ARG B 76 13.68 6.97 13.41
CA ARG B 76 14.43 5.71 13.15
C ARG B 76 13.74 4.93 12.03
N HIS B 77 14.50 4.55 11.04
CA HIS B 77 14.00 3.72 9.92
C HIS B 77 15.20 3.01 9.29
N ARG B 78 14.91 2.04 8.43
CA ARG B 78 15.91 1.30 7.65
C ARG B 78 15.44 1.20 6.20
N TYR B 79 16.37 0.86 5.31
CA TYR B 79 16.13 0.60 3.89
C TYR B 79 16.22 -0.89 3.65
N ARG B 80 15.47 -1.34 2.64
CA ARG B 80 15.63 -2.63 1.97
C ARG B 80 15.73 -2.34 0.46
N HIS B 81 16.92 -2.45 -0.09
CA HIS B 81 17.24 -2.37 -1.53
C HIS B 81 16.92 -3.72 -2.20
N ILE B 82 16.09 -3.68 -3.24
CA ILE B 82 15.91 -4.77 -4.21
C ILE B 82 16.39 -4.27 -5.57
N LEU B 83 17.38 -4.92 -6.13
CA LEU B 83 18.10 -4.50 -7.35
C LEU B 83 17.77 -5.42 -8.52
N GLY B 84 17.74 -4.88 -9.72
CA GLY B 84 17.67 -5.73 -10.92
C GLY B 84 19.07 -6.08 -11.42
N LEU B 85 19.14 -6.80 -12.52
CA LEU B 85 20.40 -7.11 -13.22
C LEU B 85 20.83 -5.87 -13.96
N PRO B 86 22.13 -5.53 -13.88
CA PRO B 86 22.69 -4.42 -14.61
C PRO B 86 22.83 -4.70 -16.11
N SER B 87 22.79 -3.61 -16.89
CA SER B 87 23.10 -3.55 -18.34
C SER B 87 24.34 -2.65 -18.52
N ILE B 88 25.32 -3.11 -19.26
CA ILE B 88 26.54 -2.33 -19.60
C ILE B 88 26.28 -1.72 -20.97
N GLN B 89 26.45 -0.40 -21.07
CA GLN B 89 26.24 0.36 -22.33
C GLN B 89 27.54 0.42 -23.12
N SER B 90 28.68 0.59 -22.45
CA SER B 90 30.03 0.68 -23.06
C SER B 90 31.08 0.36 -21.99
N GLY B 91 32.29 -0.01 -22.40
CA GLY B 91 33.45 -0.12 -21.50
C GLY B 91 34.51 -1.07 -22.02
N ASP B 92 35.63 -1.18 -21.29
CA ASP B 92 36.78 -2.05 -21.62
C ASP B 92 37.17 -2.93 -20.41
N ALA B 93 38.46 -3.21 -20.25
CA ALA B 93 38.98 -4.12 -19.21
C ALA B 93 38.90 -3.39 -17.86
N THR B 94 38.92 -2.05 -17.88
CA THR B 94 39.05 -1.23 -16.64
C THR B 94 37.87 -0.27 -16.42
N GLN B 95 37.29 0.37 -17.45
CA GLN B 95 36.10 1.26 -17.30
C GLN B 95 34.82 0.59 -17.82
N ALA B 96 33.65 0.99 -17.32
CA ALA B 96 32.34 0.66 -17.91
C ALA B 96 31.30 1.68 -17.45
N SER B 97 30.37 1.97 -18.33
CA SER B 97 29.11 2.70 -18.11
C SER B 97 27.96 1.69 -18.08
N ALA B 98 27.13 1.77 -17.06
CA ALA B 98 26.18 0.72 -16.70
C ALA B 98 24.99 1.36 -16.02
N SER B 99 23.85 0.71 -16.17
CA SER B 99 22.55 1.06 -15.57
C SER B 99 22.06 -0.16 -14.78
N THR B 100 21.64 0.07 -13.55
CA THR B 100 21.07 -0.96 -12.65
C THR B 100 19.72 -0.48 -12.12
N PRO B 101 18.63 -1.20 -12.38
CA PRO B 101 17.35 -0.85 -11.77
C PRO B 101 17.37 -1.07 -10.26
N PHE B 102 16.64 -0.25 -9.53
CA PHE B 102 16.52 -0.39 -8.06
C PHE B 102 15.12 -0.07 -7.60
N MET B 103 14.80 -0.66 -6.46
CA MET B 103 13.69 -0.28 -5.60
C MET B 103 14.24 -0.22 -4.16
N VAL B 104 13.85 0.80 -3.40
CA VAL B 104 14.18 0.92 -1.95
C VAL B 104 12.88 0.95 -1.14
N LEU B 105 12.68 -0.04 -0.31
CA LEU B 105 11.63 -0.01 0.73
C LEU B 105 12.17 0.81 1.90
N ARG B 106 11.33 1.64 2.50
CA ARG B 106 11.58 2.21 3.83
C ARG B 106 10.71 1.46 4.85
N ILE B 107 11.34 0.95 5.90
CA ILE B 107 10.67 0.39 7.10
C ILE B 107 10.93 1.30 8.32
N MET B 108 9.90 1.94 8.80
CA MET B 108 9.93 2.75 10.06
C MET B 108 10.13 1.79 11.21
N HIS B 109 10.82 2.22 12.29
CA HIS B 109 10.91 1.50 13.58
C HIS B 109 9.49 1.11 14.05
N THR B 110 8.45 1.85 13.69
CA THR B 110 7.06 1.55 14.13
C THR B 110 6.34 0.51 13.23
N GLY B 111 6.98 0.06 12.13
CA GLY B 111 6.56 -1.15 11.41
C GLY B 111 6.08 -0.91 9.99
N GLU B 112 5.77 0.32 9.62
CA GLU B 112 5.23 0.68 8.28
C GLU B 112 6.32 0.42 7.23
N THR B 113 5.96 -0.30 6.17
CA THR B 113 6.82 -0.58 5.01
C THR B 113 6.21 0.15 3.81
N GLU B 114 6.97 0.96 3.10
CA GLU B 114 6.51 1.74 1.93
C GLU B 114 7.55 1.61 0.84
N VAL B 115 7.11 1.69 -0.41
CA VAL B 115 8.08 1.86 -1.52
C VAL B 115 8.55 3.30 -1.42
N PHE B 116 9.80 3.51 -1.09
CA PHE B 116 10.32 4.86 -0.79
C PHE B 116 10.93 5.50 -2.03
N ALA B 117 11.60 4.72 -2.83
CA ALA B 117 12.17 5.17 -4.12
C ALA B 117 12.32 3.97 -5.06
N SER B 118 12.39 4.28 -6.33
CA SER B 118 12.67 3.30 -7.41
C SER B 118 13.37 4.07 -8.53
N GLY B 119 14.13 3.38 -9.37
CA GLY B 119 14.69 4.01 -10.56
C GLY B 119 15.86 3.24 -11.06
N GLU B 120 16.89 3.96 -11.49
CA GLU B 120 18.10 3.26 -11.93
C GLU B 120 19.31 4.06 -11.51
N TYR B 121 20.34 3.29 -11.22
CA TYR B 121 21.68 3.83 -11.01
C TYR B 121 22.29 4.00 -12.39
N LEU B 122 22.71 5.21 -12.73
CA LEU B 122 23.52 5.45 -13.93
C LEU B 122 24.96 5.59 -13.44
N ASP B 123 25.77 4.58 -13.73
CA ASP B 123 27.07 4.36 -13.08
C ASP B 123 28.20 4.48 -14.10
N LYS B 124 29.35 4.96 -13.64
CA LYS B 124 30.65 4.82 -14.33
C LYS B 124 31.55 4.11 -13.35
N PHE B 125 32.03 2.94 -13.77
CA PHE B 125 32.88 2.04 -12.95
C PHE B 125 34.28 2.15 -13.48
N THR B 126 35.23 2.13 -12.55
CA THR B 126 36.66 1.99 -12.83
C THR B 126 37.17 0.81 -11.99
N THR B 127 38.41 0.42 -12.22
CA THR B 127 39.11 -0.68 -11.53
C THR B 127 40.34 -0.07 -10.84
N ILE B 128 40.41 -0.15 -9.53
CA ILE B 128 41.58 0.30 -8.72
C ILE B 128 42.13 -0.93 -7.99
N ASP B 129 43.39 -1.29 -8.28
CA ASP B 129 44.04 -2.43 -7.59
C ASP B 129 43.21 -3.69 -7.85
N GLY B 130 42.64 -3.82 -9.05
CA GLY B 130 41.90 -5.03 -9.45
C GLY B 130 40.47 -5.04 -8.95
N LYS B 131 40.01 -4.00 -8.25
CA LYS B 131 38.67 -4.04 -7.63
C LYS B 131 37.79 -2.93 -8.20
N LEU B 132 36.55 -3.27 -8.49
CA LEU B 132 35.53 -2.35 -9.02
C LEU B 132 35.37 -1.18 -8.04
N ARG B 133 35.22 0.01 -8.57
CA ARG B 133 34.92 1.23 -7.80
C ARG B 133 34.03 2.14 -8.62
N LEU B 134 33.08 2.83 -8.00
CA LEU B 134 32.27 3.88 -8.66
C LEU B 134 33.06 5.17 -8.83
N GLN B 135 33.32 5.53 -10.08
CA GLN B 135 33.72 6.91 -10.47
C GLN B 135 32.48 7.79 -10.34
N GLU B 136 31.32 7.23 -10.70
CA GLU B 136 30.09 8.03 -10.75
C GLU B 136 28.90 7.12 -10.49
N ARG B 137 27.98 7.58 -9.63
CA ARG B 137 26.66 6.94 -9.44
C ARG B 137 25.61 8.03 -9.33
N ILE B 138 24.68 8.04 -10.28
CA ILE B 138 23.50 8.94 -10.28
C ILE B 138 22.31 8.05 -10.02
N ALA B 139 21.68 8.24 -8.86
CA ALA B 139 20.42 7.53 -8.53
C ALA B 139 19.26 8.33 -9.14
N VAL B 140 18.82 7.94 -10.32
CA VAL B 140 17.72 8.61 -11.05
C VAL B 140 16.41 8.01 -10.57
N CYS B 141 15.70 8.71 -9.69
CA CYS B 141 14.44 8.23 -9.09
C CYS B 141 13.32 8.39 -10.12
N ASP B 142 12.46 7.39 -10.18
CA ASP B 142 11.25 7.38 -11.03
C ASP B 142 10.30 8.49 -10.57
N SER B 143 10.18 8.73 -9.27
CA SER B 143 9.24 9.76 -8.71
C SER B 143 9.97 11.07 -8.41
N THR B 144 9.30 12.21 -8.59
CA THR B 144 9.73 13.52 -8.08
C THR B 144 9.43 13.65 -6.56
N VAL B 145 8.77 12.67 -5.95
CA VAL B 145 8.31 12.77 -4.53
C VAL B 145 9.15 11.88 -3.63
N THR B 146 9.63 12.48 -2.54
CA THR B 146 10.27 11.83 -1.37
C THR B 146 9.27 11.94 -0.22
N ASP B 147 8.88 10.83 0.35
CA ASP B 147 7.99 10.84 1.53
C ASP B 147 8.79 11.33 2.76
N THR B 148 8.33 12.42 3.36
CA THR B 148 8.81 13.06 4.62
C THR B 148 10.18 13.69 4.44
N LEU B 149 11.23 12.88 4.33
CA LEU B 149 12.62 13.36 4.17
C LEU B 149 13.44 12.17 3.64
N MET B 150 14.68 12.43 3.29
CA MET B 150 15.67 11.40 2.91
C MET B 150 16.90 11.59 3.81
N ALA B 151 17.16 10.65 4.71
CA ALA B 151 18.32 10.66 5.61
C ALA B 151 19.44 9.79 5.02
N LEU B 152 19.16 8.55 4.70
CA LEU B 152 20.18 7.60 4.17
C LEU B 152 20.27 7.75 2.65
N PRO B 153 21.47 7.71 2.09
CA PRO B 153 21.61 7.77 0.64
C PRO B 153 21.09 6.48 -0.03
N LEU B 154 20.82 6.60 -1.31
CA LEU B 154 20.25 5.49 -2.11
C LEU B 154 21.39 4.69 -2.71
N MET C 1 33.65 -24.84 -4.82
CA MET C 1 33.15 -24.04 -3.70
C MET C 1 31.68 -23.78 -4.02
N ILE C 2 30.80 -23.89 -3.01
CA ILE C 2 29.41 -23.31 -3.10
C ILE C 2 29.57 -21.82 -3.39
N ASN C 3 28.86 -21.32 -4.41
CA ASN C 3 28.94 -19.91 -4.84
C ASN C 3 27.53 -19.29 -4.86
N GLU C 4 27.47 -18.00 -5.15
CA GLU C 4 26.28 -17.11 -5.06
C GLU C 4 25.23 -17.54 -6.11
N ILE C 5 25.66 -18.08 -7.23
CA ILE C 5 24.76 -18.56 -8.32
C ILE C 5 24.02 -19.81 -7.80
N GLN C 6 24.71 -20.76 -7.16
CA GLN C 6 24.06 -22.01 -6.68
C GLN C 6 23.08 -21.63 -5.57
N ILE C 7 23.46 -20.69 -4.71
CA ILE C 7 22.56 -20.32 -3.60
C ILE C 7 21.33 -19.59 -4.19
N ALA C 8 21.53 -18.73 -5.20
CA ALA C 8 20.41 -17.98 -5.82
C ALA C 8 19.45 -18.99 -6.49
N ALA C 9 19.97 -20.03 -7.13
CA ALA C 9 19.17 -21.05 -7.83
C ALA C 9 18.34 -21.78 -6.78
N PHE C 10 18.97 -22.14 -5.67
CA PHE C 10 18.30 -22.79 -4.53
C PHE C 10 17.16 -21.89 -4.03
N ASN C 11 17.48 -20.64 -3.78
CA ASN C 11 16.53 -19.65 -3.22
C ASN C 11 15.33 -19.50 -4.16
N ALA C 12 15.55 -19.50 -5.48
CA ALA C 12 14.48 -19.37 -6.48
C ALA C 12 13.61 -20.62 -6.43
N ALA C 13 14.16 -21.83 -6.32
CA ALA C 13 13.33 -23.05 -6.22
C ALA C 13 12.51 -23.03 -4.92
N TYR C 14 13.09 -22.58 -3.82
CA TYR C 14 12.38 -22.45 -2.51
C TYR C 14 11.19 -21.48 -2.66
N ALA C 15 11.45 -20.32 -3.28
CA ALA C 15 10.44 -19.28 -3.48
C ALA C 15 9.34 -19.86 -4.38
N LYS C 16 9.69 -20.51 -5.47
CA LYS C 16 8.71 -21.06 -6.42
C LYS C 16 7.82 -22.05 -5.67
N THR C 17 8.41 -22.89 -4.81
CA THR C 17 7.62 -23.89 -4.03
C THR C 17 6.60 -23.17 -3.12
N VAL C 18 7.05 -22.19 -2.35
CA VAL C 18 6.19 -21.46 -1.39
C VAL C 18 5.17 -20.57 -2.13
N ASP C 19 5.53 -19.98 -3.25
CA ASP C 19 4.64 -19.05 -3.98
C ASP C 19 3.62 -19.84 -4.81
N SER C 20 3.82 -21.13 -5.06
CA SER C 20 2.90 -21.95 -5.89
C SER C 20 1.96 -22.72 -4.96
N ASP C 21 2.09 -22.52 -3.67
CA ASP C 21 1.31 -23.31 -2.68
C ASP C 21 1.56 -24.83 -2.83
N ALA C 22 2.73 -25.26 -3.37
CA ALA C 22 3.22 -26.66 -3.28
C ALA C 22 3.85 -26.83 -1.88
N MET C 23 3.10 -26.47 -0.85
CA MET C 23 3.66 -26.33 0.52
C MET C 23 4.19 -27.66 1.02
N GLU C 24 3.67 -28.78 0.50
CA GLU C 24 4.13 -30.13 0.93
C GLU C 24 5.61 -30.26 0.61
N GLN C 25 6.16 -29.53 -0.37
CA GLN C 25 7.56 -29.71 -0.82
C GLN C 25 8.46 -28.80 0.02
N TRP C 26 7.91 -27.86 0.77
CA TRP C 26 8.75 -26.85 1.48
C TRP C 26 9.72 -27.53 2.46
N PRO C 27 9.29 -28.51 3.31
CA PRO C 27 10.19 -29.16 4.25
C PRO C 27 11.38 -29.89 3.59
N THR C 28 11.25 -30.29 2.32
CA THR C 28 12.35 -31.04 1.65
C THR C 28 13.52 -30.09 1.36
N PHE C 29 13.37 -28.78 1.49
CA PHE C 29 14.50 -27.82 1.33
C PHE C 29 15.41 -27.80 2.58
N PHE C 30 15.10 -28.58 3.62
CA PHE C 30 15.79 -28.52 4.94
C PHE C 30 16.33 -29.90 5.33
N THR C 31 17.39 -29.92 6.14
CA THR C 31 17.92 -31.15 6.76
C THR C 31 16.93 -31.65 7.84
N LYS C 32 17.08 -32.92 8.23
CA LYS C 32 16.27 -33.58 9.27
C LYS C 32 16.33 -32.78 10.57
N ASP C 33 17.52 -32.35 10.97
CA ASP C 33 17.80 -31.64 12.25
C ASP C 33 17.93 -30.13 11.97
N CYS C 34 17.14 -29.55 11.10
CA CYS C 34 17.29 -28.12 10.70
C CYS C 34 16.77 -27.18 11.79
N HIS C 35 17.12 -25.91 11.71
CA HIS C 35 16.44 -24.81 12.42
C HIS C 35 15.80 -23.88 11.39
N TYR C 36 14.54 -23.59 11.58
CA TYR C 36 13.81 -22.54 10.83
C TYR C 36 13.09 -21.63 11.84
N ARG C 37 13.18 -20.33 11.62
CA ARG C 37 12.57 -19.31 12.51
C ARG C 37 12.19 -18.11 11.67
N VAL C 38 11.03 -17.53 11.98
CA VAL C 38 10.61 -16.21 11.45
C VAL C 38 10.67 -15.26 12.64
N THR C 39 11.48 -14.21 12.52
CA THR C 39 11.69 -13.23 13.60
C THR C 39 11.78 -11.86 12.97
N ASN C 40 12.25 -10.88 13.74
CA ASN C 40 12.37 -9.49 13.23
C ASN C 40 13.68 -8.90 13.71
N VAL C 41 14.07 -7.76 13.17
CA VAL C 41 15.38 -7.09 13.49
C VAL C 41 15.45 -6.78 14.98
N ASP C 42 14.35 -6.36 15.63
CA ASP C 42 14.39 -6.00 17.09
C ASP C 42 14.79 -7.22 17.90
N ASN C 43 14.09 -8.34 17.69
CA ASN C 43 14.38 -9.58 18.41
C ASN C 43 15.82 -9.98 18.10
N HIS C 44 16.24 -9.89 16.85
CA HIS C 44 17.55 -10.40 16.41
C HIS C 44 18.64 -9.53 17.07
N ALA C 45 18.48 -8.21 17.04
CA ALA C 45 19.45 -7.26 17.68
C ALA C 45 19.50 -7.52 19.21
N GLU C 46 18.39 -7.77 19.90
CA GLU C 46 18.42 -7.99 21.37
C GLU C 46 18.81 -9.42 21.70
N GLY C 47 18.97 -10.32 20.73
CA GLY C 47 19.26 -11.74 20.99
C GLY C 47 18.05 -12.50 21.52
N LEU C 48 16.81 -12.10 21.26
CA LEU C 48 15.56 -12.82 21.70
C LEU C 48 15.29 -13.98 20.74
N ALA C 49 15.05 -15.17 21.28
CA ALA C 49 15.11 -16.47 20.57
C ALA C 49 13.74 -16.83 19.90
N ALA C 50 12.61 -16.25 20.29
CA ALA C 50 11.28 -16.71 19.84
C ALA C 50 11.06 -16.39 18.36
N GLY C 51 10.28 -17.22 17.69
CA GLY C 51 9.84 -16.98 16.31
C GLY C 51 8.33 -17.11 16.24
N ILE C 52 7.74 -16.37 15.33
CA ILE C 52 6.32 -16.55 14.87
C ILE C 52 6.19 -18.03 14.41
N VAL C 53 7.24 -18.52 13.77
CA VAL C 53 7.46 -19.96 13.47
C VAL C 53 8.81 -20.29 14.08
N TRP C 54 8.90 -21.45 14.72
CA TRP C 54 10.14 -21.91 15.38
C TRP C 54 10.20 -23.42 15.22
N ALA C 55 11.18 -23.92 14.50
CA ALA C 55 11.26 -25.38 14.23
C ALA C 55 12.71 -25.82 14.41
N ASP C 56 12.90 -26.96 15.08
CA ASP C 56 14.25 -27.51 15.24
C ASP C 56 14.26 -28.91 14.64
N SER C 57 13.32 -29.21 13.74
CA SER C 57 13.35 -30.47 12.96
C SER C 57 12.54 -30.30 11.67
N GLN C 58 12.85 -31.12 10.66
CA GLN C 58 12.09 -31.14 9.39
C GLN C 58 10.68 -31.62 9.68
N ASP C 59 10.54 -32.55 10.60
CA ASP C 59 9.23 -33.08 11.03
C ASP C 59 8.33 -31.93 11.54
N MET C 60 8.86 -30.96 12.30
CA MET C 60 8.07 -29.80 12.77
C MET C 60 7.56 -29.00 11.57
N LEU C 61 8.37 -28.86 10.54
CA LEU C 61 7.98 -28.14 9.30
C LEU C 61 6.83 -28.89 8.62
N THR C 62 6.95 -30.21 8.51
CA THR C 62 5.93 -31.09 7.87
C THR C 62 4.60 -30.94 8.63
N ASP C 63 4.63 -31.00 9.97
CA ASP C 63 3.42 -30.84 10.82
C ASP C 63 2.80 -29.46 10.58
N ARG C 64 3.60 -28.42 10.44
CA ARG C 64 3.05 -27.05 10.23
C ARG C 64 2.28 -27.03 8.91
N ILE C 65 2.76 -27.74 7.86
CA ILE C 65 2.00 -27.76 6.57
C ILE C 65 0.76 -28.64 6.71
N SER C 66 0.81 -29.77 7.42
CA SER C 66 -0.39 -30.59 7.74
C SER C 66 -1.47 -29.71 8.38
N ALA C 67 -1.08 -28.94 9.39
CA ALA C 67 -1.98 -28.07 10.18
C ALA C 67 -2.58 -26.98 9.27
N LEU C 68 -1.79 -26.46 8.36
CA LEU C 68 -2.23 -25.43 7.39
C LEU C 68 -3.31 -26.00 6.46
N ARG C 69 -3.19 -27.27 6.08
CA ARG C 69 -4.15 -27.96 5.16
C ARG C 69 -5.44 -28.39 5.86
N GLU C 70 -5.33 -28.95 7.06
CA GLU C 70 -6.41 -29.72 7.71
C GLU C 70 -7.12 -28.90 8.78
N ALA C 71 -6.49 -27.86 9.34
CA ALA C 71 -6.87 -27.28 10.65
C ALA C 71 -7.03 -25.76 10.55
N ASN C 72 -6.10 -25.04 9.93
CA ASN C 72 -6.05 -23.56 10.02
C ASN C 72 -7.08 -22.94 9.05
N ILE C 73 -7.77 -21.89 9.54
CA ILE C 73 -8.76 -21.05 8.80
C ILE C 73 -8.07 -19.72 8.50
N TYR C 74 -7.99 -19.39 7.21
CA TYR C 74 -7.47 -18.09 6.74
C TYR C 74 -8.10 -17.84 5.37
N GLU C 75 -8.26 -16.56 5.05
CA GLU C 75 -8.71 -16.11 3.71
C GLU C 75 -7.61 -16.49 2.69
N ARG C 76 -8.03 -17.07 1.57
CA ARG C 76 -7.16 -17.40 0.42
C ARG C 76 -6.26 -16.22 0.02
N HIS C 77 -4.98 -16.49 -0.10
CA HIS C 77 -3.99 -15.52 -0.58
C HIS C 77 -2.78 -16.27 -1.10
N ARG C 78 -1.87 -15.54 -1.76
CA ARG C 78 -0.61 -16.12 -2.27
C ARG C 78 0.50 -15.15 -1.95
N TYR C 79 1.71 -15.66 -2.00
CA TYR C 79 2.97 -14.90 -1.86
C TYR C 79 3.62 -14.76 -3.24
N ARG C 80 4.37 -13.67 -3.38
CA ARG C 80 5.31 -13.44 -4.50
C ARG C 80 6.62 -12.98 -3.83
N HIS C 81 7.61 -13.86 -3.80
CA HIS C 81 8.98 -13.61 -3.32
C HIS C 81 9.77 -12.91 -4.43
N ILE C 82 10.43 -11.82 -4.08
CA ILE C 82 11.50 -11.16 -4.87
C ILE C 82 12.77 -11.20 -4.02
N LEU C 83 13.80 -11.91 -4.49
CA LEU C 83 15.03 -12.19 -3.72
C LEU C 83 16.22 -11.39 -4.26
N GLY C 84 17.11 -10.99 -3.38
CA GLY C 84 18.38 -10.39 -3.80
C GLY C 84 19.42 -11.47 -4.04
N LEU C 85 20.57 -11.05 -4.50
CA LEU C 85 21.78 -11.88 -4.60
C LEU C 85 22.28 -12.14 -3.19
N PRO C 86 22.63 -13.40 -2.89
CA PRO C 86 23.23 -13.76 -1.62
C PRO C 86 24.64 -13.19 -1.47
N SER C 87 25.02 -12.99 -0.21
CA SER C 87 26.41 -12.72 0.27
C SER C 87 26.83 -13.93 1.09
N ILE C 88 27.93 -14.54 0.72
CA ILE C 88 28.50 -15.71 1.44
C ILE C 88 29.50 -15.14 2.44
N GLN C 89 29.37 -15.50 3.71
CA GLN C 89 30.25 -15.07 4.81
C GLN C 89 31.38 -16.11 4.97
N SER C 90 31.07 -17.40 4.85
CA SER C 90 32.05 -18.51 4.94
C SER C 90 31.53 -19.72 4.17
N GLY C 91 32.40 -20.70 3.91
CA GLY C 91 31.97 -22.03 3.46
C GLY C 91 32.99 -22.66 2.54
N ASP C 92 32.62 -23.77 1.92
CA ASP C 92 33.59 -24.69 1.27
C ASP C 92 32.79 -25.42 0.18
N ALA C 93 33.18 -26.63 -0.16
CA ALA C 93 32.55 -27.36 -1.28
C ALA C 93 31.23 -27.93 -0.79
N THR C 94 31.02 -28.02 0.51
CA THR C 94 29.87 -28.71 1.16
C THR C 94 28.99 -27.76 1.98
N GLN C 95 29.59 -26.90 2.81
CA GLN C 95 28.85 -25.99 3.74
C GLN C 95 28.97 -24.56 3.27
N ALA C 96 28.02 -23.69 3.59
CA ALA C 96 28.14 -22.23 3.41
C ALA C 96 27.24 -21.54 4.42
N SER C 97 27.70 -20.39 4.90
CA SER C 97 26.92 -19.40 5.67
C SER C 97 26.65 -18.20 4.77
N ALA C 98 25.39 -17.82 4.58
CA ALA C 98 25.04 -16.78 3.62
C ALA C 98 23.83 -16.01 4.10
N SER C 99 23.73 -14.79 3.64
CA SER C 99 22.59 -13.88 3.87
C SER C 99 22.02 -13.46 2.50
N THR C 100 20.71 -13.56 2.37
CA THR C 100 19.92 -13.29 1.15
C THR C 100 18.82 -12.29 1.48
N PRO C 101 18.82 -11.10 0.85
CA PRO C 101 17.70 -10.20 1.01
C PRO C 101 16.42 -10.76 0.37
N PHE C 102 15.28 -10.45 0.96
CA PHE C 102 13.97 -10.84 0.40
C PHE C 102 12.95 -9.71 0.58
N MET C 103 11.98 -9.77 -0.31
CA MET C 103 10.69 -9.10 -0.18
C MET C 103 9.61 -10.13 -0.52
N VAL C 104 8.51 -10.10 0.22
CA VAL C 104 7.31 -10.95 -0.02
C VAL C 104 6.11 -10.03 -0.22
N LEU C 105 5.53 -10.08 -1.42
CA LEU C 105 4.19 -9.52 -1.66
C LEU C 105 3.17 -10.55 -1.19
N ARG C 106 2.10 -10.08 -0.55
CA ARG C 106 0.87 -10.88 -0.40
C ARG C 106 -0.18 -10.35 -1.35
N ILE C 107 -0.80 -11.24 -2.11
CA ILE C 107 -1.96 -10.97 -2.97
C ILE C 107 -3.14 -11.77 -2.43
N MET C 108 -4.15 -11.08 -1.91
CA MET C 108 -5.43 -11.70 -1.50
C MET C 108 -6.14 -12.21 -2.75
N HIS C 109 -6.94 -13.27 -2.60
CA HIS C 109 -7.85 -13.79 -3.66
C HIS C 109 -8.73 -12.64 -4.18
N THR C 110 -8.99 -11.61 -3.39
CA THR C 110 -9.84 -10.46 -3.78
C THR C 110 -9.05 -9.36 -4.54
N GLY C 111 -7.73 -9.47 -4.68
CA GLY C 111 -6.98 -8.65 -5.66
C GLY C 111 -5.96 -7.69 -5.05
N GLU C 112 -6.08 -7.37 -3.76
CA GLU C 112 -5.21 -6.41 -3.03
C GLU C 112 -3.79 -6.99 -2.98
N THR C 113 -2.81 -6.20 -3.41
CA THR C 113 -1.36 -6.55 -3.32
C THR C 113 -0.69 -5.65 -2.30
N GLU C 114 -0.01 -6.18 -1.31
CA GLU C 114 0.77 -5.39 -0.33
C GLU C 114 2.17 -5.96 -0.20
N VAL C 115 3.12 -5.11 0.20
CA VAL C 115 4.40 -5.61 0.73
C VAL C 115 4.10 -6.18 2.10
N PHE C 116 4.17 -7.49 2.27
CA PHE C 116 3.76 -8.21 3.48
C PHE C 116 4.97 -8.43 4.40
N ALA C 117 6.15 -8.67 3.82
CA ALA C 117 7.37 -8.79 4.63
C ALA C 117 8.57 -8.47 3.77
N SER C 118 9.67 -8.11 4.42
CA SER C 118 10.97 -7.87 3.76
C SER C 118 12.04 -8.17 4.81
N GLY C 119 13.26 -8.47 4.37
CA GLY C 119 14.36 -8.66 5.33
C GLY C 119 15.47 -9.47 4.73
N GLU C 120 16.05 -10.34 5.53
CA GLU C 120 17.09 -11.24 4.98
C GLU C 120 16.97 -12.59 5.63
N TYR C 121 17.26 -13.58 4.83
CA TYR C 121 17.45 -14.96 5.28
C TYR C 121 18.88 -15.07 5.78
N LEU C 122 19.07 -15.49 7.02
CA LEU C 122 20.41 -15.85 7.54
C LEU C 122 20.48 -17.37 7.51
N ASP C 123 21.30 -17.91 6.61
CA ASP C 123 21.24 -19.34 6.23
C ASP C 123 22.56 -20.04 6.58
N LYS C 124 22.44 -21.32 6.89
CA LYS C 124 23.53 -22.31 6.90
C LYS C 124 23.11 -23.40 5.97
N PHE C 125 23.94 -23.63 4.98
CA PHE C 125 23.73 -24.63 3.90
C PHE C 125 24.66 -25.78 4.16
N THR C 126 24.18 -26.98 3.90
CA THR C 126 25.01 -28.20 3.74
C THR C 126 24.64 -28.84 2.41
N THR C 127 25.33 -29.91 2.05
CA THR C 127 25.15 -30.66 0.80
C THR C 127 24.75 -32.09 1.19
N ILE C 128 23.59 -32.54 0.75
CA ILE C 128 23.14 -33.96 0.92
C ILE C 128 22.90 -34.56 -0.46
N ASP C 129 23.56 -35.67 -0.77
CA ASP C 129 23.40 -36.34 -2.09
C ASP C 129 23.66 -35.33 -3.22
N GLY C 130 24.66 -34.46 -3.06
CA GLY C 130 25.06 -33.46 -4.08
C GLY C 130 24.08 -32.32 -4.25
N LYS C 131 23.14 -32.14 -3.32
CA LYS C 131 22.17 -31.03 -3.45
C LYS C 131 22.30 -30.11 -2.23
N LEU C 132 22.22 -28.80 -2.44
CA LEU C 132 22.14 -27.81 -1.34
C LEU C 132 20.93 -28.12 -0.48
N ARG C 133 21.10 -27.96 0.82
CA ARG C 133 20.01 -28.15 1.80
C ARG C 133 20.22 -27.13 2.91
N LEU C 134 19.13 -26.53 3.40
CA LEU C 134 19.22 -25.65 4.60
C LEU C 134 19.35 -26.47 5.90
N GLN C 135 20.47 -26.30 6.56
CA GLN C 135 20.65 -26.69 7.98
C GLN C 135 19.90 -25.68 8.81
N GLU C 136 19.89 -24.43 8.37
CA GLU C 136 19.33 -23.33 9.17
C GLU C 136 18.88 -22.23 8.21
N ARG C 137 17.67 -21.72 8.46
CA ARG C 137 17.16 -20.49 7.81
C ARG C 137 16.44 -19.67 8.88
N ILE C 138 16.99 -18.49 9.17
CA ILE C 138 16.34 -17.47 10.03
C ILE C 138 15.89 -16.34 9.12
N ALA C 139 14.60 -16.19 8.97
CA ALA C 139 13.97 -15.10 8.18
C ALA C 139 13.85 -13.92 9.11
N VAL C 140 14.84 -13.02 9.07
CA VAL C 140 14.84 -11.79 9.90
C VAL C 140 14.02 -10.72 9.16
N CYS C 141 12.81 -10.47 9.61
CA CYS C 141 11.91 -9.44 9.01
C CYS C 141 12.35 -8.03 9.44
N ASP C 142 12.34 -7.11 8.51
CA ASP C 142 12.62 -5.68 8.74
C ASP C 142 11.56 -5.08 9.67
N SER C 143 10.29 -5.49 9.55
CA SER C 143 9.15 -4.94 10.34
C SER C 143 8.83 -5.87 11.51
N THR C 144 8.45 -5.30 12.64
CA THR C 144 7.83 -6.01 13.79
C THR C 144 6.33 -6.30 13.51
N VAL C 145 5.79 -5.81 12.39
CA VAL C 145 4.35 -5.90 12.08
C VAL C 145 4.11 -6.97 11.01
N THR C 146 3.18 -7.89 11.31
CA THR C 146 2.53 -8.83 10.38
C THR C 146 1.10 -8.34 10.17
N ASP C 147 0.73 -8.09 8.94
CA ASP C 147 -0.66 -7.68 8.62
C ASP C 147 -1.58 -8.90 8.76
N THR C 148 -2.60 -8.78 9.63
CA THR C 148 -3.66 -9.77 9.90
C THR C 148 -3.13 -11.08 10.56
N LEU C 149 -2.40 -11.91 9.85
CA LEU C 149 -1.88 -13.23 10.31
C LEU C 149 -0.78 -13.65 9.34
N MET C 150 -0.06 -14.73 9.66
CA MET C 150 0.95 -15.37 8.79
C MET C 150 0.62 -16.85 8.68
N ALA C 151 0.14 -17.28 7.53
CA ALA C 151 -0.30 -18.69 7.30
C ALA C 151 0.84 -19.44 6.61
N LEU C 152 1.40 -18.84 5.57
CA LEU C 152 2.46 -19.46 4.76
C LEU C 152 3.78 -19.03 5.38
N PRO C 153 4.74 -19.95 5.50
CA PRO C 153 6.08 -19.55 5.90
C PRO C 153 6.79 -18.69 4.84
N LEU C 154 7.79 -17.94 5.28
CA LEU C 154 8.54 -17.03 4.45
C LEU C 154 9.74 -17.78 3.85
N GLU D 5 -26.79 25.29 -1.18
CA GLU D 5 -25.85 25.47 -0.01
C GLU D 5 -25.59 24.11 0.66
N SER D 6 -26.52 23.16 0.57
CA SER D 6 -26.18 21.72 0.54
C SER D 6 -25.30 21.56 -0.70
N ILE D 7 -24.36 20.62 -0.76
CA ILE D 7 -23.61 20.38 -2.04
C ILE D 7 -24.37 19.35 -2.91
N ILE D 8 -25.50 18.80 -2.43
CA ILE D 8 -26.37 17.83 -3.15
C ILE D 8 -27.76 18.45 -3.45
N GLN D 9 -27.89 19.76 -3.32
CA GLN D 9 -29.15 20.50 -3.63
C GLN D 9 -29.34 20.49 -5.15
N TRP D 10 -30.40 19.86 -5.67
CA TRP D 10 -30.72 19.94 -7.12
C TRP D 10 -31.29 21.34 -7.45
N HIS D 11 -30.98 21.88 -8.61
CA HIS D 11 -31.31 23.29 -8.96
C HIS D 11 -32.64 23.35 -9.70
N GLY D 12 -33.22 22.23 -10.15
CA GLY D 12 -34.51 22.20 -10.88
C GLY D 12 -35.12 20.82 -10.98
N ALA D 13 -36.36 20.72 -11.46
CA ALA D 13 -37.08 19.46 -11.76
C ALA D 13 -36.35 18.64 -12.84
N THR D 14 -35.73 19.32 -13.81
CA THR D 14 -35.09 18.63 -14.95
C THR D 14 -33.65 18.28 -14.54
N ASN D 15 -32.95 17.54 -15.40
CA ASN D 15 -31.63 16.94 -15.05
C ASN D 15 -30.54 17.52 -15.96
N THR D 16 -30.69 18.75 -16.43
CA THR D 16 -29.70 19.47 -17.26
C THR D 16 -28.59 20.03 -16.36
N ARG D 17 -28.75 19.90 -15.04
CA ARG D 17 -27.79 20.39 -14.04
C ARG D 17 -27.65 19.33 -12.96
N VAL D 18 -26.44 18.87 -12.67
CA VAL D 18 -26.22 17.84 -11.61
C VAL D 18 -25.27 18.45 -10.59
N PRO D 19 -25.60 18.41 -9.28
CA PRO D 19 -24.72 19.01 -8.27
C PRO D 19 -23.49 18.12 -8.10
N PHE D 20 -22.29 18.70 -8.28
CA PHE D 20 -21.01 17.95 -8.19
C PHE D 20 -20.86 17.32 -6.80
N GLY D 21 -21.48 17.90 -5.78
CA GLY D 21 -21.53 17.32 -4.42
C GLY D 21 -22.03 15.87 -4.43
N ILE D 22 -22.84 15.49 -5.41
CA ILE D 22 -23.46 14.14 -5.47
C ILE D 22 -22.36 13.07 -5.57
N TYR D 23 -21.17 13.47 -6.01
CA TYR D 23 -20.04 12.54 -6.23
C TYR D 23 -19.08 12.48 -5.03
N THR D 24 -19.26 13.29 -3.98
CA THR D 24 -18.35 13.32 -2.81
C THR D 24 -19.08 13.29 -1.46
N ASP D 25 -20.38 13.53 -1.40
CA ASP D 25 -21.12 13.52 -0.12
C ASP D 25 -21.27 12.07 0.39
N THR D 26 -20.66 11.76 1.54
CA THR D 26 -20.66 10.39 2.13
C THR D 26 -22.05 10.02 2.71
N ALA D 27 -22.77 10.95 3.35
CA ALA D 27 -24.12 10.67 3.89
C ALA D 27 -25.02 10.24 2.72
N ASN D 28 -24.91 10.94 1.60
CA ASN D 28 -25.70 10.66 0.38
C ASN D 28 -25.31 9.28 -0.15
N ALA D 29 -24.03 8.91 -0.07
CA ALA D 29 -23.58 7.56 -0.49
C ALA D 29 -24.25 6.46 0.36
N ASP D 30 -24.35 6.66 1.68
CA ASP D 30 -25.02 5.66 2.55
C ASP D 30 -26.51 5.59 2.16
N GLN D 31 -27.13 6.71 1.82
CA GLN D 31 -28.53 6.73 1.36
C GLN D 31 -28.62 5.92 0.07
N GLU D 32 -27.59 5.95 -0.79
CA GLU D 32 -27.59 5.17 -2.06
C GLU D 32 -27.65 3.67 -1.71
N GLN D 33 -26.97 3.25 -0.66
CA GLN D 33 -26.98 1.83 -0.21
C GLN D 33 -28.40 1.45 0.26
N GLN D 34 -29.04 2.29 1.08
CA GLN D 34 -30.41 2.03 1.59
C GLN D 34 -31.42 2.14 0.44
N ARG D 35 -31.36 3.17 -0.38
CA ARG D 35 -32.51 3.48 -1.27
C ARG D 35 -32.28 2.91 -2.68
N ILE D 36 -31.05 2.74 -3.16
CA ILE D 36 -30.80 2.13 -4.48
C ILE D 36 -30.47 0.63 -4.29
N TYR D 37 -29.29 0.31 -3.78
CA TYR D 37 -28.77 -1.07 -3.87
C TYR D 37 -29.67 -2.03 -3.07
N ARG D 38 -30.15 -1.64 -1.88
CA ARG D 38 -31.12 -2.43 -1.07
C ARG D 38 -32.56 -1.91 -1.29
N GLY D 39 -32.81 -1.09 -2.30
CA GLY D 39 -34.15 -0.62 -2.64
C GLY D 39 -34.75 -1.37 -3.80
N GLU D 40 -35.59 -0.67 -4.58
CA GLU D 40 -36.38 -1.29 -5.66
C GLU D 40 -35.58 -1.35 -6.94
N VAL D 41 -34.50 -2.11 -6.91
CA VAL D 41 -33.69 -2.36 -8.14
C VAL D 41 -33.42 -3.86 -8.24
N TRP D 42 -32.87 -4.25 -9.37
CA TRP D 42 -32.26 -5.56 -9.63
C TRP D 42 -30.74 -5.37 -9.80
N ASN D 43 -29.99 -6.05 -8.95
CA ASN D 43 -28.51 -6.07 -8.88
C ASN D 43 -27.98 -7.26 -9.69
N TYR D 44 -27.08 -7.04 -10.64
CA TYR D 44 -26.49 -8.16 -11.39
C TYR D 44 -25.52 -8.93 -10.49
N LEU D 45 -25.72 -10.25 -10.42
CA LEU D 45 -24.93 -11.16 -9.55
C LEU D 45 -23.93 -11.97 -10.41
N CYS D 46 -24.37 -12.72 -11.42
CA CYS D 46 -23.49 -13.57 -12.26
C CYS D 46 -24.31 -14.18 -13.40
N LEU D 47 -23.71 -15.00 -14.25
CA LEU D 47 -24.45 -15.83 -15.25
C LEU D 47 -24.79 -17.20 -14.68
N GLU D 48 -25.95 -17.75 -15.05
CA GLU D 48 -26.38 -19.09 -14.58
C GLU D 48 -25.34 -20.12 -15.04
N SER D 49 -24.73 -19.92 -16.20
CA SER D 49 -23.70 -20.86 -16.75
C SER D 49 -22.43 -20.85 -15.88
N GLU D 50 -22.26 -19.86 -14.99
CA GLU D 50 -21.08 -19.82 -14.08
C GLU D 50 -21.35 -20.68 -12.84
N ILE D 51 -22.60 -21.04 -12.57
CA ILE D 51 -22.95 -21.95 -11.45
C ILE D 51 -23.89 -23.02 -12.02
N PRO D 52 -23.38 -23.85 -12.96
CA PRO D 52 -24.21 -24.80 -13.71
C PRO D 52 -24.75 -25.95 -12.85
N GLY D 53 -24.00 -26.42 -11.85
CA GLY D 53 -24.34 -27.63 -11.09
C GLY D 53 -24.84 -27.33 -9.68
N ALA D 54 -25.61 -28.26 -9.12
CA ALA D 54 -26.12 -28.24 -7.72
C ALA D 54 -24.94 -28.00 -6.81
N GLY D 55 -25.04 -27.00 -5.93
CA GLY D 55 -23.99 -26.69 -4.95
C GLY D 55 -23.03 -25.61 -5.47
N ASP D 56 -23.01 -25.33 -6.79
CA ASP D 56 -22.06 -24.31 -7.32
C ASP D 56 -22.52 -22.95 -6.79
N PHE D 57 -21.59 -22.16 -6.22
CA PHE D 57 -21.86 -20.82 -5.67
C PHE D 57 -20.74 -19.89 -6.10
N ARG D 58 -21.02 -18.60 -6.11
CA ARG D 58 -20.06 -17.49 -6.23
C ARG D 58 -20.43 -16.49 -5.14
N THR D 59 -19.48 -15.69 -4.71
CA THR D 59 -19.72 -14.55 -3.79
C THR D 59 -19.52 -13.27 -4.59
N THR D 60 -20.31 -12.26 -4.28
CA THR D 60 -20.28 -10.97 -5.01
C THR D 60 -20.89 -9.94 -4.07
N PHE D 61 -21.32 -8.82 -4.63
CA PHE D 61 -21.86 -7.71 -3.82
C PHE D 61 -23.14 -7.24 -4.49
N ALA D 62 -24.06 -6.72 -3.71
CA ALA D 62 -25.13 -5.80 -4.17
C ALA D 62 -24.83 -4.49 -3.46
N GLY D 63 -24.31 -3.51 -4.19
CA GLY D 63 -23.69 -2.33 -3.56
C GLY D 63 -22.55 -2.73 -2.63
N GLU D 64 -22.59 -2.23 -1.40
CA GLU D 64 -21.60 -2.53 -0.33
C GLU D 64 -21.87 -3.92 0.29
N THR D 65 -23.04 -4.53 0.06
CA THR D 65 -23.50 -5.71 0.85
C THR D 65 -23.00 -6.99 0.19
N PRO D 66 -22.18 -7.83 0.88
CA PRO D 66 -21.68 -9.08 0.29
C PRO D 66 -22.83 -10.07 0.13
N ILE D 67 -22.82 -10.82 -0.98
CA ILE D 67 -23.91 -11.74 -1.41
C ILE D 67 -23.31 -13.13 -1.68
N VAL D 68 -24.04 -14.18 -1.34
CA VAL D 68 -23.82 -15.55 -1.90
C VAL D 68 -24.92 -15.83 -2.92
N VAL D 69 -24.53 -16.33 -4.10
CA VAL D 69 -25.46 -16.83 -5.13
C VAL D 69 -25.13 -18.32 -5.41
N VAL D 70 -26.13 -19.20 -5.39
CA VAL D 70 -25.90 -20.67 -5.36
C VAL D 70 -27.05 -21.42 -6.07
N ARG D 71 -26.68 -22.50 -6.77
CA ARG D 71 -27.58 -23.43 -7.50
C ARG D 71 -27.97 -24.54 -6.53
N ASP D 72 -29.25 -24.90 -6.47
CA ASP D 72 -29.73 -26.01 -5.61
C ASP D 72 -30.06 -27.20 -6.51
N ALA D 73 -30.40 -28.35 -5.89
CA ALA D 73 -30.67 -29.64 -6.57
C ALA D 73 -31.90 -29.52 -7.47
N ASP D 74 -32.82 -28.56 -7.21
CA ASP D 74 -34.04 -28.30 -8.04
C ASP D 74 -33.62 -27.53 -9.32
N GLN D 75 -32.32 -27.21 -9.48
CA GLN D 75 -31.76 -26.47 -10.64
C GLN D 75 -32.19 -24.99 -10.58
N GLU D 76 -32.80 -24.54 -9.48
CA GLU D 76 -33.09 -23.10 -9.27
C GLU D 76 -31.86 -22.43 -8.63
N ILE D 77 -31.80 -21.11 -8.72
CA ILE D 77 -30.68 -20.32 -8.15
C ILE D 77 -31.24 -19.46 -7.01
N TYR D 78 -30.52 -19.44 -5.88
CA TYR D 78 -30.87 -18.70 -4.66
C TYR D 78 -29.76 -17.69 -4.36
N ALA D 79 -30.08 -16.65 -3.59
CA ALA D 79 -29.10 -15.62 -3.20
C ALA D 79 -29.49 -15.07 -1.83
N PHE D 80 -28.49 -14.81 -0.99
CA PHE D 80 -28.66 -14.25 0.36
C PHE D 80 -27.42 -13.44 0.73
N GLU D 81 -27.63 -12.56 1.70
CA GLU D 81 -26.59 -11.72 2.30
C GLU D 81 -25.53 -12.62 2.91
N ASN D 82 -24.26 -12.35 2.62
CA ASN D 82 -23.14 -13.15 3.13
C ASN D 82 -22.78 -12.67 4.53
N ARG D 83 -23.73 -12.82 5.46
CA ARG D 83 -23.61 -12.30 6.85
C ARG D 83 -24.24 -13.31 7.79
N CYS D 84 -23.44 -13.87 8.68
CA CYS D 84 -23.90 -14.85 9.67
C CYS D 84 -24.84 -14.14 10.65
N ALA D 85 -25.93 -14.80 11.02
CA ALA D 85 -27.00 -14.20 11.86
C ALA D 85 -26.57 -14.23 13.32
N HIS D 86 -25.42 -14.82 13.63
CA HIS D 86 -24.89 -14.88 15.02
C HIS D 86 -24.26 -13.50 15.31
N ARG D 87 -23.01 -13.29 14.91
CA ARG D 87 -22.24 -12.05 15.25
C ARG D 87 -21.78 -11.34 13.97
N GLY D 88 -22.28 -11.72 12.79
CA GLY D 88 -22.11 -10.95 11.54
C GLY D 88 -20.93 -11.37 10.63
N ALA D 89 -20.20 -12.43 10.89
CA ALA D 89 -19.05 -12.83 10.02
C ALA D 89 -19.53 -13.20 8.61
N LEU D 90 -18.71 -12.90 7.60
CA LEU D 90 -18.86 -13.53 6.27
C LEU D 90 -19.09 -15.02 6.53
N ILE D 91 -20.06 -15.61 5.83
CA ILE D 91 -20.34 -17.08 5.87
C ILE D 91 -19.42 -17.79 4.88
N ALA D 92 -19.47 -17.42 3.62
CA ALA D 92 -18.69 -18.05 2.53
C ALA D 92 -17.45 -17.16 2.29
N LEU D 93 -16.24 -17.71 2.40
CA LEU D 93 -14.97 -16.96 2.32
C LEU D 93 -14.35 -17.05 0.92
N GLU D 94 -14.81 -17.94 0.07
CA GLU D 94 -14.25 -18.24 -1.27
C GLU D 94 -15.05 -17.47 -2.32
N LYS D 95 -14.36 -17.04 -3.38
CA LYS D 95 -14.97 -16.32 -4.53
C LYS D 95 -15.96 -17.26 -5.19
N SER D 96 -15.70 -18.57 -5.15
CA SER D 96 -16.52 -19.60 -5.80
C SER D 96 -16.17 -20.96 -5.21
N GLY D 97 -17.07 -21.91 -5.41
CA GLY D 97 -16.86 -23.29 -4.97
C GLY D 97 -18.12 -24.10 -5.22
N ARG D 98 -18.16 -25.26 -4.61
CA ARG D 98 -19.30 -26.18 -4.66
C ARG D 98 -19.51 -26.70 -3.26
N THR D 99 -20.71 -26.67 -2.73
CA THR D 99 -20.95 -27.09 -1.33
C THR D 99 -22.36 -27.64 -1.19
N ASP D 100 -22.53 -28.55 -0.23
CA ASP D 100 -23.82 -29.08 0.25
C ASP D 100 -24.47 -28.03 1.12
N SER D 101 -23.73 -27.41 2.02
CA SER D 101 -24.28 -26.34 2.88
C SER D 101 -23.18 -25.38 3.28
N PHE D 102 -23.53 -24.22 3.79
CA PHE D 102 -22.57 -23.15 4.11
C PHE D 102 -22.37 -23.20 5.60
N GLN D 103 -21.13 -23.09 6.04
CA GLN D 103 -20.85 -23.04 7.48
C GLN D 103 -20.00 -21.82 7.80
N CYS D 104 -20.44 -21.05 8.76
CA CYS D 104 -19.64 -19.92 9.31
C CYS D 104 -18.48 -20.52 10.11
N VAL D 105 -17.26 -20.03 9.89
CA VAL D 105 -16.03 -20.62 10.49
C VAL D 105 -15.93 -20.16 11.95
N TYR D 106 -16.59 -19.08 12.33
CA TYR D 106 -16.37 -18.46 13.67
C TYR D 106 -16.95 -19.39 14.75
N HIS D 107 -18.24 -19.72 14.70
CA HIS D 107 -18.86 -20.64 15.72
C HIS D 107 -19.68 -21.75 15.07
N ALA D 108 -19.36 -22.11 13.82
CA ALA D 108 -19.91 -23.32 13.16
C ALA D 108 -21.44 -23.26 13.09
N TRP D 109 -22.04 -22.09 12.83
CA TRP D 109 -23.47 -22.06 12.45
C TRP D 109 -23.57 -22.49 10.98
N SER D 110 -24.54 -23.36 10.68
CA SER D 110 -24.80 -23.97 9.35
C SER D 110 -26.00 -23.30 8.68
N TYR D 111 -25.92 -23.09 7.37
CA TYR D 111 -26.99 -22.52 6.52
C TYR D 111 -27.21 -23.47 5.34
N ASN D 112 -28.46 -23.68 4.92
CA ASN D 112 -28.74 -24.37 3.64
C ASN D 112 -28.50 -23.39 2.48
N ARG D 113 -28.72 -23.83 1.25
CA ARG D 113 -28.45 -23.01 0.05
C ARG D 113 -29.50 -21.91 -0.12
N GLN D 114 -30.55 -21.88 0.69
CA GLN D 114 -31.53 -20.77 0.65
C GLN D 114 -31.05 -19.67 1.61
N GLY D 115 -30.10 -19.97 2.48
CA GLY D 115 -29.62 -19.06 3.55
C GLY D 115 -30.39 -19.21 4.87
N ASP D 116 -31.13 -20.32 5.06
CA ASP D 116 -31.81 -20.66 6.34
C ASP D 116 -30.78 -21.22 7.31
N LEU D 117 -30.85 -20.78 8.57
CA LEU D 117 -30.04 -21.30 9.68
C LEU D 117 -30.53 -22.72 9.94
N THR D 118 -29.69 -23.74 9.71
CA THR D 118 -30.05 -25.17 9.95
C THR D 118 -29.35 -25.71 11.19
N GLY D 119 -28.36 -25.03 11.73
CA GLY D 119 -27.58 -25.62 12.82
C GLY D 119 -26.82 -24.57 13.60
N VAL D 120 -26.82 -24.72 14.91
CA VAL D 120 -26.10 -23.81 15.85
C VAL D 120 -25.25 -24.72 16.73
N ALA D 121 -23.92 -24.58 16.66
CA ALA D 121 -22.99 -25.38 17.47
C ALA D 121 -23.33 -25.23 18.94
N PHE D 122 -23.47 -26.34 19.64
CA PHE D 122 -23.70 -26.37 21.09
C PHE D 122 -24.99 -25.61 21.41
N GLU D 123 -25.96 -25.65 20.50
CA GLU D 123 -27.31 -25.05 20.71
C GLU D 123 -27.89 -25.51 22.05
N LYS D 124 -27.77 -26.80 22.38
CA LYS D 124 -28.44 -27.41 23.57
C LYS D 124 -27.44 -27.53 24.71
N GLY D 125 -26.37 -26.77 24.69
CA GLY D 125 -25.33 -26.84 25.72
C GLY D 125 -24.41 -28.04 25.52
N VAL D 126 -23.43 -28.14 26.42
CA VAL D 126 -22.40 -29.22 26.41
C VAL D 126 -22.44 -29.81 27.80
N LYS D 127 -22.64 -31.12 27.88
CA LYS D 127 -22.94 -31.79 29.17
C LYS D 127 -24.20 -31.10 29.74
N GLY D 128 -24.16 -30.62 30.97
CA GLY D 128 -25.33 -30.00 31.63
C GLY D 128 -25.68 -28.62 31.09
N GLN D 129 -24.74 -27.91 30.44
CA GLN D 129 -24.59 -26.47 30.76
C GLN D 129 -24.35 -25.63 29.50
N GLY D 130 -24.68 -24.34 29.62
CA GLY D 130 -24.62 -23.34 28.53
C GLY D 130 -25.61 -23.64 27.41
N GLY D 131 -25.30 -23.20 26.20
CA GLY D 131 -26.20 -23.27 25.01
C GLY D 131 -27.19 -22.07 25.06
N MET D 132 -28.15 -22.14 24.08
CA MET D 132 -29.23 -21.11 23.93
C MET D 132 -30.32 -21.26 25.00
N PRO D 133 -31.01 -20.14 25.33
CA PRO D 133 -32.26 -20.22 26.11
C PRO D 133 -33.35 -20.96 25.32
N ALA D 134 -34.28 -21.56 26.07
CA ALA D 134 -35.52 -22.20 25.59
C ALA D 134 -36.16 -21.37 24.48
N SER D 135 -36.23 -20.04 24.66
CA SER D 135 -36.87 -19.05 23.78
C SER D 135 -36.15 -18.87 22.44
N PHE D 136 -34.91 -19.36 22.28
CA PHE D 136 -34.12 -19.16 21.04
C PHE D 136 -34.66 -20.12 20.00
N CYS D 137 -34.94 -19.60 18.80
CA CYS D 137 -35.52 -20.39 17.70
C CYS D 137 -34.78 -20.02 16.42
N LYS D 138 -34.07 -21.00 15.86
CA LYS D 138 -33.21 -20.87 14.66
C LYS D 138 -33.98 -20.17 13.55
N GLU D 139 -35.24 -20.54 13.38
CA GLU D 139 -36.11 -20.14 12.25
C GLU D 139 -36.29 -18.62 12.28
N GLU D 140 -35.98 -17.95 13.39
CA GLU D 140 -36.16 -16.47 13.55
C GLU D 140 -34.84 -15.75 13.26
N HIS D 141 -33.76 -16.44 12.90
CA HIS D 141 -32.43 -15.82 12.65
C HIS D 141 -31.91 -16.31 11.29
N GLY D 142 -31.42 -15.39 10.47
CA GLY D 142 -30.93 -15.71 9.13
C GLY D 142 -30.50 -14.42 8.45
N PRO D 143 -29.55 -14.47 7.49
CA PRO D 143 -29.24 -13.29 6.69
C PRO D 143 -30.49 -12.90 5.87
N ARG D 144 -30.54 -11.68 5.37
CA ARG D 144 -31.60 -11.27 4.39
C ARG D 144 -31.45 -12.13 3.13
N LYS D 145 -32.55 -12.74 2.71
CA LYS D 145 -32.63 -13.42 1.41
C LYS D 145 -32.93 -12.40 0.32
N LEU D 146 -32.42 -12.66 -0.88
CA LEU D 146 -32.73 -11.85 -2.08
C LEU D 146 -33.71 -12.60 -2.95
N ARG D 147 -34.60 -11.82 -3.58
CA ARG D 147 -35.39 -12.29 -4.73
C ARG D 147 -34.38 -12.48 -5.85
N VAL D 148 -34.48 -13.59 -6.55
CA VAL D 148 -33.64 -13.89 -7.72
C VAL D 148 -34.53 -13.93 -8.95
N ALA D 149 -34.04 -13.28 -9.99
CA ALA D 149 -34.61 -13.36 -11.33
C ALA D 149 -33.50 -13.78 -12.28
N VAL D 150 -33.82 -14.60 -13.24
CA VAL D 150 -32.87 -15.03 -14.31
C VAL D 150 -33.49 -14.56 -15.62
N PHE D 151 -32.76 -13.77 -16.41
CA PHE D 151 -33.24 -13.34 -17.74
C PHE D 151 -32.14 -13.59 -18.77
N CYS D 152 -32.39 -14.49 -19.73
CA CYS D 152 -31.39 -14.93 -20.76
C CYS D 152 -30.08 -15.31 -20.07
N GLY D 153 -30.15 -16.02 -18.94
CA GLY D 153 -28.99 -16.51 -18.21
C GLY D 153 -28.42 -15.50 -17.23
N LEU D 154 -28.91 -14.24 -17.27
CA LEU D 154 -28.40 -13.18 -16.35
C LEU D 154 -29.11 -13.33 -14.99
N VAL D 155 -28.35 -13.47 -13.92
CA VAL D 155 -28.90 -13.70 -12.56
C VAL D 155 -28.86 -12.36 -11.85
N PHE D 156 -30.05 -11.86 -11.52
CA PHE D 156 -30.22 -10.60 -10.78
C PHE D 156 -30.76 -10.92 -9.38
N GLY D 157 -30.43 -10.05 -8.41
CA GLY D 157 -30.98 -10.13 -7.04
C GLY D 157 -31.49 -8.81 -6.52
N SER D 158 -32.56 -8.86 -5.75
CA SER D 158 -33.18 -7.67 -5.11
C SER D 158 -33.41 -7.97 -3.61
N PHE D 159 -33.21 -6.95 -2.79
CA PHE D 159 -33.70 -6.96 -1.38
C PHE D 159 -35.20 -6.68 -1.31
N SER D 160 -35.84 -6.17 -2.35
CA SER D 160 -37.20 -5.57 -2.28
C SER D 160 -38.27 -6.59 -2.71
N GLU D 161 -39.30 -6.72 -1.89
CA GLU D 161 -40.52 -7.52 -2.18
C GLU D 161 -41.36 -6.77 -3.22
N ASP D 162 -41.16 -5.46 -3.40
CA ASP D 162 -42.08 -4.65 -4.23
C ASP D 162 -41.51 -4.39 -5.63
N VAL D 163 -40.23 -4.69 -5.87
CA VAL D 163 -39.59 -4.41 -7.19
C VAL D 163 -40.40 -5.17 -8.24
N PRO D 164 -40.72 -4.61 -9.42
CA PRO D 164 -41.45 -5.38 -10.42
C PRO D 164 -40.61 -6.60 -10.84
N SER D 165 -41.24 -7.56 -11.54
CA SER D 165 -40.53 -8.68 -12.21
C SER D 165 -39.35 -8.12 -13.01
N ILE D 166 -38.35 -8.93 -13.29
CA ILE D 166 -37.19 -8.47 -14.09
C ILE D 166 -37.67 -7.99 -15.48
N GLU D 167 -38.66 -8.67 -16.08
CA GLU D 167 -39.16 -8.30 -17.43
C GLU D 167 -39.73 -6.87 -17.37
N ASP D 168 -40.50 -6.58 -16.34
CA ASP D 168 -41.20 -5.28 -16.23
C ASP D 168 -40.15 -4.23 -15.87
N TYR D 169 -39.16 -4.58 -15.06
CA TYR D 169 -38.11 -3.64 -14.61
C TYR D 169 -37.25 -3.19 -15.80
N LEU D 170 -36.89 -4.15 -16.64
CA LEU D 170 -36.10 -3.88 -17.87
C LEU D 170 -36.98 -3.14 -18.90
N GLY D 171 -38.26 -3.56 -19.02
CA GLY D 171 -39.18 -3.15 -20.09
C GLY D 171 -38.89 -3.93 -21.36
N PRO D 172 -39.88 -4.00 -22.26
CA PRO D 172 -39.79 -4.82 -23.46
C PRO D 172 -38.50 -4.52 -24.27
N GLU D 173 -38.14 -3.25 -24.42
CA GLU D 173 -37.13 -2.87 -25.46
C GLU D 173 -35.77 -3.37 -24.97
N ILE D 174 -35.45 -3.17 -23.70
CA ILE D 174 -34.21 -3.74 -23.12
C ILE D 174 -34.28 -5.28 -23.16
N CYS D 175 -35.41 -5.89 -22.83
CA CYS D 175 -35.59 -7.36 -22.88
C CYS D 175 -35.21 -7.87 -24.27
N GLU D 176 -35.75 -7.29 -25.31
CA GLU D 176 -35.46 -7.73 -26.70
C GLU D 176 -33.98 -7.49 -27.01
N ARG D 177 -33.41 -6.39 -26.58
CA ARG D 177 -31.98 -6.04 -26.88
C ARG D 177 -31.02 -6.99 -26.13
N ILE D 178 -31.38 -7.45 -24.94
CA ILE D 178 -30.59 -8.50 -24.24
C ILE D 178 -30.72 -9.82 -25.01
N GLU D 179 -31.94 -10.22 -25.38
CA GLU D 179 -32.24 -11.51 -26.09
C GLU D 179 -31.43 -11.55 -27.39
N ARG D 180 -31.36 -10.43 -28.08
CA ARG D 180 -30.64 -10.29 -29.36
C ARG D 180 -29.21 -10.79 -29.17
N VAL D 181 -28.55 -10.43 -28.06
CA VAL D 181 -27.13 -10.87 -27.90
C VAL D 181 -27.08 -12.22 -27.18
N LEU D 182 -27.86 -12.43 -26.12
CA LEU D 182 -27.85 -13.69 -25.35
C LEU D 182 -28.93 -14.65 -25.87
N HIS D 183 -28.95 -14.93 -27.17
CA HIS D 183 -29.95 -15.80 -27.85
C HIS D 183 -29.53 -17.26 -27.83
N LYS D 184 -28.29 -17.62 -27.45
CA LYS D 184 -27.78 -19.01 -27.44
C LYS D 184 -26.81 -19.17 -26.28
N PRO D 185 -26.43 -20.42 -25.93
CA PRO D 185 -25.57 -20.63 -24.77
C PRO D 185 -24.23 -19.89 -24.95
N VAL D 186 -23.78 -19.24 -23.88
CA VAL D 186 -22.53 -18.46 -23.85
C VAL D 186 -21.54 -19.20 -22.95
N GLU D 187 -20.27 -18.85 -23.07
CA GLU D 187 -19.15 -19.48 -22.32
C GLU D 187 -18.28 -18.32 -21.87
N VAL D 188 -17.95 -18.29 -20.58
CA VAL D 188 -16.93 -17.36 -20.05
C VAL D 188 -15.59 -17.70 -20.68
N ILE D 189 -14.93 -16.71 -21.28
CA ILE D 189 -13.58 -16.87 -21.87
C ILE D 189 -12.54 -16.09 -21.05
N GLY D 190 -12.95 -15.34 -20.04
CA GLY D 190 -11.99 -14.64 -19.20
C GLY D 190 -12.69 -13.70 -18.24
N ARG D 191 -12.05 -13.44 -17.09
CA ARG D 191 -12.53 -12.46 -16.11
C ARG D 191 -11.40 -11.51 -15.82
N PHE D 192 -11.69 -10.21 -15.78
CA PHE D 192 -10.73 -9.18 -15.30
C PHE D 192 -11.52 -8.13 -14.55
N THR D 193 -10.90 -7.57 -13.52
CA THR D 193 -11.41 -6.47 -12.71
C THR D 193 -10.55 -5.23 -12.97
N GLN D 194 -11.21 -4.10 -13.17
CA GLN D 194 -10.59 -2.75 -13.21
C GLN D 194 -11.01 -2.01 -11.93
N LYS D 195 -10.05 -1.48 -11.20
CA LYS D 195 -10.37 -0.61 -10.06
C LYS D 195 -10.39 0.84 -10.54
N LEU D 196 -11.54 1.47 -10.45
CA LEU D 196 -11.72 2.83 -11.03
C LEU D 196 -11.52 3.86 -9.93
N PRO D 197 -10.69 4.89 -10.17
CA PRO D 197 -10.47 5.95 -9.19
C PRO D 197 -11.58 7.02 -9.27
N ASN D 198 -12.84 6.58 -9.20
CA ASN D 198 -14.00 7.51 -9.30
C ASN D 198 -15.20 6.89 -8.59
N ASN D 199 -16.07 7.76 -8.11
CA ASN D 199 -17.44 7.47 -7.67
C ASN D 199 -18.10 6.59 -8.75
N TRP D 200 -18.84 5.57 -8.35
CA TRP D 200 -19.50 4.65 -9.32
C TRP D 200 -20.28 5.41 -10.39
N LYS D 201 -20.98 6.47 -10.00
CA LYS D 201 -21.94 7.15 -10.88
C LYS D 201 -21.18 7.71 -12.08
N LEU D 202 -19.93 8.15 -11.90
CA LEU D 202 -19.18 8.75 -13.03
C LEU D 202 -18.96 7.68 -14.13
N TYR D 203 -18.78 6.42 -13.76
CA TYR D 203 -18.59 5.33 -14.74
C TYR D 203 -19.95 4.98 -15.37
N PHE D 204 -21.01 4.87 -14.58
CA PHE D 204 -22.35 4.51 -15.14
C PHE D 204 -22.82 5.61 -16.09
N GLU D 205 -22.54 6.88 -15.78
CA GLU D 205 -22.86 8.00 -16.69
C GLU D 205 -22.06 7.78 -17.97
N ASN D 206 -20.78 7.41 -17.83
CA ASN D 206 -19.86 7.26 -18.99
C ASN D 206 -20.42 6.19 -19.93
N VAL D 207 -20.95 5.09 -19.39
CA VAL D 207 -21.48 3.97 -20.22
C VAL D 207 -22.64 4.51 -21.07
N LYS D 208 -23.43 5.42 -20.48
CA LYS D 208 -24.67 5.99 -21.09
C LYS D 208 -24.33 7.19 -21.97
N ASP D 209 -23.05 7.54 -22.08
CA ASP D 209 -22.66 8.84 -22.66
C ASP D 209 -22.40 8.65 -24.15
N SER D 210 -23.47 8.72 -24.96
CA SER D 210 -23.38 8.53 -26.44
C SER D 210 -22.57 9.67 -27.03
N TYR D 211 -22.62 10.87 -26.42
CA TYR D 211 -21.85 12.09 -26.86
C TYR D 211 -20.34 11.80 -26.87
N HIS D 212 -19.81 11.22 -25.81
CA HIS D 212 -18.36 10.97 -25.67
C HIS D 212 -17.86 9.90 -26.62
N ALA D 213 -18.62 8.83 -26.95
CA ALA D 213 -18.09 7.61 -27.65
C ALA D 213 -17.05 7.90 -28.74
N SER D 214 -17.35 8.78 -29.70
CA SER D 214 -16.53 9.09 -30.89
C SER D 214 -15.42 10.11 -30.59
N LEU D 215 -15.50 10.83 -29.47
CA LEU D 215 -14.63 12.02 -29.15
C LEU D 215 -13.48 11.67 -28.18
N LEU D 216 -13.80 11.02 -27.07
CA LEU D 216 -12.80 10.39 -26.17
C LEU D 216 -11.99 9.32 -26.93
N HIS D 217 -12.66 8.46 -27.72
CA HIS D 217 -12.07 7.27 -28.40
C HIS D 217 -11.78 7.55 -29.88
N MET D 218 -10.51 7.85 -30.21
CA MET D 218 -10.06 8.08 -31.61
C MET D 218 -10.08 6.76 -32.41
N PHE D 219 -10.06 5.58 -31.77
CA PHE D 219 -10.37 4.30 -32.46
C PHE D 219 -11.82 4.30 -33.02
N PHE D 220 -12.82 4.72 -32.23
CA PHE D 220 -14.27 4.75 -32.63
C PHE D 220 -14.51 5.66 -33.86
N THR D 221 -13.77 6.76 -34.02
CA THR D 221 -13.91 7.74 -35.13
C THR D 221 -12.97 7.33 -36.29
N THR D 222 -11.68 7.13 -35.98
CA THR D 222 -10.56 7.00 -36.95
C THR D 222 -10.82 5.77 -37.85
N PHE D 223 -11.24 4.62 -37.29
CA PHE D 223 -11.35 3.36 -38.10
C PHE D 223 -12.82 2.92 -38.28
N GLU D 224 -13.82 3.77 -38.00
CA GLU D 224 -15.27 3.42 -38.12
C GLU D 224 -15.96 4.45 -39.02
N SER D 229 -21.58 10.81 -38.84
CA SER D 229 -22.29 9.95 -37.84
C SER D 229 -23.04 8.84 -38.57
N GLN D 230 -22.94 7.62 -38.05
CA GLN D 230 -23.52 6.40 -38.67
C GLN D 230 -24.96 6.24 -38.18
N LYS D 231 -25.80 5.60 -38.98
CA LYS D 231 -27.09 5.06 -38.50
C LYS D 231 -26.86 4.47 -37.11
N GLY D 232 -27.81 4.71 -36.23
CA GLY D 232 -27.69 4.40 -34.80
C GLY D 232 -28.76 5.15 -34.05
N GLY D 233 -28.67 5.15 -32.73
CA GLY D 233 -29.71 5.73 -31.89
C GLY D 233 -29.40 5.47 -30.46
N VAL D 234 -30.19 6.13 -29.62
CA VAL D 234 -30.15 5.96 -28.15
C VAL D 234 -31.56 5.62 -27.71
N ILE D 235 -31.71 4.57 -26.97
CA ILE D 235 -33.01 4.15 -26.41
C ILE D 235 -32.92 4.32 -24.90
N VAL D 236 -33.96 4.85 -24.30
CA VAL D 236 -34.04 4.97 -22.83
C VAL D 236 -35.36 4.32 -22.44
N ASP D 237 -35.37 3.48 -21.40
CA ASP D 237 -36.61 2.81 -20.92
C ASP D 237 -37.53 3.90 -20.32
N GLU D 238 -38.71 3.53 -19.84
CA GLU D 238 -39.67 4.53 -19.28
C GLU D 238 -39.08 5.14 -18.00
N SER D 239 -38.36 4.39 -17.17
CA SER D 239 -37.87 4.90 -15.86
C SER D 239 -36.69 5.88 -16.04
N GLY D 240 -35.96 5.82 -17.18
CA GLY D 240 -34.69 6.53 -17.37
C GLY D 240 -33.44 5.74 -16.94
N GLY D 241 -33.60 4.70 -16.13
CA GLY D 241 -32.48 3.97 -15.53
C GLY D 241 -31.69 3.14 -16.54
N HIS D 242 -32.32 2.71 -17.64
CA HIS D 242 -31.70 1.75 -18.58
C HIS D 242 -31.56 2.40 -19.94
N HIS D 243 -30.47 2.11 -20.65
CA HIS D 243 -30.31 2.65 -22.03
C HIS D 243 -29.79 1.56 -22.96
N VAL D 244 -29.90 1.84 -24.24
CA VAL D 244 -29.18 1.14 -25.31
C VAL D 244 -28.60 2.24 -26.20
N SER D 245 -27.33 2.12 -26.53
CA SER D 245 -26.71 2.93 -27.60
C SER D 245 -26.32 1.94 -28.68
N TYR D 246 -26.68 2.20 -29.92
CA TYR D 246 -26.43 1.23 -31.02
C TYR D 246 -26.02 1.97 -32.29
N SER D 247 -25.35 1.26 -33.18
CA SER D 247 -24.55 1.82 -34.30
C SER D 247 -24.40 0.77 -35.40
N MET D 248 -24.37 1.20 -36.68
CA MET D 248 -24.32 0.29 -37.86
C MET D 248 -23.82 1.01 -39.11
N LEU D 272 -2.41 -0.15 -39.71
CA LEU D 272 -2.33 -1.42 -38.93
C LEU D 272 -1.57 -2.46 -39.75
N LYS D 273 -0.48 -3.01 -39.19
CA LYS D 273 0.29 -4.08 -39.88
C LYS D 273 -0.47 -5.40 -39.76
N ASP D 274 -1.35 -5.56 -38.77
CA ASP D 274 -2.20 -6.77 -38.69
C ASP D 274 -3.63 -6.28 -38.63
N PRO D 275 -4.27 -6.12 -39.82
CA PRO D 275 -5.66 -5.68 -39.91
C PRO D 275 -6.63 -6.63 -39.18
N SER D 276 -6.21 -7.89 -38.91
CA SER D 276 -7.06 -8.96 -38.31
C SER D 276 -7.61 -8.53 -36.94
N LEU D 277 -7.06 -7.50 -36.30
CA LEU D 277 -7.64 -6.93 -35.05
C LEU D 277 -9.13 -6.60 -35.27
N LEU D 278 -9.50 -6.09 -36.44
CA LEU D 278 -10.87 -5.56 -36.72
C LEU D 278 -11.62 -6.47 -37.70
N GLU D 279 -10.96 -7.46 -38.30
CA GLU D 279 -11.65 -8.49 -39.13
C GLU D 279 -12.60 -9.27 -38.23
N GLY D 280 -13.83 -9.42 -38.72
CA GLY D 280 -14.98 -9.96 -37.96
C GLY D 280 -15.76 -10.94 -38.81
N PHE D 281 -16.90 -11.37 -38.35
CA PHE D 281 -17.83 -12.20 -39.15
C PHE D 281 -19.23 -11.72 -38.81
N GLU D 282 -20.18 -11.88 -39.72
CA GLU D 282 -21.58 -11.45 -39.44
C GLU D 282 -22.18 -12.53 -38.52
N GLU D 283 -22.91 -12.09 -37.49
CA GLU D 283 -23.66 -13.07 -36.66
C GLU D 283 -24.88 -12.39 -36.07
N PHE D 284 -25.22 -11.13 -36.40
CA PHE D 284 -26.51 -10.52 -35.96
C PHE D 284 -27.39 -10.17 -37.17
N GLU D 285 -28.71 -10.34 -37.00
CA GLU D 285 -29.73 -10.29 -38.09
C GLU D 285 -29.78 -8.85 -38.63
N ASP D 286 -29.93 -7.88 -37.74
CA ASP D 286 -29.83 -6.42 -38.05
C ASP D 286 -28.39 -6.12 -38.52
N GLY D 287 -28.08 -4.88 -38.89
CA GLY D 287 -26.71 -4.57 -39.36
C GLY D 287 -25.80 -4.15 -38.21
N VAL D 288 -26.23 -4.35 -36.96
CA VAL D 288 -25.77 -3.54 -35.81
C VAL D 288 -24.42 -4.12 -35.37
N THR D 289 -23.39 -3.28 -35.51
CA THR D 289 -21.96 -3.57 -35.22
C THR D 289 -21.61 -3.09 -33.83
N LEU D 290 -22.42 -2.22 -33.22
CA LEU D 290 -22.23 -1.82 -31.80
C LEU D 290 -23.57 -1.77 -31.08
N GLN D 291 -23.65 -2.38 -29.89
CA GLN D 291 -24.81 -2.23 -28.98
C GLN D 291 -24.27 -2.31 -27.55
N ILE D 292 -24.41 -1.19 -26.86
CA ILE D 292 -24.12 -1.05 -25.42
C ILE D 292 -25.46 -0.92 -24.71
N LEU D 293 -25.64 -1.73 -23.68
CA LEU D 293 -26.91 -1.79 -22.94
C LEU D 293 -26.58 -1.66 -21.46
N SER D 294 -27.28 -0.75 -20.78
CA SER D 294 -27.09 -0.49 -19.32
C SER D 294 -28.39 -0.82 -18.60
N VAL D 295 -28.28 -1.45 -17.44
CA VAL D 295 -29.43 -1.69 -16.55
C VAL D 295 -29.10 -1.14 -15.16
N PHE D 296 -29.84 -0.13 -14.74
CA PHE D 296 -29.72 0.54 -13.42
C PHE D 296 -29.70 -0.55 -12.34
N PRO D 297 -28.80 -0.48 -11.33
CA PRO D 297 -27.80 0.57 -11.19
C PRO D 297 -26.32 0.25 -11.55
N GLY D 298 -26.02 -0.87 -12.21
CA GLY D 298 -24.60 -1.24 -12.45
C GLY D 298 -24.37 -2.41 -13.39
N PHE D 299 -25.29 -2.71 -14.30
CA PHE D 299 -25.13 -3.83 -15.25
C PHE D 299 -24.88 -3.25 -16.66
N VAL D 300 -23.92 -3.80 -17.37
CA VAL D 300 -23.65 -3.47 -18.80
C VAL D 300 -23.58 -4.79 -19.59
N LEU D 301 -24.27 -4.86 -20.74
CA LEU D 301 -24.05 -5.92 -21.76
C LEU D 301 -23.51 -5.24 -23.01
N GLN D 302 -22.37 -5.70 -23.53
CA GLN D 302 -21.74 -5.05 -24.69
C GLN D 302 -21.63 -6.05 -25.83
N GLN D 303 -21.92 -5.54 -27.01
CA GLN D 303 -21.57 -6.17 -28.28
C GLN D 303 -20.87 -5.10 -29.10
N ILE D 304 -19.57 -5.27 -29.33
CA ILE D 304 -18.74 -4.44 -30.26
C ILE D 304 -18.17 -5.38 -31.29
N GLN D 305 -18.67 -5.33 -32.51
CA GLN D 305 -18.48 -6.36 -33.56
C GLN D 305 -18.72 -7.73 -32.92
N ASN D 306 -17.70 -8.60 -32.86
CA ASN D 306 -17.83 -9.97 -32.30
C ASN D 306 -17.34 -10.02 -30.86
N SER D 307 -16.99 -8.88 -30.26
CA SER D 307 -16.58 -8.85 -28.84
C SER D 307 -17.82 -8.70 -27.94
N ILE D 308 -18.13 -9.75 -27.19
CA ILE D 308 -19.26 -9.82 -26.25
C ILE D 308 -18.70 -9.81 -24.83
N ALA D 309 -19.33 -9.07 -23.94
CA ALA D 309 -18.93 -9.06 -22.52
C ALA D 309 -20.07 -8.54 -21.66
N VAL D 310 -19.99 -8.92 -20.40
CA VAL D 310 -20.86 -8.36 -19.34
C VAL D 310 -19.96 -7.55 -18.41
N ARG D 311 -20.44 -6.40 -17.91
CA ARG D 311 -19.74 -5.65 -16.83
C ARG D 311 -20.66 -5.50 -15.65
N GLN D 312 -20.07 -5.60 -14.48
CA GLN D 312 -20.74 -5.38 -13.19
C GLN D 312 -20.00 -4.23 -12.51
N LEU D 313 -20.72 -3.17 -12.17
CA LEU D 313 -20.13 -1.95 -11.56
C LEU D 313 -20.50 -1.97 -10.08
N LEU D 314 -19.52 -1.91 -9.20
CA LEU D 314 -19.80 -1.90 -7.75
C LEU D 314 -19.21 -0.65 -7.14
N PRO D 315 -19.95 0.00 -6.21
CA PRO D 315 -19.40 1.10 -5.45
C PRO D 315 -18.41 0.51 -4.44
N LYS D 316 -17.29 1.19 -4.16
CA LYS D 316 -16.37 0.65 -3.15
C LYS D 316 -16.14 1.68 -2.05
N SER D 317 -15.91 2.92 -2.40
CA SER D 317 -15.77 4.05 -1.45
C SER D 317 -16.26 5.26 -2.22
N ILE D 318 -16.35 6.40 -1.58
CA ILE D 318 -16.93 7.61 -2.20
C ILE D 318 -16.23 7.92 -3.55
N SER D 319 -14.92 7.71 -3.68
CA SER D 319 -14.14 8.05 -4.88
C SER D 319 -13.49 6.82 -5.51
N SER D 320 -14.04 5.63 -5.32
CA SER D 320 -13.50 4.40 -5.97
CA SER D 320 -13.50 4.40 -5.97
C SER D 320 -14.66 3.47 -6.32
N SER D 321 -14.51 2.74 -7.40
CA SER D 321 -15.51 1.74 -7.76
C SER D 321 -14.79 0.57 -8.46
N GLU D 322 -15.50 -0.53 -8.58
CA GLU D 322 -14.94 -1.75 -9.19
C GLU D 322 -15.78 -2.09 -10.42
N LEU D 323 -15.09 -2.34 -11.51
CA LEU D 323 -15.69 -2.81 -12.76
C LEU D 323 -15.22 -4.25 -13.02
N ASN D 324 -16.14 -5.21 -12.93
CA ASN D 324 -15.83 -6.62 -13.16
C ASN D 324 -16.29 -6.99 -14.56
N TRP D 325 -15.34 -7.41 -15.38
CA TRP D 325 -15.57 -7.84 -16.77
C TRP D 325 -15.73 -9.36 -16.82
N THR D 326 -16.73 -9.83 -17.55
CA THR D 326 -16.90 -11.24 -17.88
C THR D 326 -16.90 -11.31 -19.40
N TYR D 327 -15.84 -11.79 -20.01
CA TYR D 327 -15.72 -11.91 -21.49
C TYR D 327 -16.45 -13.19 -21.90
N LEU D 328 -17.15 -13.14 -23.03
CA LEU D 328 -18.05 -14.23 -23.48
C LEU D 328 -17.75 -14.60 -24.93
N GLY D 329 -17.79 -15.91 -25.17
CA GLY D 329 -17.98 -16.50 -26.50
C GLY D 329 -19.32 -17.17 -26.48
N TYR D 330 -19.73 -17.67 -27.63
CA TYR D 330 -20.86 -18.63 -27.70
C TYR D 330 -20.27 -20.05 -27.65
N ALA D 331 -20.90 -20.94 -26.90
CA ALA D 331 -20.54 -22.38 -26.82
C ALA D 331 -20.34 -22.97 -28.20
N ASP D 332 -21.07 -22.52 -29.23
CA ASP D 332 -21.01 -23.13 -30.58
C ASP D 332 -19.91 -22.46 -31.43
N ASP D 333 -19.10 -21.54 -30.91
CA ASP D 333 -18.05 -20.86 -31.72
C ASP D 333 -17.15 -21.94 -32.35
N SER D 334 -16.73 -21.79 -33.60
CA SER D 334 -15.57 -22.55 -34.14
C SER D 334 -14.28 -21.96 -33.53
N ALA D 335 -13.15 -22.67 -33.68
CA ALA D 335 -11.79 -22.18 -33.38
C ALA D 335 -11.63 -20.79 -34.01
N GLU D 336 -12.02 -20.62 -35.27
CA GLU D 336 -11.72 -19.40 -36.03
C GLU D 336 -12.62 -18.28 -35.50
N GLN D 337 -13.85 -18.59 -35.09
CA GLN D 337 -14.72 -17.53 -34.55
C GLN D 337 -14.19 -17.10 -33.19
N ARG D 338 -13.81 -18.06 -32.36
CA ARG D 338 -13.31 -17.81 -31.00
C ARG D 338 -12.04 -16.95 -31.08
N LYS D 339 -11.15 -17.24 -32.03
CA LYS D 339 -9.89 -16.48 -32.19
C LYS D 339 -10.25 -15.02 -32.53
N VAL D 340 -11.23 -14.80 -33.41
CA VAL D 340 -11.67 -13.41 -33.75
C VAL D 340 -12.08 -12.70 -32.46
N ARG D 341 -12.82 -13.36 -31.56
CA ARG D 341 -13.24 -12.65 -30.31
C ARG D 341 -12.00 -12.39 -29.41
N LEU D 342 -11.03 -13.30 -29.36
CA LEU D 342 -9.83 -13.12 -28.53
C LEU D 342 -9.00 -11.94 -29.07
N LYS D 343 -8.89 -11.78 -30.38
CA LYS D 343 -8.23 -10.60 -30.98
C LYS D 343 -9.03 -9.32 -30.74
N GLN D 344 -10.34 -9.36 -30.97
CA GLN D 344 -11.19 -8.13 -30.81
C GLN D 344 -11.31 -7.74 -29.33
N ALA D 345 -11.02 -8.63 -28.40
CA ALA D 345 -11.02 -8.31 -26.95
C ALA D 345 -9.95 -7.25 -26.65
N ASN D 346 -8.94 -7.07 -27.50
CA ASN D 346 -7.95 -5.98 -27.37
C ASN D 346 -8.67 -4.62 -27.36
N LEU D 347 -9.92 -4.53 -27.85
CA LEU D 347 -10.66 -3.24 -27.96
C LEU D 347 -11.18 -2.87 -26.57
N ILE D 348 -11.41 -3.87 -25.73
CA ILE D 348 -12.16 -3.69 -24.46
C ILE D 348 -11.29 -4.01 -23.27
N GLY D 349 -11.85 -3.81 -22.10
CA GLY D 349 -11.23 -4.12 -20.82
C GLY D 349 -10.19 -3.09 -20.45
N PRO D 350 -9.38 -3.43 -19.42
CA PRO D 350 -8.39 -2.52 -18.86
C PRO D 350 -7.37 -1.95 -19.81
N ALA D 351 -6.98 -2.68 -20.86
CA ALA D 351 -6.01 -2.24 -21.88
C ALA D 351 -6.70 -2.02 -23.23
N GLY D 352 -8.00 -1.80 -23.22
CA GLY D 352 -8.78 -1.73 -24.47
C GLY D 352 -8.41 -0.53 -25.31
N PHE D 353 -8.17 -0.72 -26.60
CA PHE D 353 -7.99 0.40 -27.55
C PHE D 353 -9.17 1.41 -27.46
N ILE D 354 -10.37 0.95 -27.10
CA ILE D 354 -11.54 1.80 -26.80
C ILE D 354 -11.59 2.07 -25.31
N SER D 355 -11.66 1.05 -24.48
CA SER D 355 -12.19 1.26 -23.11
C SER D 355 -11.12 1.71 -22.11
N MET D 356 -9.84 1.73 -22.50
CA MET D 356 -8.71 2.13 -21.64
C MET D 356 -9.06 3.51 -21.07
N GLU D 357 -9.46 4.45 -21.92
CA GLU D 357 -9.83 5.84 -21.60
C GLU D 357 -11.00 5.86 -20.62
N ASP D 358 -11.99 4.96 -20.77
CA ASP D 358 -13.18 4.91 -19.88
C ASP D 358 -12.69 4.65 -18.45
N GLY D 359 -11.60 3.92 -18.25
CA GLY D 359 -11.09 3.70 -16.89
C GLY D 359 -10.51 4.98 -16.25
N ALA D 360 -10.06 5.95 -17.04
CA ALA D 360 -9.40 7.18 -16.54
C ALA D 360 -10.33 8.41 -16.51
N VAL D 361 -11.35 8.52 -17.38
CA VAL D 361 -12.10 9.80 -17.55
C VAL D 361 -12.86 10.09 -16.27
N GLY D 362 -13.46 9.09 -15.63
CA GLY D 362 -14.13 9.28 -14.32
C GLY D 362 -13.22 9.96 -13.32
N GLY D 363 -11.95 9.57 -13.27
CA GLY D 363 -10.99 10.16 -12.33
C GLY D 363 -10.63 11.55 -12.76
N PHE D 364 -10.56 11.84 -14.05
CA PHE D 364 -10.35 13.21 -14.54
C PHE D 364 -11.46 14.11 -14.00
N VAL D 365 -12.71 13.63 -13.94
CA VAL D 365 -13.85 14.41 -13.40
C VAL D 365 -13.70 14.51 -11.87
N GLN D 366 -13.51 13.37 -11.23
CA GLN D 366 -13.34 13.30 -9.75
C GLN D 366 -12.30 14.36 -9.30
N ARG D 367 -11.22 14.50 -10.05
CA ARG D 367 -10.13 15.44 -9.73
C ARG D 367 -10.44 16.86 -10.24
N GLY D 368 -11.01 17.01 -11.43
CA GLY D 368 -11.28 18.35 -11.95
C GLY D 368 -12.28 19.11 -11.10
N ILE D 369 -13.17 18.41 -10.39
CA ILE D 369 -14.19 19.06 -9.52
C ILE D 369 -13.70 19.25 -8.07
N ALA D 370 -12.43 19.00 -7.76
CA ALA D 370 -11.95 19.00 -6.35
C ALA D 370 -12.26 20.34 -5.65
N GLY D 371 -12.18 21.48 -6.32
CA GLY D 371 -12.54 22.79 -5.75
C GLY D 371 -13.97 23.27 -6.05
N ALA D 372 -14.86 22.41 -6.49
CA ALA D 372 -16.12 22.81 -7.17
C ALA D 372 -17.29 21.97 -6.65
N ALA D 373 -17.20 21.46 -5.42
CA ALA D 373 -18.29 20.70 -4.75
C ALA D 373 -19.62 21.47 -4.85
N ASN D 374 -19.59 22.82 -4.87
CA ASN D 374 -20.81 23.67 -4.83
C ASN D 374 -21.32 23.99 -6.25
N LEU D 375 -20.66 23.52 -7.33
CA LEU D 375 -21.05 23.84 -8.72
C LEU D 375 -21.77 22.62 -9.37
N ASP D 376 -22.18 22.77 -10.61
CA ASP D 376 -23.13 21.87 -11.31
C ASP D 376 -22.54 21.41 -12.65
N ALA D 377 -22.71 20.14 -12.94
CA ALA D 377 -22.47 19.61 -14.30
C ALA D 377 -23.54 20.19 -15.23
N VAL D 378 -23.17 20.47 -16.48
CA VAL D 378 -24.10 20.97 -17.53
C VAL D 378 -24.38 19.81 -18.51
N ILE D 379 -25.64 19.36 -18.55
CA ILE D 379 -26.07 18.18 -19.36
C ILE D 379 -27.27 18.59 -20.23
N GLU D 380 -27.01 19.34 -21.29
CA GLU D 380 -28.06 20.04 -22.06
C GLU D 380 -28.16 19.51 -23.49
N MET D 381 -27.27 18.63 -23.86
CA MET D 381 -27.17 18.10 -25.24
C MET D 381 -28.42 17.25 -25.57
N GLY D 382 -29.18 17.62 -26.60
CA GLY D 382 -30.47 16.99 -26.97
C GLY D 382 -31.64 17.46 -26.09
N GLY D 383 -31.50 18.64 -25.45
CA GLY D 383 -32.56 19.31 -24.66
C GLY D 383 -32.53 18.94 -23.17
N ASP D 384 -33.72 18.88 -22.54
CA ASP D 384 -33.90 18.33 -21.17
C ASP D 384 -34.73 17.03 -21.24
N HIS D 385 -34.77 16.41 -22.42
CA HIS D 385 -35.36 15.07 -22.74
C HIS D 385 -34.68 13.95 -21.94
N GLU D 386 -35.44 12.93 -21.50
CA GLU D 386 -34.97 11.62 -20.98
C GLU D 386 -35.62 10.48 -21.77
N GLY D 387 -35.91 10.70 -23.06
CA GLY D 387 -36.47 9.68 -23.97
C GLY D 387 -35.50 9.24 -25.06
N SER D 388 -35.91 8.24 -25.85
CA SER D 388 -35.16 7.71 -27.01
C SER D 388 -35.00 8.80 -28.08
N SER D 389 -33.95 8.68 -28.89
CA SER D 389 -33.48 9.67 -29.89
C SER D 389 -32.82 8.95 -31.07
N GLU D 390 -32.96 9.50 -32.25
CA GLU D 390 -32.44 8.88 -33.50
C GLU D 390 -31.02 9.36 -33.79
N GLY D 391 -30.48 10.25 -32.97
CA GLY D 391 -29.05 10.63 -33.04
C GLY D 391 -28.31 10.14 -31.81
N ARG D 392 -27.00 10.41 -31.74
CA ARG D 392 -26.16 10.11 -30.56
C ARG D 392 -25.41 11.36 -30.03
N ALA D 393 -25.53 12.51 -30.71
CA ALA D 393 -25.13 13.86 -30.25
C ALA D 393 -26.16 14.41 -29.23
N THR D 394 -26.45 13.62 -28.21
CA THR D 394 -27.42 13.88 -27.14
C THR D 394 -26.87 13.33 -25.82
N GLU D 395 -27.38 13.82 -24.69
CA GLU D 395 -27.10 13.27 -23.35
C GLU D 395 -28.39 12.75 -22.71
N THR D 396 -29.37 12.38 -23.53
CA THR D 396 -30.70 11.93 -23.05
C THR D 396 -30.58 10.74 -22.12
N SER D 397 -29.72 9.75 -22.42
CA SER D 397 -29.52 8.54 -21.57
C SER D 397 -28.77 8.90 -20.27
N VAL D 398 -27.97 9.96 -20.26
CA VAL D 398 -27.33 10.44 -19.00
C VAL D 398 -28.41 11.11 -18.12
N ARG D 399 -29.23 11.98 -18.71
CA ARG D 399 -30.34 12.63 -17.96
C ARG D 399 -31.26 11.51 -17.41
N GLY D 400 -31.52 10.47 -18.23
CA GLY D 400 -32.37 9.32 -17.83
C GLY D 400 -31.88 8.75 -16.52
N PHE D 401 -30.56 8.57 -16.42
CA PHE D 401 -29.93 7.94 -15.23
C PHE D 401 -30.33 8.77 -14.01
N TRP D 402 -30.19 10.09 -14.10
CA TRP D 402 -30.46 11.01 -12.96
C TRP D 402 -31.97 11.04 -12.68
N LYS D 403 -32.81 10.92 -13.72
CA LYS D 403 -34.27 10.79 -13.44
C LYS D 403 -34.49 9.56 -12.54
N ALA D 404 -34.00 8.38 -12.96
CA ALA D 404 -34.17 7.15 -12.15
C ALA D 404 -33.52 7.30 -10.75
N TYR D 405 -32.33 7.91 -10.70
CA TYR D 405 -31.59 8.13 -9.43
C TYR D 405 -32.43 8.95 -8.46
N ARG D 406 -32.94 10.09 -8.92
CA ARG D 406 -33.68 11.03 -8.03
C ARG D 406 -34.95 10.34 -7.52
N LYS D 407 -35.58 9.49 -8.33
CA LYS D 407 -36.83 8.81 -7.92
C LYS D 407 -36.50 7.84 -6.79
N HIS D 408 -35.55 6.92 -6.99
CA HIS D 408 -35.03 6.00 -5.92
C HIS D 408 -34.61 6.78 -4.65
N MET D 409 -33.96 7.92 -4.83
CA MET D 409 -33.29 8.62 -3.71
C MET D 409 -34.23 9.65 -3.04
N GLY D 410 -35.42 9.88 -3.58
CA GLY D 410 -36.34 10.87 -2.99
C GLY D 410 -35.83 12.31 -3.17
N GLN D 411 -35.25 12.62 -4.32
CA GLN D 411 -34.63 13.96 -4.60
C GLN D 411 -35.36 14.69 -5.75
N GLU D 412 -36.56 14.22 -6.10
CA GLU D 412 -37.38 14.84 -7.18
C GLU D 412 -37.75 16.32 -6.84
N MET D 413 -37.77 17.16 -7.87
CA MET D 413 -37.87 18.66 -7.77
C MET D 413 -36.98 19.20 -6.64
N GLU E 5 -17.37 21.37 22.91
CA GLU E 5 -17.17 20.27 21.94
C GLU E 5 -16.62 20.80 20.60
N SER E 6 -16.68 22.11 20.31
CA SER E 6 -15.87 22.69 19.20
C SER E 6 -14.38 22.59 19.57
N ILE E 7 -13.61 21.95 18.72
CA ILE E 7 -12.14 21.76 18.93
C ILE E 7 -11.37 22.89 18.22
N ILE E 8 -12.08 23.85 17.60
CA ILE E 8 -11.49 25.03 16.87
C ILE E 8 -11.86 26.34 17.58
N GLN E 9 -12.24 26.26 18.85
CA GLN E 9 -12.60 27.43 19.70
C GLN E 9 -11.30 28.19 20.00
N TRP E 10 -11.14 29.42 19.55
CA TRP E 10 -10.00 30.26 19.96
C TRP E 10 -10.20 30.72 21.41
N HIS E 11 -9.11 30.83 22.18
CA HIS E 11 -9.19 31.06 23.63
C HIS E 11 -9.50 32.56 23.85
N GLY E 12 -8.90 33.48 23.06
CA GLY E 12 -9.26 34.92 23.06
C GLY E 12 -8.84 35.63 21.78
N ALA E 13 -8.75 36.95 21.81
CA ALA E 13 -8.30 37.81 20.69
C ALA E 13 -6.83 37.54 20.33
N THR E 14 -6.05 37.12 21.31
CA THR E 14 -4.58 36.92 21.23
C THR E 14 -4.28 35.63 20.43
N ASN E 15 -3.07 35.52 19.89
CA ASN E 15 -2.64 34.30 19.17
C ASN E 15 -1.56 33.53 19.96
N THR E 16 -1.48 33.71 21.28
CA THR E 16 -0.49 33.00 22.14
C THR E 16 -1.01 31.59 22.45
N ARG E 17 -2.23 31.29 22.01
CA ARG E 17 -2.91 29.99 22.22
C ARG E 17 -3.59 29.59 20.91
N VAL E 18 -3.27 28.40 20.39
CA VAL E 18 -3.83 27.91 19.10
C VAL E 18 -4.54 26.61 19.37
N PRO E 19 -5.83 26.47 19.00
CA PRO E 19 -6.57 25.24 19.29
C PRO E 19 -6.05 24.12 18.35
N PHE E 20 -5.63 23.02 18.95
CA PHE E 20 -5.03 21.88 18.23
C PHE E 20 -6.05 21.27 17.26
N GLY E 21 -7.35 21.41 17.56
CA GLY E 21 -8.43 21.04 16.62
C GLY E 21 -8.25 21.64 15.23
N ILE E 22 -7.57 22.78 15.14
CA ILE E 22 -7.42 23.52 13.85
C ILE E 22 -6.64 22.66 12.86
N TYR E 23 -5.91 21.66 13.36
CA TYR E 23 -5.03 20.82 12.52
C TYR E 23 -5.73 19.51 12.11
N THR E 24 -6.93 19.20 12.63
CA THR E 24 -7.66 17.95 12.33
C THR E 24 -9.12 18.18 11.92
N ASP E 25 -9.72 19.35 12.13
CA ASP E 25 -11.16 19.56 11.83
C ASP E 25 -11.34 19.65 10.30
N THR E 26 -12.05 18.69 9.70
CA THR E 26 -12.22 18.61 8.22
C THR E 26 -13.19 19.70 7.71
N ALA E 27 -14.27 20.00 8.41
CA ALA E 27 -15.18 21.11 8.06
C ALA E 27 -14.38 22.43 7.94
N ASN E 28 -13.49 22.65 8.89
CA ASN E 28 -12.62 23.85 8.91
C ASN E 28 -11.66 23.82 7.72
N ALA E 29 -11.17 22.65 7.33
CA ALA E 29 -10.28 22.51 6.14
C ALA E 29 -11.03 22.97 4.87
N ASP E 30 -12.28 22.56 4.71
CA ASP E 30 -13.09 22.98 3.53
CA ASP E 30 -13.09 22.97 3.54
C ASP E 30 -13.28 24.50 3.58
N GLN E 31 -13.50 25.05 4.77
CA GLN E 31 -13.61 26.52 4.94
C GLN E 31 -12.28 27.17 4.50
N GLU E 32 -11.14 26.54 4.76
CA GLU E 32 -9.81 27.11 4.34
C GLU E 32 -9.78 27.21 2.80
N GLN E 33 -10.34 26.22 2.11
CA GLN E 33 -10.42 26.25 0.63
C GLN E 33 -11.31 27.41 0.16
N GLN E 34 -12.48 27.60 0.76
CA GLN E 34 -13.37 28.72 0.38
C GLN E 34 -12.76 30.06 0.81
N ARG E 35 -12.24 30.20 2.04
CA ARG E 35 -11.96 31.55 2.57
C ARG E 35 -10.49 31.96 2.39
N ILE E 36 -9.57 31.01 2.31
CA ILE E 36 -8.14 31.31 2.06
C ILE E 36 -7.85 31.09 0.58
N TYR E 37 -7.75 29.82 0.15
CA TYR E 37 -7.12 29.51 -1.14
C TYR E 37 -7.93 30.17 -2.27
N ARG E 38 -9.26 30.12 -2.22
CA ARG E 38 -10.14 30.82 -3.22
C ARG E 38 -10.65 32.18 -2.66
N GLY E 39 -10.06 32.69 -1.59
CA GLY E 39 -10.36 34.01 -1.05
C GLY E 39 -9.33 35.04 -1.50
N GLU E 40 -9.13 36.03 -0.65
CA GLU E 40 -8.31 37.21 -0.93
C GLU E 40 -6.85 36.92 -0.61
N VAL E 41 -6.28 35.96 -1.32
CA VAL E 41 -4.84 35.70 -1.18
C VAL E 41 -4.28 35.64 -2.59
N TRP E 42 -2.94 35.60 -2.63
CA TRP E 42 -2.17 35.35 -3.82
C TRP E 42 -1.49 33.99 -3.66
N ASN E 43 -1.83 33.07 -4.56
CA ASN E 43 -1.31 31.68 -4.62
C ASN E 43 -0.09 31.67 -5.55
N TYR E 44 1.03 31.15 -5.06
CA TYR E 44 2.23 30.99 -5.93
C TYR E 44 1.98 29.86 -6.94
N LEU E 45 2.16 30.19 -8.22
CA LEU E 45 1.92 29.26 -9.35
C LEU E 45 3.27 28.75 -9.91
N CYS E 46 4.18 29.63 -10.36
CA CYS E 46 5.46 29.21 -10.98
C CYS E 46 6.29 30.45 -11.25
N LEU E 47 7.49 30.30 -11.81
CA LEU E 47 8.30 31.42 -12.33
C LEU E 47 7.97 31.68 -13.81
N GLU E 48 7.98 32.94 -14.22
CA GLU E 48 7.74 33.32 -15.63
C GLU E 48 8.79 32.62 -16.52
N SER E 49 10.00 32.43 -16.04
CA SER E 49 11.10 31.81 -16.83
C SER E 49 10.82 30.32 -17.04
N GLU E 50 9.87 29.72 -16.34
CA GLU E 50 9.48 28.30 -16.56
C GLU E 50 8.46 28.21 -17.70
N ILE E 51 7.83 29.31 -18.09
CA ILE E 51 6.92 29.34 -19.29
C ILE E 51 7.32 30.53 -20.14
N PRO E 52 8.57 30.52 -20.69
CA PRO E 52 9.13 31.68 -21.38
C PRO E 52 8.46 32.02 -22.72
N GLY E 53 8.03 31.02 -23.49
CA GLY E 53 7.47 31.23 -24.85
C GLY E 53 5.94 31.09 -24.91
N ALA E 54 5.36 31.66 -25.95
CA ALA E 54 3.91 31.62 -26.28
C ALA E 54 3.47 30.17 -26.32
N GLY E 55 2.41 29.84 -25.59
CA GLY E 55 1.86 28.47 -25.54
C GLY E 55 2.45 27.66 -24.40
N ASP E 56 3.59 28.04 -23.81
CA ASP E 56 4.18 27.26 -22.69
C ASP E 56 3.22 27.34 -21.51
N PHE E 57 2.85 26.21 -20.91
CA PHE E 57 1.94 26.11 -19.74
C PHE E 57 2.54 25.14 -18.73
N ARG E 58 2.11 25.27 -17.47
CA ARG E 58 2.33 24.29 -16.39
C ARG E 58 0.97 24.10 -15.72
N THR E 59 0.76 22.95 -15.10
CA THR E 59 -0.41 22.72 -14.24
C THR E 59 0.08 22.69 -12.79
N THR E 60 -0.73 23.20 -11.87
CA THR E 60 -0.39 23.29 -10.46
C THR E 60 -1.70 23.40 -9.70
N PHE E 61 -1.65 23.84 -8.46
CA PHE E 61 -2.84 23.92 -7.60
C PHE E 61 -2.84 25.28 -6.95
N ALA E 62 -4.02 25.79 -6.66
CA ALA E 62 -4.25 26.82 -5.65
C ALA E 62 -5.08 26.16 -4.55
N GLY E 63 -4.46 25.82 -3.41
CA GLY E 63 -5.11 24.90 -2.45
C GLY E 63 -5.40 23.54 -3.10
N GLU E 64 -6.62 23.04 -2.91
CA GLU E 64 -7.14 21.79 -3.51
C GLU E 64 -7.47 22.00 -5.02
N THR E 65 -7.52 23.24 -5.53
CA THR E 65 -8.12 23.50 -6.87
C THR E 65 -7.06 23.43 -7.95
N PRO E 66 -7.15 22.52 -8.94
CA PRO E 66 -6.10 22.44 -9.98
C PRO E 66 -6.18 23.68 -10.89
N ILE E 67 -5.02 24.18 -11.31
CA ILE E 67 -4.82 25.41 -12.08
C ILE E 67 -4.01 25.09 -13.34
N VAL E 68 -4.29 25.80 -14.42
CA VAL E 68 -3.43 25.96 -15.61
C VAL E 68 -2.83 27.35 -15.56
N VAL E 69 -1.52 27.45 -15.80
CA VAL E 69 -0.82 28.76 -15.96
C VAL E 69 -0.12 28.72 -17.33
N VAL E 70 -0.25 29.77 -18.14
CA VAL E 70 0.14 29.71 -19.58
C VAL E 70 0.56 31.11 -20.05
N ARG E 71 1.57 31.14 -20.91
CA ARG E 71 2.05 32.34 -21.62
C ARG E 71 1.29 32.44 -22.94
N ASP E 72 0.82 33.63 -23.32
CA ASP E 72 0.13 33.85 -24.60
C ASP E 72 1.05 34.64 -25.54
N ALA E 73 0.60 34.88 -26.79
CA ALA E 73 1.39 35.54 -27.87
C ALA E 73 1.65 37.01 -27.49
N ASP E 74 0.87 37.61 -26.59
CA ASP E 74 1.07 39.01 -26.11
C ASP E 74 2.22 39.04 -25.08
N GLN E 75 2.81 37.88 -24.77
CA GLN E 75 3.91 37.72 -23.78
C GLN E 75 3.36 37.88 -22.35
N GLU E 76 2.03 37.95 -22.19
CA GLU E 76 1.40 37.98 -20.84
C GLU E 76 1.21 36.57 -20.33
N ILE E 77 1.03 36.43 -19.02
CA ILE E 77 0.72 35.13 -18.37
C ILE E 77 -0.71 35.14 -17.85
N TYR E 78 -1.44 34.06 -18.14
CA TYR E 78 -2.84 33.85 -17.72
C TYR E 78 -2.88 32.59 -16.86
N ALA E 79 -3.93 32.49 -16.05
CA ALA E 79 -4.20 31.31 -15.20
C ALA E 79 -5.71 31.14 -15.04
N PHE E 80 -6.14 29.88 -15.04
CA PHE E 80 -7.55 29.47 -14.87
C PHE E 80 -7.64 28.09 -14.23
N GLU E 81 -8.79 27.84 -13.62
CA GLU E 81 -9.12 26.55 -12.99
C GLU E 81 -9.07 25.44 -14.05
N ASN E 82 -8.37 24.36 -13.76
CA ASN E 82 -8.21 23.22 -14.70
C ASN E 82 -9.44 22.30 -14.62
N ARG E 83 -10.60 22.85 -14.92
CA ARG E 83 -11.93 22.17 -14.76
C ARG E 83 -12.78 22.53 -15.98
N CYS E 84 -13.14 21.52 -16.76
CA CYS E 84 -13.97 21.70 -17.98
C CYS E 84 -15.38 22.10 -17.51
N ALA E 85 -15.98 23.04 -18.22
CA ALA E 85 -17.25 23.67 -17.82
C ALA E 85 -18.41 22.75 -18.24
N HIS E 86 -18.11 21.65 -18.93
CA HIS E 86 -19.12 20.65 -19.33
C HIS E 86 -19.45 19.79 -18.09
N ARG E 87 -18.66 18.73 -17.86
CA ARG E 87 -18.93 17.74 -16.78
C ARG E 87 -17.78 17.68 -15.77
N GLY E 88 -16.85 18.64 -15.82
CA GLY E 88 -15.89 18.90 -14.74
C GLY E 88 -14.52 18.24 -14.91
N ALA E 89 -14.23 17.58 -16.03
CA ALA E 89 -12.91 16.89 -16.22
C ALA E 89 -11.72 17.88 -16.16
N LEU E 90 -10.59 17.44 -15.64
CA LEU E 90 -9.33 18.16 -15.89
C LEU E 90 -9.26 18.41 -17.39
N ILE E 91 -8.85 19.61 -17.78
CA ILE E 91 -8.67 20.05 -19.19
C ILE E 91 -7.27 19.64 -19.66
N ALA E 92 -6.22 20.11 -18.98
CA ALA E 92 -4.80 19.85 -19.27
C ALA E 92 -4.33 18.71 -18.37
N LEU E 93 -3.87 17.60 -18.95
CA LEU E 93 -3.50 16.36 -18.24
C LEU E 93 -1.99 16.30 -18.00
N GLU E 94 -1.19 17.16 -18.64
CA GLU E 94 0.28 17.18 -18.50
C GLU E 94 0.71 18.18 -17.43
N LYS E 95 1.84 17.93 -16.80
CA LYS E 95 2.46 18.83 -15.79
C LYS E 95 2.94 20.09 -16.51
N SER E 96 3.33 19.96 -17.76
CA SER E 96 3.85 21.07 -18.58
C SER E 96 3.78 20.72 -20.06
N GLY E 97 3.84 21.72 -20.90
CA GLY E 97 3.83 21.52 -22.37
C GLY E 97 3.72 22.85 -23.07
N ARG E 98 3.42 22.78 -24.35
CA ARG E 98 3.25 23.96 -25.21
C ARG E 98 2.02 23.70 -26.06
N THR E 99 1.06 24.60 -26.10
CA THR E 99 -0.15 24.37 -26.90
C THR E 99 -0.70 25.69 -27.45
N ASP E 100 -1.44 25.60 -28.54
CA ASP E 100 -2.26 26.68 -29.14
C ASP E 100 -3.50 26.86 -28.29
N SER E 101 -4.15 25.77 -27.96
CA SER E 101 -5.40 25.81 -27.19
C SER E 101 -5.54 24.52 -26.40
N PHE E 102 -6.38 24.54 -25.39
CA PHE E 102 -6.52 23.43 -24.45
C PHE E 102 -7.81 22.73 -24.89
N GLN E 103 -7.76 21.42 -25.00
CA GLN E 103 -8.95 20.67 -25.38
C GLN E 103 -9.19 19.59 -24.34
N CYS E 104 -10.38 19.56 -23.76
CA CYS E 104 -10.84 18.47 -22.88
C CYS E 104 -10.97 17.17 -23.69
N VAL E 105 -10.41 16.07 -23.15
CA VAL E 105 -10.39 14.76 -23.85
C VAL E 105 -11.78 14.12 -23.85
N TYR E 106 -12.65 14.48 -22.92
CA TYR E 106 -13.90 13.72 -22.69
C TYR E 106 -14.87 13.97 -23.85
N HIS E 107 -15.22 15.23 -24.13
CA HIS E 107 -16.14 15.57 -25.26
C HIS E 107 -15.60 16.69 -26.12
N ALA E 108 -14.29 16.87 -26.16
CA ALA E 108 -13.59 17.76 -27.13
C ALA E 108 -14.10 19.21 -27.03
N TRP E 109 -14.40 19.73 -25.84
CA TRP E 109 -14.61 21.19 -25.66
C TRP E 109 -13.23 21.85 -25.67
N SER E 110 -13.10 22.97 -26.39
CA SER E 110 -11.87 23.76 -26.58
C SER E 110 -11.88 25.04 -25.71
N TYR E 111 -10.73 25.42 -25.19
CA TYR E 111 -10.51 26.64 -24.36
C TYR E 111 -9.30 27.37 -24.94
N ASN E 112 -9.36 28.69 -25.05
CA ASN E 112 -8.15 29.49 -25.38
C ASN E 112 -7.25 29.58 -24.14
N ARG E 113 -6.13 30.26 -24.25
CA ARG E 113 -5.15 30.37 -23.16
C ARG E 113 -5.63 31.31 -22.05
N GLN E 114 -6.77 31.96 -22.22
CA GLN E 114 -7.37 32.76 -21.12
C GLN E 114 -8.30 31.86 -20.32
N GLY E 115 -8.66 30.68 -20.84
CA GLY E 115 -9.67 29.79 -20.24
C GLY E 115 -11.09 30.00 -20.74
N ASP E 116 -11.28 30.75 -21.83
CA ASP E 116 -12.62 30.95 -22.49
C ASP E 116 -12.97 29.69 -23.29
N LEU E 117 -14.22 29.25 -23.16
CA LEU E 117 -14.79 28.16 -23.96
C LEU E 117 -14.91 28.67 -25.40
N THR E 118 -14.13 28.12 -26.34
CA THR E 118 -14.14 28.58 -27.75
C THR E 118 -14.86 27.55 -28.64
N GLY E 119 -15.09 26.33 -28.16
CA GLY E 119 -15.65 25.30 -29.04
C GLY E 119 -16.33 24.24 -28.24
N VAL E 120 -17.49 23.82 -28.71
CA VAL E 120 -18.29 22.72 -28.09
C VAL E 120 -18.55 21.72 -29.18
N ALA E 121 -18.03 20.50 -29.06
CA ALA E 121 -18.16 19.47 -30.13
C ALA E 121 -19.64 19.23 -30.38
N PHE E 122 -20.09 19.32 -31.63
CA PHE E 122 -21.49 19.01 -32.00
C PHE E 122 -22.44 19.92 -31.20
N GLU E 123 -21.98 21.15 -30.95
CA GLU E 123 -22.82 22.25 -30.41
C GLU E 123 -24.11 22.36 -31.22
N LYS E 124 -24.09 22.29 -32.55
CA LYS E 124 -25.28 22.59 -33.38
C LYS E 124 -25.98 21.29 -33.75
N GLY E 125 -25.61 20.17 -33.14
CA GLY E 125 -26.18 18.87 -33.51
C GLY E 125 -25.67 18.38 -34.89
N VAL E 126 -26.22 17.24 -35.30
CA VAL E 126 -25.76 16.48 -36.50
C VAL E 126 -27.01 16.23 -37.31
N LYS E 127 -27.03 16.63 -38.57
CA LYS E 127 -28.18 16.32 -39.45
C LYS E 127 -29.44 16.93 -38.81
N GLY E 128 -29.33 18.09 -38.15
CA GLY E 128 -30.47 18.78 -37.52
C GLY E 128 -31.04 18.08 -36.29
N GLN E 129 -30.26 17.24 -35.62
CA GLN E 129 -30.69 16.47 -34.41
C GLN E 129 -29.67 16.67 -33.29
N GLY E 130 -30.18 16.77 -32.06
CA GLY E 130 -29.37 16.92 -30.83
C GLY E 130 -28.53 18.20 -30.79
N GLY E 131 -27.36 18.14 -30.12
CA GLY E 131 -26.55 19.35 -29.77
C GLY E 131 -27.29 20.17 -28.58
N MET E 132 -26.72 21.40 -28.46
CA MET E 132 -27.30 22.37 -27.45
C MET E 132 -28.63 23.00 -27.89
N PRO E 133 -29.48 23.37 -26.91
CA PRO E 133 -30.61 24.25 -27.15
C PRO E 133 -30.16 25.65 -27.59
N ALA E 134 -31.03 26.30 -28.38
CA ALA E 134 -30.95 27.71 -28.82
C ALA E 134 -30.38 28.59 -27.70
N SER E 135 -30.85 28.42 -26.46
CA SER E 135 -30.53 29.24 -25.25
C SER E 135 -29.08 29.09 -24.80
N PHE E 136 -28.35 28.05 -25.24
CA PHE E 136 -26.99 27.74 -24.74
C PHE E 136 -26.04 28.71 -25.40
N CYS E 137 -25.17 29.32 -24.60
CA CYS E 137 -24.23 30.35 -25.05
C CYS E 137 -22.86 30.06 -24.42
N LYS E 138 -21.87 29.75 -25.25
CA LYS E 138 -20.51 29.31 -24.83
C LYS E 138 -19.93 30.31 -23.82
N GLU E 139 -20.13 31.59 -24.08
CA GLU E 139 -19.50 32.71 -23.34
C GLU E 139 -20.06 32.71 -21.92
N GLU E 140 -21.12 31.97 -21.61
CA GLU E 140 -21.70 31.89 -20.25
C GLU E 140 -21.14 30.69 -19.47
N HIS E 141 -20.22 29.90 -20.06
CA HIS E 141 -19.65 28.70 -19.41
C HIS E 141 -18.12 28.75 -19.52
N GLY E 142 -17.46 28.46 -18.41
CA GLY E 142 -15.99 28.51 -18.41
C GLY E 142 -15.50 28.21 -17.01
N PRO E 143 -14.27 27.66 -16.87
CA PRO E 143 -13.66 27.55 -15.55
C PRO E 143 -13.46 28.97 -14.97
N ARG E 144 -13.30 29.07 -13.67
CA ARG E 144 -12.98 30.35 -13.00
C ARG E 144 -11.59 30.78 -13.48
N LYS E 145 -11.48 32.01 -13.92
CA LYS E 145 -10.19 32.64 -14.23
C LYS E 145 -9.56 33.20 -12.96
N LEU E 146 -8.22 33.24 -12.94
CA LEU E 146 -7.45 33.90 -11.87
C LEU E 146 -6.91 35.23 -12.35
N ARG E 147 -6.96 36.20 -11.43
CA ARG E 147 -6.19 37.45 -11.50
C ARG E 147 -4.72 37.06 -11.31
N VAL E 148 -3.86 37.55 -12.17
CA VAL E 148 -2.43 37.14 -12.22
C VAL E 148 -1.60 38.37 -11.94
N ALA E 149 -0.61 38.17 -11.08
CA ALA E 149 0.41 39.18 -10.77
C ALA E 149 1.74 38.50 -10.99
N VAL E 150 2.67 39.21 -11.62
CA VAL E 150 4.07 38.75 -11.75
C VAL E 150 4.93 39.75 -10.99
N PHE E 151 5.65 39.28 -9.98
CA PHE E 151 6.49 40.15 -9.13
C PHE E 151 7.89 39.53 -9.10
N CYS E 152 8.89 40.21 -9.66
CA CYS E 152 10.29 39.69 -9.80
C CYS E 152 10.27 38.24 -10.36
N GLY E 153 9.45 38.00 -11.37
CA GLY E 153 9.38 36.73 -12.09
C GLY E 153 8.45 35.73 -11.43
N LEU E 154 7.96 36.04 -10.21
CA LEU E 154 7.10 35.11 -9.45
C LEU E 154 5.67 35.33 -9.94
N VAL E 155 5.03 34.26 -10.36
CA VAL E 155 3.64 34.33 -10.90
C VAL E 155 2.73 33.90 -9.78
N PHE E 156 1.87 34.81 -9.37
CA PHE E 156 0.82 34.55 -8.36
C PHE E 156 -0.55 34.64 -9.05
N GLY E 157 -1.51 33.91 -8.51
CA GLY E 157 -2.90 34.00 -8.92
C GLY E 157 -3.86 34.07 -7.75
N SER E 158 -4.92 34.86 -7.94
CA SER E 158 -6.06 34.93 -7.02
C SER E 158 -7.36 34.62 -7.74
N PHE E 159 -8.28 33.93 -7.06
CA PHE E 159 -9.68 33.76 -7.50
C PHE E 159 -10.47 35.05 -7.28
N SER E 160 -10.00 35.95 -6.43
CA SER E 160 -10.74 37.18 -6.09
C SER E 160 -10.25 38.35 -6.92
N GLU E 161 -11.16 39.10 -7.56
CA GLU E 161 -10.81 40.37 -8.23
C GLU E 161 -10.62 41.46 -7.17
N ASP E 162 -11.01 41.26 -5.93
CA ASP E 162 -10.93 42.33 -4.88
C ASP E 162 -9.67 42.18 -4.00
N VAL E 163 -8.87 41.14 -4.19
CA VAL E 163 -7.56 40.97 -3.49
C VAL E 163 -6.77 42.27 -3.65
N PRO E 164 -6.07 42.78 -2.63
CA PRO E 164 -5.17 43.94 -2.88
C PRO E 164 -4.14 43.58 -3.95
N SER E 165 -3.56 44.59 -4.60
CA SER E 165 -2.40 44.42 -5.53
C SER E 165 -1.33 43.58 -4.84
N ILE E 166 -0.49 42.90 -5.60
CA ILE E 166 0.60 42.09 -5.00
C ILE E 166 1.50 43.00 -4.17
N GLU E 167 1.75 44.24 -4.60
CA GLU E 167 2.61 45.21 -3.91
C GLU E 167 2.00 45.52 -2.52
N ASP E 168 0.70 45.76 -2.45
CA ASP E 168 0.06 46.14 -1.16
C ASP E 168 0.00 44.88 -0.29
N TYR E 169 -0.30 43.74 -0.90
CA TYR E 169 -0.42 42.43 -0.20
C TYR E 169 0.91 42.08 0.49
N LEU E 170 2.02 42.24 -0.22
CA LEU E 170 3.37 41.96 0.33
C LEU E 170 3.80 43.07 1.31
N GLY E 171 3.54 44.34 0.97
CA GLY E 171 4.10 45.54 1.62
C GLY E 171 5.55 45.80 1.19
N PRO E 172 6.03 47.04 1.42
CA PRO E 172 7.32 47.48 0.90
C PRO E 172 8.48 46.55 1.34
N GLU E 173 8.48 46.15 2.60
CA GLU E 173 9.68 45.56 3.25
C GLU E 173 9.85 44.16 2.63
N ILE E 174 8.77 43.37 2.51
CA ILE E 174 8.82 42.06 1.82
C ILE E 174 9.17 42.26 0.33
N CYS E 175 8.57 43.25 -0.35
CA CYS E 175 8.88 43.56 -1.77
C CYS E 175 10.39 43.73 -1.90
N GLU E 176 11.03 44.56 -1.06
CA GLU E 176 12.48 44.80 -1.18
C GLU E 176 13.21 43.47 -0.91
N ARG E 177 12.77 42.68 0.06
CA ARG E 177 13.49 41.42 0.44
C ARG E 177 13.38 40.38 -0.70
N ILE E 178 12.27 40.35 -1.44
CA ILE E 178 12.18 39.50 -2.68
C ILE E 178 13.15 40.05 -3.74
N GLU E 179 13.12 41.35 -4.01
CA GLU E 179 13.91 42.01 -5.07
C GLU E 179 15.40 41.75 -4.82
N ARG E 180 15.79 41.81 -3.55
CA ARG E 180 17.20 41.62 -3.12
C ARG E 180 17.69 40.29 -3.70
N VAL E 181 16.86 39.24 -3.65
CA VAL E 181 17.29 37.90 -4.10
C VAL E 181 17.03 37.76 -5.60
N LEU E 182 15.82 38.09 -6.05
CA LEU E 182 15.45 38.02 -7.49
C LEU E 182 15.76 39.36 -8.16
N HIS E 183 17.03 39.75 -8.15
CA HIS E 183 17.54 41.03 -8.69
C HIS E 183 17.99 40.86 -10.14
N LYS E 184 18.08 39.65 -10.67
CA LYS E 184 18.60 39.42 -12.05
C LYS E 184 18.10 38.06 -12.51
N PRO E 185 18.20 37.75 -13.80
CA PRO E 185 17.57 36.54 -14.33
C PRO E 185 18.07 35.28 -13.59
N VAL E 186 17.14 34.39 -13.26
CA VAL E 186 17.37 33.11 -12.55
C VAL E 186 17.12 31.94 -13.54
N GLU E 187 17.69 30.79 -13.24
CA GLU E 187 17.59 29.54 -14.02
C GLU E 187 17.24 28.42 -13.03
N VAL E 188 16.23 27.62 -13.33
CA VAL E 188 15.88 26.42 -12.56
C VAL E 188 17.03 25.42 -12.73
N ILE E 189 17.57 24.94 -11.59
CA ILE E 189 18.67 23.94 -11.61
C ILE E 189 18.18 22.60 -11.04
N GLY E 190 16.92 22.54 -10.63
CA GLY E 190 16.35 21.26 -10.17
C GLY E 190 15.02 21.46 -9.49
N ARG E 191 14.21 20.41 -9.55
CA ARG E 191 12.88 20.36 -8.93
C ARG E 191 12.80 19.09 -8.08
N PHE E 192 12.27 19.21 -6.86
CA PHE E 192 12.02 18.05 -5.95
C PHE E 192 10.78 18.33 -5.11
N THR E 193 9.99 17.31 -4.86
CA THR E 193 8.77 17.36 -4.03
C THR E 193 9.02 16.54 -2.77
N GLN E 194 8.59 17.10 -1.65
CA GLN E 194 8.50 16.37 -0.35
C GLN E 194 7.02 16.17 -0.02
N LYS E 195 6.59 14.97 0.27
CA LYS E 195 5.22 14.76 0.80
C LYS E 195 5.33 14.77 2.34
N LEU E 196 4.67 15.74 2.97
CA LEU E 196 4.80 15.95 4.43
C LEU E 196 3.66 15.25 5.14
N PRO E 197 3.92 14.41 6.14
CA PRO E 197 2.85 13.75 6.92
C PRO E 197 2.25 14.69 8.00
N ASN E 198 1.84 15.89 7.57
CA ASN E 198 1.24 16.89 8.46
C ASN E 198 0.31 17.81 7.68
N ASN E 199 -0.69 18.32 8.39
CA ASN E 199 -1.52 19.48 7.99
C ASN E 199 -0.60 20.57 7.46
N TRP E 200 -0.98 21.22 6.37
CA TRP E 200 -0.16 22.26 5.74
C TRP E 200 0.31 23.31 6.76
N LYS E 201 -0.56 23.68 7.68
CA LYS E 201 -0.30 24.81 8.60
C LYS E 201 0.95 24.51 9.41
N LEU E 202 1.16 23.28 9.79
CA LEU E 202 2.31 22.93 10.67
C LEU E 202 3.61 23.20 9.91
N TYR E 203 3.63 23.00 8.60
CA TYR E 203 4.86 23.27 7.80
C TYR E 203 5.02 24.81 7.66
N PHE E 204 3.95 25.53 7.38
CA PHE E 204 4.05 27.01 7.16
C PHE E 204 4.43 27.67 8.48
N GLU E 205 3.90 27.20 9.62
CA GLU E 205 4.36 27.68 10.94
C GLU E 205 5.86 27.41 11.07
N ASN E 206 6.33 26.24 10.65
CA ASN E 206 7.75 25.86 10.78
C ASN E 206 8.64 26.79 9.94
N VAL E 207 8.20 27.18 8.76
CA VAL E 207 8.95 28.16 7.92
C VAL E 207 9.14 29.45 8.72
N LYS E 208 8.11 29.86 9.47
CA LYS E 208 8.05 31.15 10.19
C LYS E 208 8.65 31.00 11.59
N ASP E 209 9.14 29.81 11.93
CA ASP E 209 9.53 29.49 13.34
C ASP E 209 10.99 29.85 13.53
N SER E 210 11.26 31.13 13.78
CA SER E 210 12.62 31.69 14.00
C SER E 210 13.20 31.06 15.26
N TYR E 211 12.36 30.67 16.22
CA TYR E 211 12.79 29.99 17.48
C TYR E 211 13.50 28.68 17.17
N HIS E 212 12.87 27.81 16.40
CA HIS E 212 13.43 26.50 15.97
C HIS E 212 14.67 26.71 15.09
N ALA E 213 14.58 27.58 14.12
CA ALA E 213 15.65 27.92 13.15
C ALA E 213 16.87 28.47 13.86
N SER E 214 16.68 29.37 14.84
CA SER E 214 17.81 29.98 15.56
C SER E 214 18.43 28.94 16.51
N LEU E 215 17.63 28.03 17.08
CA LEU E 215 18.15 26.93 17.93
C LEU E 215 19.04 26.00 17.11
N LEU E 216 18.54 25.61 15.96
CA LEU E 216 19.22 24.69 15.02
C LEU E 216 20.51 25.31 14.46
N HIS E 217 20.49 26.59 14.07
CA HIS E 217 21.66 27.39 13.63
CA HIS E 217 21.72 27.26 13.58
C HIS E 217 22.71 27.45 14.74
N MET E 218 22.27 27.73 15.98
CA MET E 218 23.20 27.82 17.15
C MET E 218 23.88 26.46 17.40
N PHE E 219 23.18 25.37 17.18
CA PHE E 219 23.78 24.00 17.18
C PHE E 219 24.85 23.87 16.09
N PHE E 220 24.62 24.33 14.85
CA PHE E 220 25.54 24.15 13.69
C PHE E 220 26.83 24.94 13.90
N THR E 221 26.78 26.07 14.61
CA THR E 221 27.99 26.83 15.05
C THR E 221 28.71 26.17 16.24
N THR E 222 28.16 25.13 16.90
CA THR E 222 28.88 24.16 17.78
C THR E 222 30.07 23.58 16.99
N PHE E 223 29.91 23.34 15.69
CA PHE E 223 30.92 22.68 14.83
C PHE E 223 31.99 23.70 14.42
N GLU E 224 31.74 25.00 14.62
CA GLU E 224 32.73 26.12 14.53
C GLU E 224 33.05 26.40 13.04
N LEU E 225 32.04 26.24 12.17
CA LEU E 225 32.20 26.05 10.70
C LEU E 225 32.32 27.42 9.99
N ASN E 226 31.69 28.48 10.52
CA ASN E 226 31.90 29.92 10.14
C ASN E 226 32.85 30.62 11.15
N ARG E 227 32.37 30.86 12.39
CA ARG E 227 33.13 31.45 13.54
C ARG E 227 32.95 33.00 13.60
N LEU E 228 32.09 33.60 12.76
CA LEU E 228 31.93 35.07 12.61
C LEU E 228 30.64 35.53 13.30
N SER E 229 30.67 36.52 14.18
CA SER E 229 29.48 37.02 14.94
C SER E 229 28.35 37.40 13.96
N GLN E 230 27.13 37.06 14.33
CA GLN E 230 25.91 37.32 13.57
C GLN E 230 24.86 37.94 14.47
N LYS E 231 23.96 38.67 13.87
CA LYS E 231 22.75 39.26 14.47
C LYS E 231 21.63 38.85 13.53
N GLY E 232 20.45 38.66 14.07
CA GLY E 232 19.30 38.17 13.34
C GLY E 232 18.13 39.10 13.60
N GLY E 233 17.06 38.89 12.88
CA GLY E 233 15.79 39.51 13.18
C GLY E 233 14.71 38.85 12.37
N VAL E 234 13.51 39.31 12.65
CA VAL E 234 12.24 38.81 12.09
C VAL E 234 11.49 40.03 11.61
N ILE E 235 11.00 39.99 10.40
CA ILE E 235 10.12 41.05 9.85
C ILE E 235 8.76 40.43 9.62
N VAL E 236 7.70 41.11 10.04
CA VAL E 236 6.33 40.64 9.81
C VAL E 236 5.60 41.81 9.14
N ASP E 237 4.88 41.57 8.05
CA ASP E 237 4.09 42.61 7.34
C ASP E 237 2.94 43.03 8.26
N GLU E 238 2.14 44.02 7.86
CA GLU E 238 1.04 44.51 8.74
CA GLU E 238 0.99 44.54 8.66
C GLU E 238 -0.04 43.42 8.89
N SER E 239 -0.29 42.59 7.88
CA SER E 239 -1.39 41.57 7.97
C SER E 239 -0.99 40.38 8.86
N GLY E 240 0.30 40.17 9.11
CA GLY E 240 0.82 38.99 9.85
C GLY E 240 1.18 37.81 8.95
N GLY E 241 0.65 37.80 7.73
CA GLY E 241 0.71 36.63 6.86
C GLY E 241 2.12 36.34 6.31
N HIS E 242 2.96 37.37 6.22
CA HIS E 242 4.25 37.29 5.53
C HIS E 242 5.36 37.58 6.54
N HIS E 243 6.47 36.88 6.43
CA HIS E 243 7.62 37.16 7.30
C HIS E 243 8.91 37.12 6.51
N VAL E 244 9.95 37.66 7.10
CA VAL E 244 11.37 37.40 6.77
C VAL E 244 12.10 37.07 8.07
N SER E 245 12.87 36.01 8.05
CA SER E 245 13.83 35.68 9.11
C SER E 245 15.22 35.81 8.50
N TYR E 246 16.12 36.54 9.11
CA TYR E 246 17.46 36.74 8.56
C TYR E 246 18.53 36.63 9.65
N SER E 247 19.75 36.44 9.16
CA SER E 247 21.00 36.51 9.92
C SER E 247 22.05 37.21 9.06
N MET E 248 22.89 38.02 9.69
CA MET E 248 23.87 38.84 8.96
C MET E 248 25.14 39.02 9.79
N ILE E 249 26.23 39.19 9.08
CA ILE E 249 27.50 39.71 9.65
C ILE E 249 27.49 41.22 9.45
N ASP E 250 28.38 41.88 10.19
CA ASP E 250 28.64 43.31 10.07
C ASP E 250 29.92 43.40 9.23
N ARG E 251 29.78 43.54 7.92
CA ARG E 251 30.84 43.81 6.91
C ARG E 251 31.78 44.87 7.51
N GLY E 252 33.05 44.52 7.68
CA GLY E 252 34.03 45.48 8.26
C GLY E 252 33.96 45.65 9.77
N ALA E 253 33.37 44.73 10.53
CA ALA E 253 33.79 44.53 11.94
C ALA E 253 35.13 43.78 11.93
N LYS E 254 35.98 43.99 12.93
CA LYS E 254 37.21 43.16 13.16
C LYS E 254 36.85 41.95 14.04
N ASP E 255 37.58 40.82 13.87
CA ASP E 255 37.40 39.47 14.51
C ASP E 255 35.95 39.24 14.95
N ARG E 271 36.55 19.77 11.44
CA ARG E 271 35.39 18.83 11.43
C ARG E 271 35.19 18.25 10.02
N LEU E 272 34.76 19.04 9.01
CA LEU E 272 34.46 18.63 7.59
C LEU E 272 35.72 18.20 6.84
N LYS E 273 35.73 17.01 6.23
CA LYS E 273 36.89 16.56 5.42
C LYS E 273 36.86 17.27 4.06
N ASP E 274 35.72 17.76 3.59
CA ASP E 274 35.67 18.62 2.37
C ASP E 274 34.96 19.90 2.78
N PRO E 275 35.76 20.90 3.23
CA PRO E 275 35.24 22.20 3.63
C PRO E 275 34.47 22.91 2.50
N SER E 276 34.68 22.52 1.24
CA SER E 276 34.06 23.17 0.04
C SER E 276 32.52 23.14 0.11
N LEU E 277 31.92 22.31 0.96
CA LEU E 277 30.44 22.35 1.20
C LEU E 277 30.03 23.77 1.59
N LEU E 278 30.83 24.49 2.38
CA LEU E 278 30.43 25.80 2.97
C LEU E 278 31.23 26.95 2.34
N GLU E 279 32.21 26.65 1.49
CA GLU E 279 32.90 27.70 0.67
C GLU E 279 31.88 28.33 -0.29
N GLY E 280 31.87 29.65 -0.30
CA GLY E 280 30.85 30.52 -0.88
C GLY E 280 31.49 31.80 -1.36
N PHE E 281 30.72 32.76 -1.81
CA PHE E 281 31.26 33.94 -2.50
C PHE E 281 30.27 35.05 -2.20
N GLU E 282 30.77 36.26 -2.11
CA GLU E 282 29.90 37.45 -1.89
C GLU E 282 29.22 37.74 -3.22
N GLU E 283 27.93 38.00 -3.19
CA GLU E 283 27.16 38.37 -4.40
C GLU E 283 25.96 39.22 -4.01
N PHE E 284 25.82 39.66 -2.77
CA PHE E 284 24.79 40.66 -2.37
C PHE E 284 25.51 41.87 -1.74
N GLU E 285 24.94 43.06 -1.91
CA GLU E 285 25.50 44.32 -1.38
C GLU E 285 25.05 44.44 0.09
N ASP E 286 25.31 43.43 0.92
CA ASP E 286 24.94 43.45 2.34
C ASP E 286 25.57 42.27 3.08
N GLY E 287 25.38 42.17 4.40
CA GLY E 287 26.04 41.12 5.18
C GLY E 287 25.18 39.89 5.33
N VAL E 288 24.02 39.85 4.67
CA VAL E 288 22.99 38.82 4.96
C VAL E 288 23.45 37.45 4.43
N THR E 289 23.66 36.50 5.36
CA THR E 289 24.09 35.09 5.12
C THR E 289 22.88 34.18 5.00
N LEU E 290 21.76 34.59 5.58
CA LEU E 290 20.53 33.77 5.60
C LEU E 290 19.33 34.70 5.52
N GLN E 291 18.40 34.43 4.61
CA GLN E 291 17.10 35.12 4.54
C GLN E 291 16.06 34.11 4.06
N ILE E 292 15.11 33.84 4.91
CA ILE E 292 13.91 33.02 4.65
C ILE E 292 12.70 33.95 4.63
N LEU E 293 11.91 33.88 3.58
CA LEU E 293 10.80 34.82 3.36
C LEU E 293 9.58 33.99 3.02
N SER E 294 8.46 34.28 3.69
CA SER E 294 7.18 33.56 3.52
C SER E 294 6.13 34.54 3.04
N VAL E 295 5.28 34.08 2.12
CA VAL E 295 4.10 34.85 1.66
C VAL E 295 2.89 33.97 1.81
N PHE E 296 1.98 34.37 2.69
CA PHE E 296 0.70 33.70 2.96
C PHE E 296 0.01 33.42 1.61
N PRO E 297 -0.57 32.21 1.38
CA PRO E 297 -0.57 31.09 2.35
C PRO E 297 0.43 29.93 2.16
N GLY E 298 1.39 30.04 1.23
CA GLY E 298 2.22 28.87 0.90
C GLY E 298 3.43 29.14 0.04
N PHE E 299 3.95 30.36 -0.01
CA PHE E 299 5.16 30.65 -0.81
C PHE E 299 6.36 30.86 0.12
N VAL E 300 7.51 30.30 -0.22
CA VAL E 300 8.79 30.56 0.47
C VAL E 300 9.86 30.92 -0.56
N LEU E 301 10.63 31.98 -0.30
CA LEU E 301 11.88 32.31 -1.03
C LEU E 301 13.02 32.23 -0.05
N GLN E 302 14.08 31.48 -0.38
CA GLN E 302 15.20 31.26 0.53
C GLN E 302 16.50 31.68 -0.14
N GLN E 303 17.34 32.34 0.65
CA GLN E 303 18.76 32.57 0.37
C GLN E 303 19.52 32.09 1.62
N ILE E 304 20.28 31.02 1.50
CA ILE E 304 21.21 30.48 2.53
C ILE E 304 22.60 30.47 1.89
N GLN E 305 23.49 31.36 2.31
CA GLN E 305 24.73 31.63 1.56
C GLN E 305 24.41 31.82 0.08
N ASN E 306 24.93 30.97 -0.81
CA ASN E 306 24.70 31.04 -2.28
C ASN E 306 23.60 30.07 -2.72
N SER E 307 22.91 29.43 -1.77
CA SER E 307 21.81 28.49 -2.08
C SER E 307 20.52 29.27 -2.18
N ILE E 308 19.95 29.34 -3.38
CA ILE E 308 18.69 30.06 -3.68
C ILE E 308 17.64 29.01 -4.03
N ALA E 309 16.42 29.16 -3.54
CA ALA E 309 15.31 28.27 -3.92
C ALA E 309 13.98 28.94 -3.65
N VAL E 310 12.97 28.40 -4.30
CA VAL E 310 11.56 28.75 -4.04
C VAL E 310 10.91 27.48 -3.51
N ARG E 311 9.96 27.58 -2.58
CA ARG E 311 9.09 26.47 -2.15
C ARG E 311 7.64 26.86 -2.34
N GLN E 312 6.87 25.87 -2.73
CA GLN E 312 5.41 25.98 -2.87
C GLN E 312 4.81 24.96 -1.92
N LEU E 313 3.97 25.38 -0.99
CA LEU E 313 3.31 24.46 -0.02
C LEU E 313 1.86 24.29 -0.44
N LEU E 314 1.39 23.06 -0.59
CA LEU E 314 -0.03 22.81 -0.95
C LEU E 314 -0.63 21.88 0.10
N PRO E 315 -1.90 22.11 0.47
CA PRO E 315 -2.65 21.19 1.30
C PRO E 315 -2.99 19.95 0.45
N LYS E 316 -2.97 18.76 1.02
CA LYS E 316 -3.40 17.57 0.24
C LYS E 316 -4.56 16.87 0.91
N SER E 317 -4.47 16.64 2.20
CA SER E 317 -5.53 16.01 3.00
C SER E 317 -5.38 16.63 4.39
N ILE E 318 -6.26 16.32 5.32
CA ILE E 318 -6.24 17.01 6.64
C ILE E 318 -4.86 16.83 7.31
N SER E 319 -4.20 15.68 7.15
CA SER E 319 -2.90 15.34 7.78
C SER E 319 -1.78 15.12 6.77
N SER E 320 -1.85 15.70 5.58
CA SER E 320 -0.75 15.56 4.58
CA SER E 320 -0.74 15.57 4.60
C SER E 320 -0.64 16.85 3.77
N SER E 321 0.56 17.18 3.36
CA SER E 321 0.76 18.35 2.50
C SER E 321 1.93 18.09 1.57
N GLU E 322 2.06 18.92 0.56
CA GLU E 322 3.09 18.79 -0.47
C GLU E 322 3.93 20.07 -0.44
N LEU E 323 5.23 19.88 -0.44
CA LEU E 323 6.22 20.94 -0.59
C LEU E 323 6.99 20.72 -1.90
N ASN E 324 6.83 21.65 -2.82
CA ASN E 324 7.51 21.63 -4.14
C ASN E 324 8.69 22.61 -4.09
N TRP E 325 9.90 22.08 -4.21
CA TRP E 325 11.14 22.87 -4.29
C TRP E 325 11.46 23.19 -5.75
N THR E 326 11.80 24.43 -6.01
CA THR E 326 12.44 24.87 -7.25
C THR E 326 13.82 25.45 -6.86
N TYR E 327 14.89 24.75 -7.16
CA TYR E 327 16.28 25.23 -6.92
C TYR E 327 16.65 26.20 -8.03
N LEU E 328 17.39 27.24 -7.67
CA LEU E 328 17.74 28.36 -8.61
C LEU E 328 19.23 28.65 -8.61
N GLY E 329 19.74 28.91 -9.81
CA GLY E 329 21.01 29.63 -10.04
C GLY E 329 20.66 30.94 -10.71
N TYR E 330 21.66 31.77 -10.94
CA TYR E 330 21.51 32.97 -11.80
C TYR E 330 22.02 32.62 -13.19
N ALA E 331 21.33 33.10 -14.22
CA ALA E 331 21.68 32.85 -15.63
C ALA E 331 23.14 33.24 -15.89
N ASP E 332 23.68 34.22 -15.18
CA ASP E 332 25.06 34.72 -15.44
C ASP E 332 26.11 33.93 -14.61
N ASP E 333 25.73 32.89 -13.85
CA ASP E 333 26.71 32.12 -13.04
C ASP E 333 27.85 31.63 -13.94
N SER E 334 29.08 31.69 -13.50
CA SER E 334 30.19 30.89 -14.09
C SER E 334 30.00 29.41 -13.68
N ALA E 335 30.79 28.53 -14.33
CA ALA E 335 30.85 27.10 -13.97
C ALA E 335 31.15 27.01 -12.47
N GLU E 336 32.09 27.81 -11.98
CA GLU E 336 32.60 27.65 -10.59
C GLU E 336 31.54 28.22 -9.64
N GLN E 337 30.76 29.23 -10.04
CA GLN E 337 29.72 29.75 -9.12
C GLN E 337 28.59 28.74 -9.07
N ARG E 338 28.22 28.16 -10.21
CA ARG E 338 27.10 27.20 -10.26
C ARG E 338 27.50 25.98 -9.42
N LYS E 339 28.77 25.54 -9.47
CA LYS E 339 29.21 24.37 -8.67
C LYS E 339 29.03 24.67 -7.18
N VAL E 340 29.36 25.90 -6.75
CA VAL E 340 29.15 26.31 -5.33
C VAL E 340 27.68 26.10 -4.98
N ARG E 341 26.76 26.47 -5.83
CA ARG E 341 25.32 26.32 -5.51
C ARG E 341 24.93 24.83 -5.48
N LEU E 342 25.52 24.00 -6.34
CA LEU E 342 25.21 22.54 -6.40
C LEU E 342 25.72 21.88 -5.11
N LYS E 343 26.86 22.29 -4.59
CA LYS E 343 27.37 21.80 -3.28
C LYS E 343 26.52 22.32 -2.13
N GLN E 344 26.16 23.59 -2.14
CA GLN E 344 25.43 24.19 -1.00
C GLN E 344 23.99 23.69 -0.98
N ALA E 345 23.48 23.16 -2.09
CA ALA E 345 22.14 22.55 -2.11
C ALA E 345 22.05 21.37 -1.12
N ASN E 346 23.17 20.81 -0.71
CA ASN E 346 23.21 19.74 0.32
C ASN E 346 22.64 20.26 1.64
N LEU E 347 22.52 21.58 1.82
CA LEU E 347 22.06 22.16 3.11
C LEU E 347 20.54 22.10 3.12
N ILE E 348 19.91 22.05 1.95
CA ILE E 348 18.45 22.30 1.80
C ILE E 348 17.78 21.07 1.18
N GLY E 349 16.47 21.15 1.10
CA GLY E 349 15.66 20.10 0.49
C GLY E 349 15.49 18.91 1.40
N PRO E 350 14.98 17.81 0.79
CA PRO E 350 14.59 16.60 1.52
C PRO E 350 15.69 15.96 2.35
N ALA E 351 16.95 16.07 1.95
CA ALA E 351 18.12 15.51 2.64
C ALA E 351 19.03 16.63 3.20
N GLY E 352 18.51 17.84 3.37
CA GLY E 352 19.33 19.00 3.74
C GLY E 352 19.99 18.86 5.11
N PHE E 353 21.28 19.13 5.24
CA PHE E 353 21.96 19.25 6.55
C PHE E 353 21.19 20.18 7.48
N ILE E 354 20.53 21.22 6.93
CA ILE E 354 19.69 22.18 7.71
C ILE E 354 18.23 21.74 7.64
N SER E 355 17.66 21.52 6.46
CA SER E 355 16.20 21.43 6.35
C SER E 355 15.65 20.00 6.62
N MET E 356 16.50 18.97 6.77
CA MET E 356 16.04 17.54 6.74
C MET E 356 14.89 17.36 7.74
N GLU E 357 15.12 17.77 8.99
CA GLU E 357 14.15 17.63 10.08
C GLU E 357 12.88 18.47 9.80
N ASP E 358 12.90 19.53 8.98
CA ASP E 358 11.69 20.31 8.64
C ASP E 358 10.61 19.38 8.08
N GLY E 359 11.01 18.31 7.40
CA GLY E 359 10.03 17.35 6.89
C GLY E 359 9.36 16.54 7.98
N ALA E 360 9.95 16.38 9.15
CA ALA E 360 9.52 15.44 10.22
C ALA E 360 8.86 16.15 11.42
N VAL E 361 9.20 17.43 11.74
CA VAL E 361 8.73 18.04 13.02
C VAL E 361 7.21 18.25 12.97
N GLY E 362 6.67 18.65 11.83
CA GLY E 362 5.20 18.76 11.59
C GLY E 362 4.50 17.48 11.96
N GLY E 363 5.08 16.35 11.58
CA GLY E 363 4.46 15.03 11.83
C GLY E 363 4.60 14.68 13.29
N PHE E 364 5.69 15.08 13.94
CA PHE E 364 5.85 14.89 15.41
C PHE E 364 4.68 15.60 16.13
N VAL E 365 4.28 16.77 15.68
CA VAL E 365 3.15 17.55 16.27
C VAL E 365 1.85 16.82 15.92
N GLN E 366 1.65 16.51 14.64
CA GLN E 366 0.42 15.82 14.17
C GLN E 366 0.16 14.60 15.05
N ARG E 367 1.21 13.86 15.42
CA ARG E 367 1.06 12.66 16.23
C ARG E 367 1.01 12.99 17.72
N GLY E 368 1.83 13.93 18.20
CA GLY E 368 1.86 14.25 19.64
C GLY E 368 0.48 14.73 20.15
N ILE E 369 -0.31 15.35 19.28
CA ILE E 369 -1.63 15.94 19.64
C ILE E 369 -2.76 14.94 19.40
N ALA E 370 -2.48 13.68 19.07
CA ALA E 370 -3.51 12.67 18.72
C ALA E 370 -4.61 12.61 19.83
N GLY E 371 -4.28 12.71 21.09
CA GLY E 371 -5.30 12.64 22.17
C GLY E 371 -5.68 14.02 22.75
N ALA E 372 -5.34 15.10 22.08
CA ALA E 372 -5.36 16.46 22.67
C ALA E 372 -6.05 17.44 21.72
N ALA E 373 -6.98 16.98 20.88
CA ALA E 373 -7.75 17.86 19.95
C ALA E 373 -8.38 19.06 20.72
N ASN E 374 -8.68 18.92 22.03
CA ASN E 374 -9.40 19.95 22.82
C ASN E 374 -8.41 20.88 23.53
N LEU E 375 -7.10 20.72 23.37
CA LEU E 375 -6.06 21.52 24.05
C LEU E 375 -5.46 22.54 23.06
N ASP E 376 -4.50 23.34 23.53
CA ASP E 376 -3.99 24.57 22.87
C ASP E 376 -2.46 24.55 22.81
N ALA E 377 -1.90 24.90 21.66
CA ALA E 377 -0.48 25.23 21.53
C ALA E 377 -0.19 26.51 22.33
N VAL E 378 1.01 26.62 22.90
CA VAL E 378 1.47 27.82 23.66
C VAL E 378 2.52 28.53 22.82
N ILE E 379 2.21 29.76 22.39
CA ILE E 379 3.09 30.55 21.47
C ILE E 379 3.33 31.93 22.08
N GLU E 380 4.19 32.01 23.07
CA GLU E 380 4.32 33.19 23.95
C GLU E 380 5.70 33.82 23.82
N MET E 381 6.57 33.22 23.06
CA MET E 381 7.98 33.65 22.96
C MET E 381 7.99 35.01 22.22
N GLY E 382 8.57 36.03 22.84
CA GLY E 382 8.59 37.41 22.32
C GLY E 382 7.32 38.15 22.66
N GLY E 383 6.49 37.66 23.59
CA GLY E 383 5.23 38.27 24.06
C GLY E 383 4.01 37.83 23.26
N ASP E 384 3.04 38.71 23.06
CA ASP E 384 1.79 38.47 22.30
C ASP E 384 1.80 39.36 21.06
N HIS E 385 2.94 39.93 20.67
CA HIS E 385 2.99 40.83 19.48
C HIS E 385 3.07 39.96 18.19
N GLU E 386 2.69 40.58 17.06
CA GLU E 386 2.75 40.08 15.68
C GLU E 386 3.51 41.08 14.80
N GLY E 387 4.47 41.80 15.37
CA GLY E 387 5.34 42.77 14.66
C GLY E 387 6.80 42.32 14.54
N SER E 388 7.57 43.09 13.79
CA SER E 388 9.02 42.87 13.56
C SER E 388 9.79 42.94 14.88
N SER E 389 10.91 42.23 14.96
CA SER E 389 11.73 42.09 16.19
C SER E 389 13.20 41.97 15.79
N GLU E 390 14.06 42.56 16.60
CA GLU E 390 15.48 42.20 16.72
C GLU E 390 15.58 40.84 17.43
N GLY E 391 16.52 40.03 16.97
CA GLY E 391 16.69 38.64 17.44
C GLY E 391 15.62 37.72 16.88
N ARG E 392 15.78 36.44 17.17
CA ARG E 392 14.98 35.36 16.60
C ARG E 392 14.42 34.44 17.67
N ALA E 393 14.77 34.63 18.95
CA ALA E 393 14.13 33.92 20.08
C ALA E 393 12.73 34.52 20.38
N THR E 394 11.85 34.41 19.37
CA THR E 394 10.49 34.98 19.34
C THR E 394 9.63 34.06 18.47
N GLU E 395 8.33 34.10 18.64
CA GLU E 395 7.33 33.42 17.78
C GLU E 395 6.44 34.46 17.13
N THR E 396 6.89 35.71 17.01
CA THR E 396 6.08 36.84 16.48
C THR E 396 5.57 36.51 15.07
N SER E 397 6.39 35.92 14.18
CA SER E 397 6.01 35.54 12.80
C SER E 397 5.06 34.32 12.80
N VAL E 398 5.09 33.46 13.81
CA VAL E 398 4.09 32.36 13.93
C VAL E 398 2.74 32.97 14.35
N ARG E 399 2.73 33.83 15.37
CA ARG E 399 1.49 34.54 15.81
C ARG E 399 0.94 35.32 14.59
N GLY E 400 1.81 35.95 13.80
CA GLY E 400 1.40 36.72 12.63
C GLY E 400 0.61 35.85 11.68
N PHE E 401 1.07 34.62 11.46
CA PHE E 401 0.38 33.67 10.55
C PHE E 401 -1.05 33.49 11.04
N TRP E 402 -1.23 33.28 12.36
CA TRP E 402 -2.57 33.06 12.97
C TRP E 402 -3.40 34.35 12.90
N LYS E 403 -2.77 35.51 13.02
CA LYS E 403 -3.51 36.77 12.84
C LYS E 403 -4.10 36.80 11.42
N ALA E 404 -3.28 36.56 10.41
CA ALA E 404 -3.73 36.57 9.00
C ALA E 404 -4.76 35.47 8.76
N TYR E 405 -4.52 34.30 9.32
CA TYR E 405 -5.43 33.12 9.18
C TYR E 405 -6.81 33.49 9.72
N ARG E 406 -6.87 34.00 10.95
CA ARG E 406 -8.18 34.25 11.60
C ARG E 406 -8.94 35.35 10.84
N LYS E 407 -8.23 36.34 10.30
CA LYS E 407 -8.90 37.42 9.52
C LYS E 407 -9.58 36.80 8.29
N HIS E 408 -8.84 36.10 7.45
CA HIS E 408 -9.40 35.38 6.28
C HIS E 408 -10.52 34.41 6.67
N MET E 409 -10.34 33.71 7.79
CA MET E 409 -11.26 32.61 8.17
C MET E 409 -12.47 33.13 8.95
N GLY E 410 -12.52 34.41 9.31
CA GLY E 410 -13.65 34.93 10.12
C GLY E 410 -13.64 34.32 11.50
N GLN E 411 -12.46 34.13 12.11
CA GLN E 411 -12.31 33.51 13.45
C GLN E 411 -11.77 34.52 14.50
N GLU E 412 -11.88 35.81 14.25
CA GLU E 412 -11.62 36.83 15.31
C GLU E 412 -12.75 36.72 16.36
N MET E 413 -12.52 37.17 17.58
CA MET E 413 -13.58 37.30 18.62
C MET E 413 -14.86 37.93 18.03
N GLN E 414 -15.96 37.16 17.81
CA GLN E 414 -17.19 37.83 17.27
C GLN E 414 -18.25 37.99 18.42
N ALA E 415 -19.23 38.84 18.17
CA ALA E 415 -20.63 38.74 18.61
C ALA E 415 -20.83 38.30 20.12
N GLU E 416 -21.19 37.02 20.39
CA GLU E 416 -21.53 36.54 21.77
C GLU E 416 -20.29 36.68 22.68
N ASN E 417 -19.08 36.23 22.27
CA ASN E 417 -17.94 36.12 23.24
C ASN E 417 -17.28 37.47 23.45
N LEU E 418 -17.26 38.26 22.40
CA LEU E 418 -16.89 39.68 22.53
C LEU E 418 -17.87 40.31 23.52
N TYR E 419 -19.17 40.00 23.41
CA TYR E 419 -20.17 40.66 24.29
C TYR E 419 -19.88 40.23 25.74
N PHE E 420 -19.51 38.95 25.95
CA PHE E 420 -19.36 38.41 27.33
C PHE E 420 -18.16 39.14 27.98
N GLN E 421 -17.05 39.33 27.27
CA GLN E 421 -15.89 40.12 27.79
C GLN E 421 -16.29 41.60 28.02
N GLY E 422 -17.00 42.25 27.09
CA GLY E 422 -17.22 43.71 27.13
C GLY E 422 -18.54 44.15 27.78
N HIS E 423 -19.43 43.26 28.28
CA HIS E 423 -20.73 43.70 28.88
C HIS E 423 -20.56 44.21 30.33
N HIS E 424 -19.79 45.28 30.56
CA HIS E 424 -19.47 45.81 31.93
C HIS E 424 -19.27 47.32 31.87
N HIS E 425 -18.97 47.96 33.00
CA HIS E 425 -18.69 49.42 33.07
C HIS E 425 -17.57 49.69 34.10
N HIS E 426 -16.29 49.54 33.72
CA HIS E 426 -15.12 49.77 34.63
C HIS E 426 -14.93 51.27 34.86
N HIS E 427 -14.38 51.66 36.03
CA HIS E 427 -14.05 53.06 36.40
C HIS E 427 -13.04 53.64 35.38
N HIS E 428 -13.48 53.90 34.13
CA HIS E 428 -12.68 54.21 32.89
C HIS E 428 -12.29 52.88 32.21
N SER F 6 -29.92 6.53 14.46
CA SER F 6 -28.67 6.14 15.19
C SER F 6 -28.35 4.65 14.96
N ILE F 7 -27.13 4.36 14.56
CA ILE F 7 -26.70 2.95 14.33
C ILE F 7 -26.06 2.36 15.60
N ILE F 8 -25.99 3.12 16.70
CA ILE F 8 -25.41 2.73 18.03
C ILE F 8 -26.51 2.70 19.10
N GLN F 9 -27.78 2.67 18.70
CA GLN F 9 -28.96 2.55 19.59
C GLN F 9 -28.96 1.14 20.19
N TRP F 10 -28.86 1.00 21.51
CA TRP F 10 -29.00 -0.33 22.16
C TRP F 10 -30.47 -0.73 22.17
N HIS F 11 -30.78 -2.03 22.05
CA HIS F 11 -32.20 -2.45 21.92
CA HIS F 11 -32.13 -2.66 21.91
C HIS F 11 -32.77 -2.87 23.29
N GLY F 12 -31.97 -2.92 24.36
CA GLY F 12 -32.46 -3.26 25.72
C GLY F 12 -31.45 -3.00 26.82
N ALA F 13 -31.87 -3.15 28.08
CA ALA F 13 -31.00 -3.10 29.28
C ALA F 13 -29.95 -4.23 29.24
N THR F 14 -30.33 -5.36 28.66
CA THR F 14 -29.52 -6.59 28.55
C THR F 14 -28.48 -6.45 27.44
N ASN F 15 -27.52 -7.37 27.37
CA ASN F 15 -26.45 -7.31 26.32
C ASN F 15 -26.55 -8.52 25.39
N THR F 16 -27.74 -9.07 25.19
CA THR F 16 -27.96 -10.22 24.28
C THR F 16 -28.05 -9.70 22.82
N ARG F 17 -28.07 -8.39 22.66
CA ARG F 17 -28.15 -7.71 21.34
C ARG F 17 -27.13 -6.57 21.33
N VAL F 18 -26.25 -6.51 20.33
CA VAL F 18 -25.22 -5.44 20.24
C VAL F 18 -25.42 -4.76 18.90
N PRO F 19 -25.57 -3.42 18.85
CA PRO F 19 -25.79 -2.72 17.58
C PRO F 19 -24.47 -2.71 16.79
N PHE F 20 -24.54 -3.21 15.57
CA PHE F 20 -23.39 -3.36 14.65
C PHE F 20 -22.77 -1.98 14.37
N GLY F 21 -23.57 -0.92 14.41
CA GLY F 21 -23.07 0.46 14.32
C GLY F 21 -21.97 0.78 15.31
N ILE F 22 -21.89 0.05 16.40
CA ILE F 22 -20.87 0.33 17.47
C ILE F 22 -19.46 0.12 16.91
N TYR F 23 -19.35 -0.63 15.81
CA TYR F 23 -18.03 -0.99 15.22
C TYR F 23 -17.67 -0.04 14.08
N THR F 24 -18.55 0.88 13.64
CA THR F 24 -18.25 1.83 12.54
C THR F 24 -18.52 3.30 12.85
N ASP F 25 -19.25 3.62 13.92
CA ASP F 25 -19.58 5.04 14.23
C ASP F 25 -18.34 5.74 14.78
N THR F 26 -17.83 6.75 14.05
CA THR F 26 -16.58 7.49 14.37
C THR F 26 -16.80 8.44 15.54
N ALA F 27 -17.94 9.11 15.67
CA ALA F 27 -18.26 9.98 16.84
C ALA F 27 -18.16 9.12 18.11
N ASN F 28 -18.72 7.91 18.07
CA ASN F 28 -18.74 6.96 19.21
C ASN F 28 -17.29 6.53 19.50
N ALA F 29 -16.46 6.38 18.48
CA ALA F 29 -15.04 6.05 18.67
C ALA F 29 -14.32 7.17 19.45
N ASP F 30 -14.58 8.43 19.09
CA ASP F 30 -13.95 9.55 19.83
CA ASP F 30 -14.03 9.60 19.82
C ASP F 30 -14.45 9.54 21.28
N GLN F 31 -15.73 9.23 21.51
CA GLN F 31 -16.27 9.10 22.89
C GLN F 31 -15.52 7.98 23.61
N GLU F 32 -15.11 6.90 22.92
CA GLU F 32 -14.37 5.79 23.56
C GLU F 32 -13.04 6.34 24.07
N GLN F 33 -12.39 7.24 23.31
CA GLN F 33 -11.10 7.82 23.72
C GLN F 33 -11.30 8.67 25.00
N GLN F 34 -12.36 9.47 25.06
CA GLN F 34 -12.65 10.32 26.24
C GLN F 34 -13.11 9.47 27.41
N ARG F 35 -14.03 8.55 27.20
CA ARG F 35 -14.73 7.92 28.36
C ARG F 35 -14.12 6.57 28.74
N ILE F 36 -13.46 5.87 27.82
CA ILE F 36 -12.75 4.62 28.16
C ILE F 36 -11.27 4.95 28.36
N TYR F 37 -10.53 5.17 27.31
CA TYR F 37 -9.04 5.10 27.36
C TYR F 37 -8.52 6.19 28.29
N ARG F 38 -9.09 7.41 28.25
CA ARG F 38 -8.75 8.50 29.22
C ARG F 38 -9.75 8.55 30.39
N GLY F 39 -10.62 7.55 30.57
CA GLY F 39 -11.59 7.49 31.68
C GLY F 39 -11.12 6.57 32.81
N GLU F 40 -12.05 5.92 33.45
CA GLU F 40 -11.78 5.18 34.71
C GLU F 40 -11.36 3.75 34.38
N VAL F 41 -10.26 3.62 33.64
CA VAL F 41 -9.69 2.29 33.33
C VAL F 41 -8.21 2.34 33.67
N TRP F 42 -7.63 1.15 33.67
CA TRP F 42 -6.18 0.93 33.71
C TRP F 42 -5.74 0.38 32.34
N ASN F 43 -4.87 1.12 31.68
CA ASN F 43 -4.25 0.84 30.35
C ASN F 43 -2.94 0.09 30.58
N TYR F 44 -2.79 -1.11 29.98
CA TYR F 44 -1.53 -1.85 30.07
C TYR F 44 -0.46 -1.11 29.25
N LEU F 45 0.66 -0.84 29.91
CA LEU F 45 1.79 -0.09 29.34
C LEU F 45 2.94 -1.05 28.98
N CYS F 46 3.50 -1.79 29.93
CA CYS F 46 4.67 -2.63 29.72
C CYS F 46 4.91 -3.50 30.96
N LEU F 47 5.95 -4.32 30.93
CA LEU F 47 6.40 -5.11 32.12
C LEU F 47 7.48 -4.35 32.89
N GLU F 48 7.53 -4.54 34.21
CA GLU F 48 8.61 -4.02 35.07
C GLU F 48 9.95 -4.52 34.55
N SER F 49 10.02 -5.78 34.11
CA SER F 49 11.30 -6.38 33.63
C SER F 49 11.76 -5.70 32.33
N GLU F 50 10.89 -4.94 31.63
CA GLU F 50 11.31 -4.21 30.40
C GLU F 50 11.97 -2.87 30.77
N ILE F 51 11.71 -2.35 31.97
CA ILE F 51 12.29 -1.07 32.44
C ILE F 51 12.84 -1.29 33.85
N PRO F 52 13.84 -2.19 33.99
CA PRO F 52 14.30 -2.61 35.32
C PRO F 52 15.08 -1.53 36.07
N GLY F 53 15.88 -0.74 35.35
CA GLY F 53 16.80 0.23 35.98
C GLY F 53 16.38 1.69 35.80
N ALA F 54 16.87 2.56 36.67
CA ALA F 54 16.67 4.03 36.67
C ALA F 54 16.97 4.55 35.26
N GLY F 55 16.06 5.31 34.69
CA GLY F 55 16.18 5.91 33.35
C GLY F 55 15.60 5.03 32.26
N ASP F 56 15.40 3.72 32.47
CA ASP F 56 14.85 2.83 31.41
C ASP F 56 13.42 3.30 31.11
N PHE F 57 13.07 3.49 29.83
CA PHE F 57 11.73 3.96 29.38
C PHE F 57 11.32 3.14 28.16
N ARG F 58 10.01 3.10 27.91
CA ARG F 58 9.39 2.62 26.67
C ARG F 58 8.37 3.69 26.29
N THR F 59 8.05 3.76 25.01
CA THR F 59 6.90 4.54 24.50
C THR F 59 5.82 3.56 24.05
N THR F 60 4.57 3.94 24.21
CA THR F 60 3.40 3.09 23.92
C THR F 60 2.20 4.03 23.83
N PHE F 61 1.01 3.47 23.92
CA PHE F 61 -0.23 4.25 23.76
C PHE F 61 -1.18 3.84 24.87
N ALA F 62 -2.05 4.75 25.28
CA ALA F 62 -3.30 4.47 25.98
C ALA F 62 -4.39 4.92 25.03
N GLY F 63 -5.05 3.97 24.37
CA GLY F 63 -5.93 4.30 23.23
C GLY F 63 -5.14 4.97 22.12
N GLU F 64 -5.61 6.14 21.63
CA GLU F 64 -4.98 6.95 20.56
C GLU F 64 -3.80 7.75 21.13
N THR F 65 -3.67 7.85 22.47
CA THR F 65 -2.81 8.88 23.11
C THR F 65 -1.44 8.29 23.35
N PRO F 66 -0.35 8.85 22.77
CA PRO F 66 1.00 8.30 22.98
C PRO F 66 1.44 8.56 24.42
N ILE F 67 2.18 7.60 25.00
CA ILE F 67 2.58 7.57 26.43
C ILE F 67 4.08 7.31 26.52
N VAL F 68 4.73 7.98 27.47
CA VAL F 68 6.07 7.58 27.99
C VAL F 68 5.88 6.91 29.35
N VAL F 69 6.50 5.75 29.54
CA VAL F 69 6.60 5.02 30.83
C VAL F 69 8.09 4.84 31.16
N VAL F 70 8.51 5.18 32.38
CA VAL F 70 9.94 5.28 32.78
C VAL F 70 10.12 4.94 34.25
N ARG F 71 11.25 4.31 34.57
CA ARG F 71 11.73 3.99 35.91
C ARG F 71 12.60 5.15 36.39
N ASP F 72 12.39 5.64 37.61
CA ASP F 72 13.22 6.71 38.22
C ASP F 72 14.11 6.07 39.30
N ALA F 73 15.04 6.85 39.87
CA ALA F 73 16.07 6.39 40.84
C ALA F 73 15.44 5.92 42.15
N ASP F 74 14.20 6.29 42.47
CA ASP F 74 13.43 5.83 43.66
C ASP F 74 12.88 4.42 43.40
N GLN F 75 13.16 3.84 42.22
CA GLN F 75 12.72 2.48 41.81
C GLN F 75 11.23 2.52 41.47
N GLU F 76 10.57 3.69 41.46
CA GLU F 76 9.15 3.80 41.09
C GLU F 76 9.06 3.98 39.56
N ILE F 77 7.90 3.70 39.04
CA ILE F 77 7.59 3.89 37.61
C ILE F 77 6.62 5.06 37.44
N TYR F 78 6.92 5.93 36.48
CA TYR F 78 6.12 7.11 36.12
C TYR F 78 5.67 6.99 34.67
N ALA F 79 4.58 7.68 34.35
CA ALA F 79 4.01 7.70 33.00
C ALA F 79 3.38 9.05 32.79
N PHE F 80 3.53 9.57 31.57
CA PHE F 80 2.95 10.84 31.10
C PHE F 80 2.70 10.78 29.59
N GLU F 81 1.80 11.65 29.15
CA GLU F 81 1.41 11.81 27.75
C GLU F 81 2.64 12.23 26.97
N ASN F 82 2.91 11.58 25.85
CA ASN F 82 4.10 11.86 25.01
C ASN F 82 3.80 13.07 24.10
N ARG F 83 3.52 14.20 24.72
CA ARG F 83 3.09 15.47 24.05
C ARG F 83 3.78 16.64 24.74
N CYS F 84 4.62 17.33 23.99
CA CYS F 84 5.32 18.52 24.47
C CYS F 84 4.29 19.62 24.71
N ALA F 85 4.46 20.36 25.82
CA ALA F 85 3.46 21.36 26.28
C ALA F 85 3.67 22.67 25.55
N HIS F 86 4.66 22.74 24.67
CA HIS F 86 4.93 23.92 23.81
C HIS F 86 3.90 23.89 22.66
N ARG F 87 4.22 23.17 21.58
CA ARG F 87 3.39 23.17 20.33
C ARG F 87 2.99 21.72 19.98
N GLY F 88 3.22 20.74 20.88
CA GLY F 88 2.51 19.43 20.87
C GLY F 88 3.31 18.28 20.25
N ALA F 89 4.58 18.47 19.90
CA ALA F 89 5.42 17.39 19.34
C ALA F 89 5.57 16.21 20.30
N LEU F 90 5.69 15.02 19.74
CA LEU F 90 6.17 13.86 20.51
C LEU F 90 7.44 14.32 21.20
N ILE F 91 7.59 13.97 22.49
CA ILE F 91 8.80 14.22 23.30
C ILE F 91 9.81 13.10 23.05
N ALA F 92 9.44 11.86 23.32
CA ALA F 92 10.34 10.70 23.15
C ALA F 92 10.04 10.02 21.81
N LEU F 93 11.04 9.90 20.93
CA LEU F 93 10.92 9.39 19.55
C LEU F 93 11.31 7.90 19.47
N GLU F 94 11.91 7.31 20.50
CA GLU F 94 12.40 5.91 20.50
C GLU F 94 11.36 5.00 21.17
N LYS F 95 11.26 3.74 20.73
CA LYS F 95 10.39 2.70 21.30
C LYS F 95 10.84 2.42 22.72
N SER F 96 12.14 2.53 22.95
CA SER F 96 12.79 2.22 24.25
C SER F 96 14.16 2.86 24.32
N GLY F 97 14.68 2.98 25.53
CA GLY F 97 16.01 3.52 25.79
C GLY F 97 16.20 3.74 27.27
N ARG F 98 17.24 4.49 27.60
CA ARG F 98 17.62 4.88 28.95
C ARG F 98 18.00 6.35 28.90
N THR F 99 17.48 7.18 29.79
CA THR F 99 17.79 8.60 29.75
C THR F 99 17.76 9.18 31.16
N ASP F 100 18.51 10.28 31.37
CA ASP F 100 18.37 11.16 32.56
C ASP F 100 17.10 11.99 32.43
N SER F 101 16.89 12.60 31.29
CA SER F 101 15.70 13.45 31.12
C SER F 101 15.25 13.40 29.65
N PHE F 102 14.01 13.81 29.40
CA PHE F 102 13.40 13.74 28.07
C PHE F 102 13.48 15.13 27.48
N GLN F 103 13.80 15.21 26.21
CA GLN F 103 13.91 16.52 25.56
C GLN F 103 13.15 16.47 24.24
N CYS F 104 12.26 17.42 24.03
CA CYS F 104 11.59 17.62 22.74
C CYS F 104 12.61 18.20 21.76
N VAL F 105 12.70 17.62 20.56
CA VAL F 105 13.75 17.97 19.55
C VAL F 105 13.37 19.29 18.89
N TYR F 106 12.09 19.70 18.94
CA TYR F 106 11.63 20.82 18.09
C TYR F 106 12.25 22.12 18.60
N HIS F 107 12.02 22.48 19.87
CA HIS F 107 12.61 23.71 20.48
C HIS F 107 13.24 23.41 21.84
N ALA F 108 13.69 22.18 22.04
CA ALA F 108 14.58 21.80 23.16
C ALA F 108 13.93 22.09 24.52
N TRP F 109 12.64 21.84 24.69
CA TRP F 109 12.05 21.85 26.05
C TRP F 109 12.41 20.52 26.73
N SER F 110 12.88 20.55 27.96
CA SER F 110 13.36 19.40 28.79
C SER F 110 12.30 19.04 29.83
N TYR F 111 12.12 17.76 30.09
CA TYR F 111 11.13 17.18 31.03
C TYR F 111 11.88 16.18 31.90
N ASN F 112 11.57 16.12 33.20
CA ASN F 112 12.12 15.06 34.09
C ASN F 112 11.32 13.78 33.82
N ARG F 113 11.64 12.72 34.55
CA ARG F 113 10.98 11.41 34.35
C ARG F 113 9.54 11.41 34.87
N GLN F 114 9.09 12.48 35.52
CA GLN F 114 7.67 12.58 35.97
C GLN F 114 6.87 13.25 34.85
N GLY F 115 7.54 13.87 33.90
CA GLY F 115 6.88 14.69 32.84
C GLY F 115 6.78 16.16 33.19
N ASP F 116 7.51 16.64 34.21
CA ASP F 116 7.54 18.08 34.61
C ASP F 116 8.46 18.82 33.63
N LEU F 117 8.05 19.98 33.15
CA LEU F 117 8.88 20.89 32.36
C LEU F 117 10.00 21.44 33.23
N THR F 118 11.26 21.09 32.99
CA THR F 118 12.44 21.55 33.76
C THR F 118 13.28 22.56 32.99
N GLY F 119 13.05 22.74 31.71
CA GLY F 119 13.91 23.65 30.93
C GLY F 119 13.22 24.07 29.65
N VAL F 120 13.38 25.33 29.30
CA VAL F 120 12.79 25.93 28.08
C VAL F 120 13.96 26.67 27.42
N ALA F 121 14.33 26.22 26.23
CA ALA F 121 15.44 26.85 25.46
C ALA F 121 15.10 28.32 25.24
N PHE F 122 16.09 29.17 25.49
CA PHE F 122 16.01 30.61 25.27
C PHE F 122 14.83 31.18 26.09
N GLU F 123 14.53 30.58 27.24
CA GLU F 123 13.50 31.12 28.16
C GLU F 123 13.75 32.60 28.46
N LYS F 124 15.01 32.99 28.70
CA LYS F 124 15.34 34.38 29.11
C LYS F 124 15.81 35.19 27.91
N GLY F 125 15.53 34.72 26.71
CA GLY F 125 16.01 35.39 25.50
C GLY F 125 17.50 35.12 25.26
N VAL F 126 17.97 35.72 24.18
CA VAL F 126 19.31 35.49 23.57
C VAL F 126 19.90 36.86 23.42
N LYS F 127 21.07 37.07 24.02
CA LYS F 127 21.70 38.41 24.05
C LYS F 127 20.69 39.44 24.58
N GLY F 128 19.84 39.08 25.56
CA GLY F 128 18.86 40.01 26.18
C GLY F 128 17.73 40.46 25.25
N GLN F 129 17.37 39.66 24.24
CA GLN F 129 16.22 39.89 23.33
C GLN F 129 15.33 38.65 23.25
N GLY F 130 14.03 38.85 23.17
CA GLY F 130 13.03 37.78 23.03
C GLY F 130 12.93 36.93 24.29
N GLY F 131 12.58 35.63 24.12
CA GLY F 131 12.31 34.69 25.25
C GLY F 131 10.85 34.85 25.71
N MET F 132 10.52 34.10 26.79
CA MET F 132 9.16 34.17 27.45
C MET F 132 8.93 35.49 28.20
N PRO F 133 7.65 35.93 28.30
CA PRO F 133 7.30 37.05 29.19
C PRO F 133 7.52 36.63 30.67
N ALA F 134 7.78 37.63 31.49
CA ALA F 134 7.87 37.57 32.97
C ALA F 134 6.78 36.65 33.54
N SER F 135 5.55 36.73 33.03
CA SER F 135 4.37 35.93 33.47
C SER F 135 4.45 34.45 33.14
N PHE F 136 5.39 33.98 32.31
CA PHE F 136 5.47 32.55 31.90
C PHE F 136 6.12 31.78 33.06
N CYS F 137 5.54 30.67 33.47
CA CYS F 137 6.07 29.83 34.58
CA CYS F 137 6.07 29.83 34.58
C CYS F 137 6.02 28.35 34.14
N LYS F 138 7.19 27.73 34.05
CA LYS F 138 7.37 26.34 33.57
C LYS F 138 6.41 25.39 34.29
N GLU F 139 6.31 25.57 35.61
CA GLU F 139 5.57 24.65 36.52
C GLU F 139 4.08 24.64 36.16
N GLU F 140 3.58 25.58 35.35
CA GLU F 140 2.17 25.62 34.90
C GLU F 140 1.97 24.96 33.52
N HIS F 141 3.02 24.37 32.91
CA HIS F 141 2.91 23.73 31.56
C HIS F 141 3.52 22.31 31.65
N GLY F 142 2.82 21.33 31.11
CA GLY F 142 3.30 19.95 31.16
C GLY F 142 2.31 19.03 30.48
N PRO F 143 2.78 17.89 29.94
CA PRO F 143 1.85 16.86 29.47
C PRO F 143 0.99 16.37 30.64
N ARG F 144 -0.17 15.76 30.36
CA ARG F 144 -0.98 15.09 31.38
C ARG F 144 -0.16 13.93 31.92
N LYS F 145 -0.03 13.86 33.22
CA LYS F 145 0.60 12.73 33.92
C LYS F 145 -0.47 11.65 34.12
N LEU F 146 -0.01 10.40 34.12
CA LEU F 146 -0.85 9.25 34.43
C LEU F 146 -0.57 8.76 35.86
N ARG F 147 -1.61 8.20 36.48
CA ARG F 147 -1.49 7.35 37.66
C ARG F 147 -0.88 6.05 37.14
N VAL F 148 0.11 5.54 37.84
CA VAL F 148 0.73 4.21 37.55
C VAL F 148 0.39 3.24 38.67
N ALA F 149 0.05 2.03 38.30
CA ALA F 149 -0.14 0.88 39.20
C ALA F 149 0.69 -0.26 38.65
N VAL F 150 1.24 -1.08 39.51
CA VAL F 150 2.02 -2.29 39.17
C VAL F 150 1.33 -3.47 39.84
N PHE F 151 1.30 -4.62 39.18
CA PHE F 151 0.68 -5.82 39.76
C PHE F 151 1.43 -7.00 39.20
N CYS F 152 2.22 -7.65 40.06
CA CYS F 152 3.03 -8.84 39.73
C CYS F 152 3.85 -8.61 38.45
N GLY F 153 4.44 -7.43 38.30
CA GLY F 153 5.33 -7.14 37.16
C GLY F 153 4.59 -6.44 36.04
N LEU F 154 3.26 -6.31 36.12
CA LEU F 154 2.49 -5.62 35.06
C LEU F 154 2.42 -4.13 35.43
N VAL F 155 2.67 -3.24 34.48
CA VAL F 155 2.60 -1.78 34.66
C VAL F 155 1.37 -1.25 33.91
N PHE F 156 0.44 -0.60 34.65
CA PHE F 156 -0.79 -0.01 34.11
C PHE F 156 -0.75 1.52 34.34
N GLY F 157 -1.40 2.28 33.47
CA GLY F 157 -1.57 3.75 33.60
C GLY F 157 -3.02 4.18 33.39
N SER F 158 -3.48 5.18 34.13
CA SER F 158 -4.80 5.82 33.99
C SER F 158 -4.65 7.34 33.95
N PHE F 159 -5.48 8.01 33.17
CA PHE F 159 -5.63 9.48 33.16
C PHE F 159 -6.51 9.93 34.34
N SER F 160 -7.23 9.03 34.99
CA SER F 160 -8.32 9.42 35.92
C SER F 160 -7.85 9.39 37.37
N GLU F 161 -8.18 10.47 38.10
CA GLU F 161 -7.95 10.57 39.56
C GLU F 161 -8.92 9.65 40.30
N ASP F 162 -10.00 9.23 39.65
CA ASP F 162 -11.11 8.52 40.34
C ASP F 162 -11.05 7.02 40.10
N VAL F 163 -10.15 6.50 39.26
CA VAL F 163 -10.09 5.04 38.96
C VAL F 163 -9.81 4.31 40.27
N PRO F 164 -10.47 3.18 40.59
CA PRO F 164 -10.12 2.42 41.79
C PRO F 164 -8.67 1.93 41.73
N SER F 165 -8.12 1.49 42.85
CA SER F 165 -6.79 0.82 42.92
C SER F 165 -6.79 -0.32 41.91
N ILE F 166 -5.62 -0.73 41.46
CA ILE F 166 -5.54 -1.85 40.47
C ILE F 166 -6.16 -3.11 41.10
N GLU F 167 -5.97 -3.35 42.41
CA GLU F 167 -6.54 -4.57 43.05
C GLU F 167 -8.07 -4.51 43.00
N ASP F 168 -8.66 -3.36 43.28
CA ASP F 168 -10.14 -3.25 43.32
C ASP F 168 -10.65 -3.32 41.88
N TYR F 169 -9.94 -2.72 40.93
CA TYR F 169 -10.32 -2.68 39.51
C TYR F 169 -10.35 -4.11 38.93
N LEU F 170 -9.32 -4.89 39.24
CA LEU F 170 -9.22 -6.31 38.79
C LEU F 170 -10.26 -7.16 39.55
N GLY F 171 -10.37 -6.93 40.88
CA GLY F 171 -11.11 -7.76 41.82
C GLY F 171 -10.30 -9.00 42.19
N PRO F 172 -10.74 -9.70 43.25
CA PRO F 172 -9.94 -10.76 43.85
C PRO F 172 -9.56 -11.86 42.85
N GLU F 173 -10.55 -12.29 42.05
CA GLU F 173 -10.44 -13.57 41.28
C GLU F 173 -9.42 -13.32 40.18
N ILE F 174 -9.50 -12.17 39.50
CA ILE F 174 -8.52 -11.80 38.45
C ILE F 174 -7.14 -11.65 39.10
N CYS F 175 -7.04 -10.97 40.25
CA CYS F 175 -5.78 -10.82 41.03
C CYS F 175 -5.13 -12.18 41.28
N GLU F 176 -5.87 -13.14 41.80
CA GLU F 176 -5.32 -14.49 42.09
C GLU F 176 -4.87 -15.16 40.75
N ARG F 177 -5.63 -14.98 39.67
CA ARG F 177 -5.37 -15.70 38.41
C ARG F 177 -4.15 -15.07 37.73
N ILE F 178 -3.94 -13.77 37.86
CA ILE F 178 -2.68 -13.13 37.40
C ILE F 178 -1.50 -13.65 38.23
N GLU F 179 -1.61 -13.64 39.56
CA GLU F 179 -0.50 -13.96 40.47
C GLU F 179 -0.09 -15.41 40.20
N ARG F 180 -1.04 -16.28 39.92
CA ARG F 180 -0.77 -17.71 39.62
C ARG F 180 0.27 -17.80 38.49
N VAL F 181 0.18 -16.97 37.47
CA VAL F 181 1.14 -17.02 36.32
C VAL F 181 2.39 -16.20 36.67
N LEU F 182 2.22 -14.97 37.15
CA LEU F 182 3.33 -14.03 37.34
C LEU F 182 3.85 -14.07 38.79
N HIS F 183 3.96 -15.24 39.40
CA HIS F 183 4.43 -15.45 40.79
C HIS F 183 5.96 -15.33 40.90
N LYS F 184 6.70 -15.27 39.78
CA LYS F 184 8.19 -15.07 39.84
C LYS F 184 8.61 -14.24 38.66
N PRO F 185 9.85 -13.72 38.68
CA PRO F 185 10.26 -12.79 37.63
C PRO F 185 10.14 -13.43 36.23
N VAL F 186 9.66 -12.67 35.26
CA VAL F 186 9.53 -13.08 33.83
C VAL F 186 10.55 -12.31 32.98
N GLU F 187 10.85 -12.85 31.80
CA GLU F 187 11.85 -12.32 30.82
C GLU F 187 11.16 -12.35 29.47
N VAL F 188 11.18 -11.23 28.76
CA VAL F 188 10.77 -11.16 27.34
C VAL F 188 11.67 -12.07 26.49
N ILE F 189 11.05 -13.02 25.78
CA ILE F 189 11.77 -13.89 24.81
C ILE F 189 11.41 -13.53 23.36
N GLY F 190 10.58 -12.53 23.15
CA GLY F 190 10.26 -12.05 21.80
C GLY F 190 9.07 -11.12 21.77
N ARG F 191 9.06 -10.25 20.76
CA ARG F 191 7.97 -9.28 20.53
C ARG F 191 7.56 -9.42 19.07
N PHE F 192 6.26 -9.40 18.83
CA PHE F 192 5.65 -9.37 17.49
C PHE F 192 4.35 -8.60 17.61
N THR F 193 4.06 -7.82 16.57
CA THR F 193 2.82 -7.03 16.43
C THR F 193 2.01 -7.62 15.28
N GLN F 194 0.70 -7.73 15.45
CA GLN F 194 -0.28 -8.03 14.39
C GLN F 194 -1.10 -6.76 14.15
N LYS F 195 -1.19 -6.27 12.93
CA LYS F 195 -2.17 -5.23 12.57
C LYS F 195 -3.48 -5.89 12.12
N LEU F 196 -4.54 -5.65 12.87
CA LEU F 196 -5.82 -6.37 12.69
C LEU F 196 -6.72 -5.49 11.86
N PRO F 197 -7.31 -6.02 10.77
CA PRO F 197 -8.24 -5.26 9.94
C PRO F 197 -9.65 -5.25 10.56
N ASN F 198 -9.73 -4.84 11.80
CA ASN F 198 -11.03 -4.77 12.51
C ASN F 198 -10.94 -3.71 13.61
N ASN F 199 -12.09 -3.13 13.91
CA ASN F 199 -12.32 -2.35 15.14
C ASN F 199 -11.77 -3.14 16.33
N TRP F 200 -11.15 -2.46 17.27
CA TRP F 200 -10.55 -3.10 18.47
C TRP F 200 -11.52 -4.04 19.17
N LYS F 201 -12.78 -3.63 19.27
CA LYS F 201 -13.75 -4.34 20.12
C LYS F 201 -13.91 -5.76 19.60
N LEU F 202 -13.82 -5.96 18.28
CA LEU F 202 -14.07 -7.30 17.71
C LEU F 202 -12.96 -8.26 18.18
N TYR F 203 -11.73 -7.78 18.35
CA TYR F 203 -10.63 -8.63 18.86
C TYR F 203 -10.84 -8.87 20.37
N PHE F 204 -11.20 -7.84 21.14
CA PHE F 204 -11.36 -8.00 22.61
C PHE F 204 -12.52 -8.96 22.90
N GLU F 205 -13.60 -8.87 22.10
CA GLU F 205 -14.72 -9.83 22.22
C GLU F 205 -14.17 -11.21 21.96
N ASN F 206 -13.33 -11.35 20.92
CA ASN F 206 -12.83 -12.67 20.48
C ASN F 206 -12.03 -13.30 21.63
N VAL F 207 -11.22 -12.51 22.34
CA VAL F 207 -10.41 -13.03 23.47
C VAL F 207 -11.34 -13.65 24.52
N LYS F 208 -12.50 -13.02 24.72
CA LYS F 208 -13.48 -13.37 25.77
C LYS F 208 -14.43 -14.46 25.27
N ASP F 209 -14.28 -14.90 24.02
CA ASP F 209 -15.28 -15.75 23.34
C ASP F 209 -14.96 -17.22 23.59
N SER F 210 -15.39 -17.73 24.74
CA SER F 210 -15.15 -19.13 25.17
C SER F 210 -15.87 -20.08 24.21
N TYR F 211 -16.99 -19.65 23.63
CA TYR F 211 -17.79 -20.41 22.64
C TYR F 211 -16.94 -20.79 21.42
N HIS F 212 -16.26 -19.80 20.82
CA HIS F 212 -15.48 -20.01 19.57
C HIS F 212 -14.24 -20.93 19.79
N ALA F 213 -13.60 -20.87 20.97
CA ALA F 213 -12.35 -21.58 21.30
C ALA F 213 -12.65 -23.07 21.32
N SER F 214 -12.47 -23.78 20.19
CA SER F 214 -12.88 -25.20 19.95
C SER F 214 -13.41 -25.37 18.51
N LEU F 215 -14.05 -24.32 17.97
CA LEU F 215 -14.88 -24.35 16.73
C LEU F 215 -14.17 -23.60 15.58
N LEU F 216 -13.76 -22.36 15.86
CA LEU F 216 -12.89 -21.57 14.94
C LEU F 216 -11.55 -22.29 14.71
N HIS F 217 -10.95 -22.86 15.76
CA HIS F 217 -9.50 -23.23 15.83
C HIS F 217 -9.21 -24.55 15.13
N MET F 218 -9.89 -25.62 15.60
CA MET F 218 -9.96 -26.98 14.97
C MET F 218 -8.68 -27.79 15.26
N PHE F 219 -7.66 -27.24 15.94
CA PHE F 219 -6.32 -27.88 16.04
C PHE F 219 -6.40 -29.18 16.87
N PHE F 220 -6.89 -29.16 18.13
CA PHE F 220 -6.88 -30.38 18.99
C PHE F 220 -7.90 -31.41 18.44
N THR F 221 -8.98 -30.92 17.81
CA THR F 221 -10.15 -31.73 17.37
C THR F 221 -9.83 -32.42 16.02
N THR F 222 -9.15 -31.73 15.08
CA THR F 222 -8.63 -32.31 13.81
C THR F 222 -7.62 -33.43 14.14
N PHE F 223 -6.73 -33.22 15.15
CA PHE F 223 -5.59 -34.11 15.47
C PHE F 223 -5.89 -34.93 16.76
N SER F 229 -11.66 -35.94 27.72
CA SER F 229 -12.43 -35.07 28.64
C SER F 229 -11.48 -34.16 29.41
N GLN F 230 -11.88 -32.93 29.64
CA GLN F 230 -11.40 -32.13 30.80
C GLN F 230 -12.37 -30.96 30.99
N LYS F 231 -12.50 -30.47 32.22
CA LYS F 231 -13.52 -29.48 32.58
C LYS F 231 -12.86 -28.10 32.43
N GLY F 232 -13.68 -27.11 32.09
CA GLY F 232 -13.30 -25.71 31.99
C GLY F 232 -14.39 -24.81 32.54
N GLY F 233 -14.12 -23.52 32.57
CA GLY F 233 -15.09 -22.54 33.07
C GLY F 233 -14.70 -21.16 32.64
N VAL F 234 -15.59 -20.23 32.93
CA VAL F 234 -15.44 -18.80 32.63
C VAL F 234 -15.66 -18.05 33.94
N ILE F 235 -14.77 -17.16 34.28
CA ILE F 235 -14.93 -16.25 35.43
C ILE F 235 -15.09 -14.85 34.87
N VAL F 236 -16.04 -14.11 35.41
CA VAL F 236 -16.21 -12.68 35.04
C VAL F 236 -16.16 -11.88 36.33
N ASP F 237 -15.39 -10.78 36.36
CA ASP F 237 -15.32 -9.89 37.54
C ASP F 237 -16.69 -9.23 37.75
N GLU F 238 -16.84 -8.46 38.81
CA GLU F 238 -18.12 -7.76 39.15
C GLU F 238 -18.45 -6.74 38.05
N SER F 239 -17.47 -6.06 37.46
CA SER F 239 -17.78 -4.99 36.46
C SER F 239 -18.21 -5.58 35.09
N GLY F 240 -17.87 -6.83 34.80
CA GLY F 240 -18.05 -7.47 33.47
C GLY F 240 -16.81 -7.31 32.54
N GLY F 241 -15.94 -6.35 32.81
CA GLY F 241 -14.86 -5.98 31.88
C GLY F 241 -13.74 -7.01 31.80
N HIS F 242 -13.57 -7.83 32.83
CA HIS F 242 -12.41 -8.76 32.94
C HIS F 242 -12.93 -10.20 32.94
N HIS F 243 -12.19 -11.11 32.31
CA HIS F 243 -12.61 -12.54 32.31
C HIS F 243 -11.39 -13.42 32.49
N VAL F 244 -11.66 -14.65 32.88
CA VAL F 244 -10.72 -15.78 32.79
C VAL F 244 -11.48 -16.91 32.13
N SER F 245 -10.86 -17.52 31.14
CA SER F 245 -11.32 -18.78 30.54
C SER F 245 -10.26 -19.83 30.86
N TYR F 246 -10.65 -20.95 31.46
CA TYR F 246 -9.65 -21.94 31.93
C TYR F 246 -10.10 -23.34 31.55
N SER F 247 -9.13 -24.25 31.55
CA SER F 247 -9.28 -25.66 31.22
C SER F 247 -8.31 -26.47 32.07
N MET F 248 -8.73 -27.62 32.60
CA MET F 248 -7.93 -28.41 33.58
C MET F 248 -8.33 -29.89 33.52
N ILE F 249 -7.42 -30.75 33.93
CA ILE F 249 -7.47 -32.23 33.70
C ILE F 249 -8.60 -32.86 34.55
N ARG F 271 -0.49 -38.81 14.20
CA ARG F 271 -1.02 -37.45 13.92
C ARG F 271 0.15 -36.46 13.73
N LEU F 272 0.83 -36.00 14.78
CA LEU F 272 2.06 -35.14 14.72
C LEU F 272 3.29 -36.01 14.47
N LYS F 273 4.12 -35.71 13.46
CA LYS F 273 5.40 -36.44 13.24
C LYS F 273 6.43 -36.03 14.30
N ASP F 274 6.33 -34.85 14.89
CA ASP F 274 7.21 -34.45 16.02
C ASP F 274 6.28 -34.04 17.17
N PRO F 275 5.91 -35.02 18.02
CA PRO F 275 5.07 -34.78 19.20
C PRO F 275 5.66 -33.74 20.16
N SER F 276 6.97 -33.46 20.09
CA SER F 276 7.68 -32.51 20.99
C SER F 276 7.03 -31.10 20.98
N LEU F 277 6.21 -30.78 19.99
CA LEU F 277 5.48 -29.49 19.95
C LEU F 277 4.66 -29.34 21.24
N LEU F 278 4.09 -30.42 21.76
CA LEU F 278 3.11 -30.40 22.87
C LEU F 278 3.72 -31.02 24.13
N GLU F 279 4.94 -31.57 24.08
CA GLU F 279 5.68 -32.02 25.29
C GLU F 279 5.97 -30.81 26.15
N GLY F 280 5.64 -30.94 27.43
CA GLY F 280 5.57 -29.86 28.41
C GLY F 280 6.07 -30.34 29.75
N PHE F 281 6.01 -29.50 30.77
CA PHE F 281 6.48 -29.90 32.12
C PHE F 281 5.50 -29.26 33.09
N GLU F 282 5.35 -29.87 34.26
CA GLU F 282 4.54 -29.32 35.37
C GLU F 282 5.26 -28.09 35.90
N GLU F 283 4.55 -27.01 36.11
CA GLU F 283 5.11 -25.85 36.83
C GLU F 283 4.00 -25.07 37.53
N PHE F 284 2.75 -25.52 37.50
CA PHE F 284 1.68 -24.90 38.32
C PHE F 284 1.13 -25.91 39.35
N GLU F 285 0.78 -25.40 40.53
CA GLU F 285 0.27 -26.16 41.71
C GLU F 285 -1.04 -26.88 41.31
N ASP F 286 -2.02 -26.14 40.77
CA ASP F 286 -3.28 -26.70 40.20
C ASP F 286 -2.97 -27.54 38.96
N GLY F 287 -3.96 -28.13 38.30
CA GLY F 287 -3.75 -28.86 37.04
C GLY F 287 -4.23 -28.07 35.83
N VAL F 288 -4.20 -26.74 35.92
CA VAL F 288 -4.80 -25.87 34.85
C VAL F 288 -3.80 -25.80 33.69
N THR F 289 -4.20 -26.32 32.53
CA THR F 289 -3.39 -26.45 31.28
C THR F 289 -3.65 -25.26 30.35
N LEU F 290 -4.76 -24.55 30.53
CA LEU F 290 -5.06 -23.35 29.75
C LEU F 290 -5.68 -22.30 30.70
N GLN F 291 -5.17 -21.10 30.64
CA GLN F 291 -5.81 -19.93 31.28
C GLN F 291 -5.59 -18.71 30.40
N ILE F 292 -6.68 -18.18 29.89
CA ILE F 292 -6.72 -16.88 29.15
C ILE F 292 -7.41 -15.86 30.06
N LEU F 293 -6.79 -14.72 30.26
CA LEU F 293 -7.28 -13.70 31.22
C LEU F 293 -7.26 -12.36 30.48
N SER F 294 -8.35 -11.60 30.57
CA SER F 294 -8.52 -10.29 29.94
C SER F 294 -8.76 -9.25 31.03
N VAL F 295 -8.20 -8.07 30.84
CA VAL F 295 -8.47 -6.88 31.67
C VAL F 295 -8.87 -5.72 30.76
N PHE F 296 -10.10 -5.25 30.90
CA PHE F 296 -10.68 -4.08 30.18
C PHE F 296 -9.70 -2.92 30.30
N PRO F 297 -9.40 -2.16 29.21
CA PRO F 297 -9.94 -2.40 27.87
C PRO F 297 -9.08 -3.08 26.80
N GLY F 298 -7.91 -3.64 27.14
CA GLY F 298 -7.02 -4.19 26.10
C GLY F 298 -5.86 -5.01 26.61
N PHE F 299 -5.94 -5.62 27.78
CA PHE F 299 -4.84 -6.45 28.33
C PHE F 299 -5.22 -7.91 28.26
N VAL F 300 -4.28 -8.76 27.81
CA VAL F 300 -4.47 -10.24 27.85
C VAL F 300 -3.24 -10.86 28.50
N LEU F 301 -3.45 -11.79 29.45
CA LEU F 301 -2.37 -12.69 29.95
C LEU F 301 -2.77 -14.12 29.58
N GLN F 302 -1.90 -14.85 28.91
CA GLN F 302 -2.18 -16.22 28.47
C GLN F 302 -1.17 -17.20 29.06
N GLN F 303 -1.68 -18.33 29.48
CA GLN F 303 -0.92 -19.53 29.83
C GLN F 303 -1.57 -20.68 29.07
N ILE F 304 -0.90 -21.23 28.06
CA ILE F 304 -1.34 -22.48 27.34
C ILE F 304 -0.19 -23.48 27.49
N GLN F 305 -0.39 -24.51 28.27
CA GLN F 305 0.69 -25.41 28.74
C GLN F 305 1.80 -24.54 29.32
N ASN F 306 3.01 -24.59 28.77
CA ASN F 306 4.15 -23.76 29.23
C ASN F 306 4.32 -22.52 28.34
N SER F 307 3.38 -22.21 27.47
CA SER F 307 3.45 -20.98 26.64
C SER F 307 2.81 -19.82 27.40
N ILE F 308 3.63 -18.87 27.82
CA ILE F 308 3.21 -17.66 28.56
C ILE F 308 3.39 -16.49 27.62
N ALA F 309 2.41 -15.59 27.57
CA ALA F 309 2.54 -14.31 26.87
C ALA F 309 1.61 -13.25 27.44
N VAL F 310 1.92 -12.02 27.12
CA VAL F 310 1.03 -10.87 27.36
C VAL F 310 0.62 -10.34 25.98
N ARG F 311 -0.60 -9.82 25.83
CA ARG F 311 -1.00 -9.03 24.63
C ARG F 311 -1.49 -7.67 25.08
N GLN F 312 -1.20 -6.69 24.22
CA GLN F 312 -1.72 -5.33 24.36
C GLN F 312 -2.52 -5.03 23.12
N LEU F 313 -3.82 -4.73 23.26
CA LEU F 313 -4.70 -4.38 22.13
C LEU F 313 -4.87 -2.86 22.09
N LEU F 314 -4.60 -2.20 20.97
CA LEU F 314 -4.74 -0.73 20.83
C LEU F 314 -5.67 -0.46 19.65
N PRO F 315 -6.57 0.54 19.79
CA PRO F 315 -7.35 1.03 18.64
C PRO F 315 -6.41 1.83 17.74
N LYS F 316 -6.60 1.75 16.43
CA LYS F 316 -5.79 2.58 15.52
C LYS F 316 -6.69 3.45 14.67
N SER F 317 -7.74 2.91 14.10
CA SER F 317 -8.71 3.68 13.26
C SER F 317 -10.02 2.94 13.46
N ILE F 318 -11.12 3.45 12.91
CA ILE F 318 -12.45 2.83 13.18
C ILE F 318 -12.42 1.31 12.83
N SER F 319 -11.68 0.89 11.79
CA SER F 319 -11.69 -0.51 11.28
C SER F 319 -10.28 -1.13 11.32
N SER F 320 -9.40 -0.65 12.21
CA SER F 320 -8.07 -1.27 12.36
C SER F 320 -7.66 -1.21 13.84
N SER F 321 -6.92 -2.20 14.27
CA SER F 321 -6.32 -2.18 15.61
C SER F 321 -4.95 -2.85 15.57
N GLU F 322 -4.23 -2.71 16.67
CA GLU F 322 -2.89 -3.27 16.83
C GLU F 322 -2.91 -4.21 18.04
N LEU F 323 -2.39 -5.40 17.85
CA LEU F 323 -2.15 -6.41 18.89
C LEU F 323 -0.65 -6.59 19.04
N ASN F 324 -0.11 -6.20 20.17
CA ASN F 324 1.32 -6.34 20.47
C ASN F 324 1.48 -7.55 21.41
N TRP F 325 2.20 -8.55 20.97
CA TRP F 325 2.56 -9.74 21.76
C TRP F 325 3.90 -9.51 22.47
N THR F 326 3.95 -9.86 23.75
CA THR F 326 5.19 -10.00 24.49
C THR F 326 5.27 -11.46 24.94
N TYR F 327 6.13 -12.27 24.31
CA TYR F 327 6.32 -13.68 24.69
C TYR F 327 7.23 -13.73 25.92
N LEU F 328 6.95 -14.66 26.84
CA LEU F 328 7.64 -14.68 28.16
C LEU F 328 8.21 -16.05 28.49
N GLY F 329 9.39 -16.03 29.09
CA GLY F 329 9.91 -17.11 29.93
C GLY F 329 9.94 -16.63 31.36
N TYR F 330 10.25 -17.52 32.29
CA TYR F 330 10.68 -17.13 33.65
C TYR F 330 12.20 -16.97 33.64
N ALA F 331 12.67 -15.95 34.34
CA ALA F 331 14.12 -15.65 34.45
C ALA F 331 14.87 -16.89 34.95
N ASP F 332 14.25 -17.75 35.73
CA ASP F 332 14.91 -18.96 36.31
C ASP F 332 14.80 -20.18 35.35
N ASP F 333 14.26 -20.06 34.13
CA ASP F 333 14.10 -21.24 33.24
C ASP F 333 15.46 -21.91 33.00
N SER F 334 15.53 -23.22 32.97
CA SER F 334 16.70 -23.95 32.39
C SER F 334 16.64 -23.84 30.85
N ALA F 335 17.73 -24.18 30.16
CA ALA F 335 17.80 -24.26 28.68
C ALA F 335 16.66 -25.18 28.22
N GLU F 336 16.44 -26.30 28.89
CA GLU F 336 15.48 -27.34 28.43
C GLU F 336 14.06 -26.79 28.63
N GLN F 337 13.83 -26.03 29.70
CA GLN F 337 12.46 -25.46 29.89
C GLN F 337 12.24 -24.39 28.84
N ARG F 338 13.23 -23.55 28.60
CA ARG F 338 13.10 -22.41 27.64
C ARG F 338 12.85 -22.98 26.23
N LYS F 339 13.50 -24.09 25.85
CA LYS F 339 13.30 -24.71 24.53
C LYS F 339 11.84 -25.14 24.40
N VAL F 340 11.28 -25.74 25.46
CA VAL F 340 9.85 -26.15 25.48
C VAL F 340 9.00 -24.93 25.16
N ARG F 341 9.29 -23.77 25.73
CA ARG F 341 8.42 -22.58 25.50
C ARG F 341 8.59 -22.11 24.05
N LEU F 342 9.80 -22.18 23.50
CA LEU F 342 10.08 -21.72 22.11
C LEU F 342 9.36 -22.65 21.12
N LYS F 343 9.28 -23.94 21.39
CA LYS F 343 8.48 -24.86 20.55
C LYS F 343 6.98 -24.62 20.72
N GLN F 344 6.50 -24.47 21.94
CA GLN F 344 5.04 -24.33 22.22
C GLN F 344 4.55 -22.97 21.71
N ALA F 345 5.45 -22.00 21.52
CA ALA F 345 5.07 -20.68 20.97
C ALA F 345 4.45 -20.84 19.57
N ASN F 346 4.68 -21.96 18.90
CA ASN F 346 4.07 -22.23 17.56
C ASN F 346 2.55 -22.22 17.68
N LEU F 347 2.00 -22.37 18.90
CA LEU F 347 0.53 -22.46 19.12
C LEU F 347 -0.06 -21.08 19.02
N ILE F 348 0.73 -20.05 19.29
CA ILE F 348 0.23 -18.66 19.56
C ILE F 348 0.84 -17.70 18.53
N GLY F 349 0.40 -16.48 18.58
CA GLY F 349 0.93 -15.39 17.77
C GLY F 349 0.34 -15.41 16.37
N PRO F 350 0.96 -14.60 15.49
CA PRO F 350 0.46 -14.37 14.13
C PRO F 350 0.24 -15.61 13.28
N ALA F 351 1.06 -16.64 13.50
CA ALA F 351 1.04 -17.92 12.77
C ALA F 351 0.66 -19.06 13.72
N GLY F 352 0.00 -18.79 14.83
CA GLY F 352 -0.27 -19.83 15.85
C GLY F 352 -1.20 -20.91 15.35
N PHE F 353 -0.89 -22.17 15.57
CA PHE F 353 -1.82 -23.30 15.31
C PHE F 353 -3.22 -23.02 15.91
N ILE F 354 -3.24 -22.35 17.07
CA ILE F 354 -4.50 -21.94 17.76
C ILE F 354 -4.84 -20.50 17.35
N SER F 355 -3.95 -19.54 17.49
CA SER F 355 -4.37 -18.11 17.43
C SER F 355 -4.43 -17.53 16.00
N MET F 356 -4.00 -18.28 14.97
CA MET F 356 -3.81 -17.72 13.60
C MET F 356 -5.15 -17.07 13.17
N GLU F 357 -6.23 -17.81 13.28
CA GLU F 357 -7.61 -17.44 12.92
C GLU F 357 -8.03 -16.20 13.71
N ASP F 358 -7.56 -16.00 14.97
CA ASP F 358 -7.98 -14.86 15.81
C ASP F 358 -7.62 -13.55 15.10
N GLY F 359 -6.58 -13.55 14.31
CA GLY F 359 -6.18 -12.36 13.55
C GLY F 359 -7.17 -12.02 12.42
N ALA F 360 -7.95 -12.97 11.91
CA ALA F 360 -8.78 -12.77 10.73
C ALA F 360 -10.28 -12.66 11.06
N VAL F 361 -10.80 -13.36 12.06
CA VAL F 361 -12.28 -13.44 12.31
C VAL F 361 -12.88 -12.06 12.55
N GLY F 362 -12.22 -11.17 13.30
CA GLY F 362 -12.60 -9.75 13.43
C GLY F 362 -12.94 -9.11 12.10
N GLY F 363 -12.11 -9.32 11.10
CA GLY F 363 -12.27 -8.71 9.78
C GLY F 363 -13.41 -9.37 9.05
N PHE F 364 -13.63 -10.67 9.27
CA PHE F 364 -14.77 -11.36 8.65
C PHE F 364 -16.07 -10.68 9.15
N VAL F 365 -16.11 -10.26 10.42
CA VAL F 365 -17.29 -9.57 11.03
C VAL F 365 -17.36 -8.17 10.43
N GLN F 366 -16.25 -7.44 10.48
CA GLN F 366 -16.15 -6.07 9.95
C GLN F 366 -16.75 -6.04 8.54
N ARG F 367 -16.45 -7.05 7.72
CA ARG F 367 -16.91 -7.09 6.31
C ARG F 367 -18.32 -7.67 6.20
N GLY F 368 -18.65 -8.70 6.99
CA GLY F 368 -19.99 -9.30 6.92
C GLY F 368 -21.08 -8.28 7.25
N ILE F 369 -20.79 -7.31 8.10
CA ILE F 369 -21.77 -6.29 8.56
C ILE F 369 -21.73 -5.03 7.70
N ALA F 370 -21.02 -5.01 6.57
CA ALA F 370 -20.88 -3.82 5.70
C ALA F 370 -22.25 -3.22 5.33
N GLY F 371 -23.25 -4.05 5.07
CA GLY F 371 -24.61 -3.57 4.71
C GLY F 371 -25.59 -3.56 5.88
N ALA F 372 -25.12 -3.78 7.10
CA ALA F 372 -26.01 -4.12 8.24
C ALA F 372 -25.71 -3.23 9.46
N ALA F 373 -25.24 -1.99 9.24
CA ALA F 373 -24.95 -1.05 10.35
C ALA F 373 -26.19 -0.91 11.26
N ASN F 374 -27.42 -1.10 10.75
CA ASN F 374 -28.67 -0.86 11.51
C ASN F 374 -29.14 -2.13 12.22
N LEU F 375 -28.45 -3.25 12.11
CA LEU F 375 -28.85 -4.55 12.69
C LEU F 375 -27.98 -4.85 13.94
N ASP F 376 -28.22 -6.00 14.56
CA ASP F 376 -27.75 -6.36 15.92
C ASP F 376 -27.08 -7.73 15.91
N ALA F 377 -25.95 -7.83 16.58
CA ALA F 377 -25.34 -9.13 16.94
C ALA F 377 -26.27 -9.83 17.93
N VAL F 378 -26.33 -11.15 17.87
CA VAL F 378 -27.11 -12.00 18.81
C VAL F 378 -26.11 -12.70 19.75
N ILE F 379 -26.19 -12.41 21.04
CA ILE F 379 -25.27 -12.94 22.08
C ILE F 379 -26.07 -13.55 23.23
N GLU F 380 -26.65 -14.73 23.01
CA GLU F 380 -27.65 -15.33 23.92
C GLU F 380 -27.15 -16.62 24.55
N MET F 381 -25.99 -17.08 24.16
CA MET F 381 -25.44 -18.38 24.62
C MET F 381 -25.12 -18.27 26.12
N GLY F 382 -25.67 -19.17 26.94
CA GLY F 382 -25.56 -19.13 28.42
C GLY F 382 -26.50 -18.10 29.07
N GLY F 383 -27.56 -17.68 28.37
CA GLY F 383 -28.62 -16.75 28.85
C GLY F 383 -28.33 -15.28 28.60
N ASP F 384 -28.75 -14.40 29.51
CA ASP F 384 -28.44 -12.94 29.49
C ASP F 384 -27.53 -12.57 30.68
N HIS F 385 -26.90 -13.59 31.29
CA HIS F 385 -25.91 -13.55 32.40
C HIS F 385 -24.66 -12.79 31.98
N GLU F 386 -24.02 -12.05 32.90
CA GLU F 386 -22.63 -11.50 32.81
C GLU F 386 -21.77 -11.99 34.00
N GLY F 387 -22.05 -13.18 34.51
CA GLY F 387 -21.33 -13.78 35.66
C GLY F 387 -20.61 -15.06 35.27
N SER F 388 -19.88 -15.61 36.22
CA SER F 388 -19.08 -16.85 36.07
C SER F 388 -19.97 -18.05 35.73
N SER F 389 -19.40 -19.04 35.07
CA SER F 389 -20.06 -20.29 34.61
C SER F 389 -19.08 -21.45 34.71
N GLU F 390 -19.58 -22.62 35.06
CA GLU F 390 -18.97 -23.93 34.72
C GLU F 390 -19.26 -24.16 33.23
N GLY F 391 -18.28 -24.70 32.51
CA GLY F 391 -18.37 -24.88 31.05
C GLY F 391 -18.04 -23.60 30.32
N ARG F 392 -17.87 -23.72 29.00
CA ARG F 392 -17.40 -22.63 28.13
C ARG F 392 -18.31 -22.44 26.91
N ALA F 393 -19.38 -23.23 26.75
CA ALA F 393 -20.45 -23.06 25.73
C ALA F 393 -21.43 -21.96 26.21
N THR F 394 -20.88 -20.76 26.42
CA THR F 394 -21.56 -19.55 26.91
C THR F 394 -20.91 -18.33 26.27
N GLU F 395 -21.61 -17.19 26.24
CA GLU F 395 -21.04 -15.88 25.83
C GLU F 395 -21.08 -14.91 27.01
N THR F 396 -21.10 -15.42 28.24
CA THR F 396 -21.23 -14.60 29.47
C THR F 396 -20.11 -13.56 29.55
N SER F 397 -18.86 -13.92 29.24
CA SER F 397 -17.71 -12.98 29.29
C SER F 397 -17.79 -11.95 28.15
N VAL F 398 -18.43 -12.29 27.03
CA VAL F 398 -18.66 -11.30 25.95
C VAL F 398 -19.72 -10.29 26.42
N ARG F 399 -20.84 -10.75 26.95
CA ARG F 399 -21.88 -9.84 27.50
C ARG F 399 -21.22 -8.95 28.59
N GLY F 400 -20.34 -9.53 29.41
CA GLY F 400 -19.65 -8.79 30.48
C GLY F 400 -18.92 -7.58 29.90
N PHE F 401 -18.22 -7.78 28.79
CA PHE F 401 -17.45 -6.72 28.12
C PHE F 401 -18.41 -5.56 27.83
N TRP F 402 -19.59 -5.86 27.26
CA TRP F 402 -20.58 -4.83 26.85
C TRP F 402 -21.17 -4.18 28.10
N LYS F 403 -21.37 -4.92 29.17
CA LYS F 403 -21.82 -4.31 30.44
C LYS F 403 -20.78 -3.24 30.84
N ALA F 404 -19.53 -3.60 30.96
CA ALA F 404 -18.47 -2.63 31.35
C ALA F 404 -18.37 -1.46 30.33
N TYR F 405 -18.46 -1.78 29.04
CA TYR F 405 -18.39 -0.76 27.96
C TYR F 405 -19.52 0.26 28.14
N ARG F 406 -20.76 -0.21 28.29
CA ARG F 406 -21.93 0.70 28.34
C ARG F 406 -21.86 1.57 29.60
N LYS F 407 -21.32 1.04 30.71
CA LYS F 407 -21.17 1.81 31.96
C LYS F 407 -20.23 2.97 31.69
N HIS F 408 -19.00 2.71 31.25
CA HIS F 408 -18.00 3.75 30.88
C HIS F 408 -18.55 4.72 29.85
N MET F 409 -19.35 4.24 28.89
CA MET F 409 -19.77 5.07 27.74
C MET F 409 -21.10 5.79 28.03
N GLY F 410 -21.76 5.52 29.14
CA GLY F 410 -23.06 6.19 29.42
C GLY F 410 -24.14 5.72 28.45
N GLN F 411 -24.16 4.43 28.08
CA GLN F 411 -25.17 3.84 27.15
C GLN F 411 -26.08 2.81 27.86
N GLU F 412 -26.08 2.76 29.20
CA GLU F 412 -26.84 1.68 29.88
C GLU F 412 -28.33 2.10 29.90
N MET F 413 -29.24 1.16 29.74
CA MET F 413 -30.70 1.38 29.71
C MET F 413 -31.19 0.60 30.95
N GLN F 414 -32.31 0.99 31.55
CA GLN F 414 -32.79 0.39 32.83
C GLN F 414 -33.69 -0.83 32.52
N ALA F 415 -33.68 -1.86 33.40
CA ALA F 415 -34.58 -3.05 33.32
C ALA F 415 -35.91 -2.73 34.00
N LYS G 1 30.38 -32.39 -25.00
CA LYS G 1 31.76 -32.66 -24.60
C LYS G 1 31.95 -34.17 -24.75
N VAL G 2 33.07 -34.58 -25.33
CA VAL G 2 33.48 -36.00 -25.22
C VAL G 2 34.44 -36.11 -24.04
N PHE G 3 33.99 -36.74 -22.97
CA PHE G 3 34.89 -37.14 -21.84
C PHE G 3 35.92 -38.21 -22.26
N GLY G 4 37.11 -38.13 -21.67
CA GLY G 4 38.04 -39.26 -21.48
C GLY G 4 37.46 -40.27 -20.51
N ARG G 5 37.81 -41.54 -20.62
CA ARG G 5 37.30 -42.61 -19.71
C ARG G 5 37.64 -42.25 -18.26
N CYS G 6 38.91 -42.01 -17.96
CA CYS G 6 39.38 -41.69 -16.59
C CYS G 6 38.86 -40.30 -16.17
N GLU G 7 38.80 -39.32 -17.10
CA GLU G 7 38.23 -37.99 -16.79
C GLU G 7 36.83 -38.19 -16.21
N LEU G 8 36.05 -39.04 -16.84
CA LEU G 8 34.65 -39.26 -16.42
C LEU G 8 34.67 -40.06 -15.12
N ALA G 9 35.59 -41.00 -14.95
CA ALA G 9 35.65 -41.77 -13.68
C ALA G 9 35.81 -40.78 -12.51
N ALA G 10 36.80 -39.91 -12.60
CA ALA G 10 37.14 -38.96 -11.53
C ALA G 10 35.88 -38.12 -11.26
N ALA G 11 35.21 -37.67 -12.33
CA ALA G 11 34.10 -36.71 -12.23
C ALA G 11 32.94 -37.41 -11.52
N MET G 12 32.68 -38.67 -11.84
CA MET G 12 31.57 -39.45 -11.24
C MET G 12 31.88 -39.74 -9.75
N LYS G 13 33.16 -39.99 -9.44
CA LYS G 13 33.60 -40.24 -8.05
C LYS G 13 33.42 -38.96 -7.24
N ARG G 14 33.82 -37.80 -7.76
CA ARG G 14 33.63 -36.47 -7.10
C ARG G 14 32.13 -36.17 -6.83
N HIS G 15 31.17 -36.60 -7.67
CA HIS G 15 29.70 -36.48 -7.41
C HIS G 15 29.15 -37.72 -6.68
N GLY G 16 29.97 -38.46 -5.92
CA GLY G 16 29.57 -39.48 -4.95
C GLY G 16 28.93 -40.73 -5.55
N LEU G 17 29.28 -41.14 -6.77
CA LEU G 17 28.65 -42.33 -7.45
C LEU G 17 29.44 -43.62 -7.23
N ASP G 18 30.66 -43.57 -6.69
CA ASP G 18 31.27 -44.87 -6.21
C ASP G 18 30.25 -45.52 -5.17
N ASN G 19 29.73 -46.71 -5.49
CA ASN G 19 28.97 -47.64 -4.55
C ASN G 19 27.64 -46.99 -4.17
N TYR G 20 27.20 -45.95 -4.89
CA TYR G 20 25.86 -45.33 -4.74
C TYR G 20 24.79 -46.38 -5.04
N ARG G 21 24.07 -46.83 -3.96
CA ARG G 21 23.10 -47.96 -3.98
C ARG G 21 23.76 -49.24 -4.57
N GLY G 22 24.97 -49.56 -4.12
CA GLY G 22 25.58 -50.95 -4.28
C GLY G 22 26.46 -50.99 -5.49
N TYR G 23 26.35 -49.96 -6.33
CA TYR G 23 26.95 -49.88 -7.68
C TYR G 23 28.36 -49.25 -7.55
N SER G 24 29.40 -50.04 -7.75
CA SER G 24 30.79 -49.55 -7.83
C SER G 24 30.92 -48.58 -9.03
N LEU G 25 31.89 -47.64 -8.92
CA LEU G 25 32.25 -46.61 -9.93
C LEU G 25 32.31 -47.21 -11.33
N GLY G 26 32.93 -48.37 -11.51
CA GLY G 26 33.04 -48.99 -12.84
C GLY G 26 31.68 -49.17 -13.48
N ASN G 27 30.63 -49.49 -12.71
CA ASN G 27 29.29 -49.71 -13.33
C ASN G 27 28.86 -48.40 -14.05
N TRP G 28 29.07 -47.26 -13.41
CA TRP G 28 28.63 -45.94 -13.91
C TRP G 28 29.45 -45.56 -15.15
N VAL G 29 30.75 -45.79 -15.10
CA VAL G 29 31.62 -45.46 -16.26
C VAL G 29 31.20 -46.35 -17.44
N CYS G 30 31.00 -47.63 -17.16
CA CYS G 30 30.64 -48.64 -18.20
C CYS G 30 29.30 -48.27 -18.84
N ALA G 31 28.34 -47.91 -18.00
CA ALA G 31 27.00 -47.40 -18.38
C ALA G 31 27.16 -46.21 -19.36
N ALA G 32 27.85 -45.15 -18.96
CA ALA G 32 28.04 -43.98 -19.84
C ALA G 32 28.70 -44.43 -21.15
N LYS G 33 29.64 -45.34 -21.05
CA LYS G 33 30.32 -45.83 -22.25
C LYS G 33 29.30 -46.36 -23.28
N PHE G 34 28.38 -47.22 -22.87
CA PHE G 34 27.51 -47.92 -23.84
C PHE G 34 26.18 -47.19 -24.03
N GLU G 35 25.80 -46.27 -23.14
CA GLU G 35 24.64 -45.37 -23.35
C GLU G 35 24.99 -44.28 -24.36
N SER G 36 26.07 -43.53 -24.17
CA SER G 36 26.34 -42.21 -24.78
C SER G 36 27.72 -42.16 -25.44
N ASN G 37 28.54 -43.16 -25.26
CA ASN G 37 29.95 -43.15 -25.69
C ASN G 37 30.70 -41.93 -25.13
N PHE G 38 30.35 -41.56 -23.92
CA PHE G 38 31.00 -40.52 -23.07
C PHE G 38 30.70 -39.11 -23.62
N ASN G 39 29.60 -39.01 -24.34
CA ASN G 39 29.19 -37.79 -25.06
C ASN G 39 28.04 -37.11 -24.30
N THR G 40 28.26 -35.91 -23.78
CA THR G 40 27.25 -35.20 -22.95
C THR G 40 26.10 -34.70 -23.82
N GLN G 41 26.26 -34.67 -25.13
CA GLN G 41 25.19 -34.18 -26.03
C GLN G 41 24.41 -35.32 -26.68
N ALA G 42 24.77 -36.58 -26.44
CA ALA G 42 24.03 -37.72 -27.02
C ALA G 42 22.53 -37.53 -26.75
N THR G 43 21.73 -37.78 -27.79
CA THR G 43 20.26 -37.79 -27.80
C THR G 43 19.78 -38.93 -28.69
N ASN G 44 18.72 -39.61 -28.29
CA ASN G 44 18.19 -40.81 -28.96
C ASN G 44 16.68 -40.69 -28.97
N ARG G 45 16.11 -40.33 -30.10
CA ARG G 45 14.65 -40.24 -30.30
C ARG G 45 14.11 -41.69 -30.33
N ASN G 46 13.13 -42.03 -29.47
CA ASN G 46 12.41 -43.33 -29.39
C ASN G 46 11.10 -43.20 -30.18
N THR G 47 10.50 -44.31 -30.55
CA THR G 47 9.33 -44.29 -31.44
C THR G 47 8.04 -44.04 -30.64
N ASP G 48 8.14 -43.77 -29.34
CA ASP G 48 6.98 -43.59 -28.46
C ASP G 48 6.77 -42.11 -28.10
N GLY G 49 7.50 -41.18 -28.75
CA GLY G 49 7.41 -39.72 -28.56
C GLY G 49 8.45 -39.22 -27.60
N SER G 50 9.15 -40.12 -26.91
CA SER G 50 10.18 -39.79 -25.89
C SER G 50 11.55 -39.79 -26.54
N THR G 51 12.49 -39.14 -25.87
CA THR G 51 13.93 -39.01 -26.24
C THR G 51 14.74 -39.29 -24.99
N ASP G 52 15.89 -39.91 -25.18
CA ASP G 52 16.90 -40.19 -24.14
C ASP G 52 17.99 -39.14 -24.32
N TYR G 53 18.41 -38.50 -23.21
CA TYR G 53 19.27 -37.29 -23.17
C TYR G 53 20.53 -37.51 -22.33
N GLY G 54 21.66 -37.17 -22.94
CA GLY G 54 22.96 -36.99 -22.32
C GLY G 54 23.80 -38.25 -22.10
N ILE G 55 24.80 -38.06 -21.25
CA ILE G 55 25.91 -38.99 -20.92
C ILE G 55 25.34 -40.31 -20.41
N LEU G 56 24.17 -40.27 -19.75
CA LEU G 56 23.48 -41.48 -19.22
C LEU G 56 22.06 -41.65 -19.83
N GLN G 57 21.78 -41.00 -20.95
CA GLN G 57 20.61 -41.31 -21.82
C GLN G 57 19.34 -41.44 -20.98
N ILE G 58 18.95 -40.35 -20.34
CA ILE G 58 17.82 -40.27 -19.39
C ILE G 58 16.58 -39.84 -20.16
N ASN G 59 15.49 -40.55 -19.89
CA ASN G 59 14.28 -40.63 -20.74
C ASN G 59 13.29 -39.51 -20.39
N SER G 60 12.70 -38.91 -21.41
CA SER G 60 11.89 -37.68 -21.33
C SER G 60 10.43 -38.03 -20.99
N ARG G 61 10.06 -39.31 -20.84
CA ARG G 61 8.67 -39.64 -20.40
C ARG G 61 8.62 -39.71 -18.85
N TRP G 62 9.66 -40.26 -18.21
CA TRP G 62 9.63 -40.49 -16.75
C TRP G 62 10.39 -39.41 -16.01
N TRP G 63 11.53 -38.94 -16.52
CA TRP G 63 12.59 -38.39 -15.64
C TRP G 63 12.83 -36.89 -15.82
N CYS G 64 12.92 -36.39 -17.05
CA CYS G 64 13.21 -34.95 -17.35
C CYS G 64 12.10 -34.44 -18.28
N ASN G 65 11.90 -33.12 -18.31
CA ASN G 65 10.85 -32.48 -19.15
C ASN G 65 11.52 -31.87 -20.38
N ASP G 66 11.24 -32.39 -21.58
CA ASP G 66 11.78 -31.85 -22.86
C ASP G 66 10.70 -31.08 -23.60
N GLY G 67 9.48 -30.99 -23.03
CA GLY G 67 8.41 -30.16 -23.60
C GLY G 67 7.82 -30.71 -24.89
N ARG G 68 8.21 -31.89 -25.35
CA ARG G 68 7.53 -32.49 -26.54
C ARG G 68 7.18 -33.96 -26.31
N THR G 69 7.20 -34.43 -25.05
CA THR G 69 6.88 -35.83 -24.70
C THR G 69 5.52 -35.89 -24.03
N PRO G 70 4.48 -36.46 -24.70
CA PRO G 70 3.19 -36.64 -24.03
C PRO G 70 3.35 -37.54 -22.79
N GLY G 71 2.59 -37.23 -21.74
CA GLY G 71 2.56 -37.97 -20.46
C GLY G 71 3.80 -37.74 -19.61
N SER G 72 4.52 -36.68 -19.85
CA SER G 72 5.78 -36.38 -19.14
C SER G 72 5.52 -36.38 -17.62
N ARG G 73 6.26 -37.15 -16.84
CA ARG G 73 6.10 -37.15 -15.36
C ARG G 73 7.19 -36.33 -14.67
N ASN G 74 8.29 -36.08 -15.35
CA ASN G 74 9.43 -35.27 -14.87
C ASN G 74 9.78 -35.58 -13.39
N LEU G 75 10.08 -36.82 -13.03
CA LEU G 75 10.37 -37.22 -11.63
C LEU G 75 11.71 -36.64 -11.13
N CYS G 76 12.65 -36.23 -11.98
CA CYS G 76 13.89 -35.57 -11.51
C CYS G 76 13.65 -34.05 -11.41
N ASN G 77 12.48 -33.60 -11.85
CA ASN G 77 12.06 -32.18 -11.79
C ASN G 77 13.14 -31.25 -12.41
N ILE G 78 13.53 -31.53 -13.64
CA ILE G 78 14.52 -30.73 -14.41
C ILE G 78 14.08 -30.72 -15.86
N PRO G 79 14.53 -29.73 -16.67
CA PRO G 79 14.41 -29.83 -18.11
C PRO G 79 15.50 -30.75 -18.65
N CYS G 80 15.16 -31.49 -19.71
CA CYS G 80 16.08 -32.47 -20.34
C CYS G 80 17.34 -31.74 -20.80
N SER G 81 17.20 -30.47 -21.19
CA SER G 81 18.35 -29.64 -21.65
C SER G 81 19.40 -29.55 -20.55
N ALA G 82 19.02 -29.64 -19.28
CA ALA G 82 20.01 -29.63 -18.18
C ALA G 82 20.89 -30.88 -18.29
N LEU G 83 20.34 -31.97 -18.85
CA LEU G 83 21.10 -33.25 -19.07
C LEU G 83 21.98 -33.22 -20.33
N LEU G 84 22.01 -32.10 -21.09
CA LEU G 84 22.88 -31.98 -22.29
C LEU G 84 24.05 -31.06 -22.04
N SER G 85 24.36 -30.65 -20.83
CA SER G 85 25.55 -29.79 -20.59
C SER G 85 26.80 -30.64 -20.43
N SER G 86 27.91 -29.95 -20.59
CA SER G 86 29.31 -30.33 -20.28
C SER G 86 29.53 -30.77 -18.85
N ASP G 87 28.90 -30.10 -17.92
CA ASP G 87 28.92 -30.42 -16.47
C ASP G 87 27.92 -31.58 -16.26
N ILE G 88 28.36 -32.67 -15.62
CA ILE G 88 27.54 -33.88 -15.39
C ILE G 88 26.64 -33.76 -14.15
N THR G 89 26.65 -32.67 -13.41
CA THR G 89 25.87 -32.57 -12.12
C THR G 89 24.42 -33.04 -12.32
N ALA G 90 23.67 -32.41 -13.21
CA ALA G 90 22.21 -32.61 -13.30
C ALA G 90 21.97 -34.06 -13.67
N SER G 91 22.84 -34.65 -14.50
CA SER G 91 22.71 -36.07 -14.96
C SER G 91 23.00 -37.00 -13.78
N VAL G 92 24.01 -36.68 -12.98
CA VAL G 92 24.29 -37.49 -11.77
C VAL G 92 23.11 -37.39 -10.81
N ASN G 93 22.63 -36.19 -10.52
CA ASN G 93 21.57 -36.05 -9.49
C ASN G 93 20.35 -36.81 -10.01
N CYS G 94 20.09 -36.77 -11.32
CA CYS G 94 18.91 -37.50 -11.84
C CYS G 94 19.17 -39.02 -11.71
N ALA G 95 20.35 -39.48 -12.09
CA ALA G 95 20.77 -40.90 -12.09
C ALA G 95 20.60 -41.47 -10.68
N LYS G 96 20.96 -40.69 -9.65
CA LYS G 96 20.85 -41.12 -8.24
C LYS G 96 19.39 -41.38 -7.88
N LYS G 97 18.49 -40.57 -8.44
CA LYS G 97 17.03 -40.71 -8.23
C LYS G 97 16.53 -41.97 -8.95
N ILE G 98 16.90 -42.13 -10.21
CA ILE G 98 16.51 -43.29 -11.04
C ILE G 98 16.99 -44.56 -10.32
N VAL G 99 18.26 -44.61 -9.92
CA VAL G 99 18.88 -45.87 -9.44
C VAL G 99 18.24 -46.24 -8.08
N SER G 100 17.63 -45.26 -7.40
CA SER G 100 16.89 -45.42 -6.13
C SER G 100 15.42 -45.82 -6.34
N ASP G 101 14.89 -45.77 -7.56
CA ASP G 101 13.46 -46.02 -7.93
C ASP G 101 13.02 -47.45 -7.64
N GLY G 102 13.93 -48.42 -7.58
CA GLY G 102 13.61 -49.80 -7.12
C GLY G 102 14.13 -50.86 -8.07
N ASN G 103 14.61 -50.50 -9.24
CA ASN G 103 15.00 -51.46 -10.31
C ASN G 103 16.53 -51.34 -10.53
N GLY G 104 17.23 -50.71 -9.57
CA GLY G 104 18.66 -50.34 -9.63
C GLY G 104 19.06 -49.77 -10.99
N MET G 105 20.20 -50.21 -11.51
CA MET G 105 20.78 -49.79 -12.79
C MET G 105 20.11 -50.51 -13.99
N ASN G 106 19.14 -51.40 -13.78
CA ASN G 106 18.47 -52.10 -14.93
C ASN G 106 17.67 -51.10 -15.76
N ALA G 107 17.27 -49.96 -15.20
CA ALA G 107 16.74 -48.82 -15.98
C ALA G 107 17.57 -48.60 -17.24
N TRP G 108 18.87 -48.79 -17.15
CA TRP G 108 19.81 -48.51 -18.28
C TRP G 108 20.04 -49.80 -19.08
N VAL G 109 19.39 -49.87 -20.24
CA VAL G 109 19.34 -51.06 -21.13
C VAL G 109 20.79 -51.41 -21.54
N ALA G 110 21.56 -50.44 -22.05
CA ALA G 110 22.96 -50.64 -22.48
C ALA G 110 23.82 -51.19 -21.32
N TRP G 111 23.71 -50.63 -20.11
CA TRP G 111 24.35 -51.18 -18.88
C TRP G 111 23.94 -52.65 -18.71
N ARG G 112 22.66 -52.95 -18.87
CA ARG G 112 22.13 -54.32 -18.64
C ARG G 112 22.78 -55.25 -19.68
N ASN G 113 22.87 -54.80 -20.92
CA ASN G 113 23.29 -55.70 -22.03
C ASN G 113 24.82 -55.85 -22.02
N ARG G 114 25.59 -54.82 -21.66
CA ARG G 114 27.03 -54.75 -21.95
C ARG G 114 27.86 -54.71 -20.66
N CYS G 115 27.31 -54.41 -19.48
CA CYS G 115 28.13 -54.12 -18.28
C CYS G 115 27.84 -55.10 -17.14
N LYS G 116 26.56 -55.29 -16.84
CA LYS G 116 26.02 -55.99 -15.65
C LYS G 116 26.71 -57.36 -15.52
N GLY G 117 27.20 -57.65 -14.30
CA GLY G 117 28.10 -58.74 -13.93
C GLY G 117 29.13 -59.04 -15.00
N THR G 118 29.89 -58.05 -15.48
CA THR G 118 31.20 -58.21 -16.19
C THR G 118 32.30 -57.86 -15.10
N ASP G 119 33.55 -57.59 -15.68
CA ASP G 119 34.68 -56.99 -14.91
C ASP G 119 34.65 -55.46 -15.14
N VAL G 120 33.58 -54.88 -14.64
CA VAL G 120 33.20 -53.45 -14.60
C VAL G 120 34.33 -52.63 -13.98
N GLN G 121 35.14 -53.19 -13.08
CA GLN G 121 36.29 -52.43 -12.45
C GLN G 121 37.50 -52.24 -13.42
N ALA G 122 37.65 -53.07 -14.46
CA ALA G 122 38.37 -52.69 -15.74
C ALA G 122 37.99 -51.26 -16.27
N TRP G 123 36.76 -50.74 -16.22
CA TRP G 123 36.48 -49.37 -16.74
C TRP G 123 37.12 -48.27 -15.89
N ILE G 124 37.69 -48.58 -14.72
CA ILE G 124 38.33 -47.50 -13.91
C ILE G 124 39.82 -47.76 -13.66
N ARG G 125 40.44 -48.74 -14.30
CA ARG G 125 41.90 -48.97 -14.14
C ARG G 125 42.70 -48.13 -15.15
N GLY G 126 43.91 -47.75 -14.75
CA GLY G 126 44.76 -46.78 -15.48
C GLY G 126 44.35 -45.34 -15.20
N CYS G 127 43.51 -45.13 -14.19
CA CYS G 127 42.99 -43.79 -13.82
C CYS G 127 43.54 -43.32 -12.47
N ARG G 128 43.66 -42.01 -12.29
CA ARG G 128 43.92 -41.38 -10.96
C ARG G 128 42.60 -41.27 -10.21
N LEU G 129 42.36 -42.09 -9.20
CA LEU G 129 41.12 -42.00 -8.37
C LEU G 129 41.45 -42.00 -6.88
FE1 FES H . -20.67 -16.94 15.15
FE2 FES H . -21.04 -16.99 12.51
S1 FES H . -20.40 -15.29 13.71
S2 FES H . -21.26 -18.67 13.90
S SO4 I . -13.02 -9.12 -7.03
O1 SO4 I . -13.35 -8.25 -5.91
O2 SO4 I . -14.09 -8.96 -8.09
O3 SO4 I . -12.96 -10.50 -6.54
O4 SO4 I . -11.70 -8.71 -7.56
S SO4 J . -18.97 4.65 -33.45
O1 SO4 J . -20.05 3.92 -32.80
O2 SO4 J . -19.44 5.97 -33.80
O3 SO4 J . -18.53 3.93 -34.64
O4 SO4 J . -17.87 4.75 -32.52
C01 UB7 K . -21.09 4.02 -24.93
C02 UB7 K . -20.27 3.27 -24.11
C03 UB7 K . -19.34 2.36 -24.65
C04 UB7 K . -19.23 2.26 -26.04
C05 UB7 K . -20.06 3.01 -26.87
C06 UB7 K . -21.01 3.89 -26.33
C07 UB7 K . -21.99 4.63 -27.20
C10 UB7 K . -18.57 1.45 -23.73
O08 UB7 K . -23.04 5.09 -26.70
O09 UB7 K . -21.68 4.74 -28.46
O11 UB7 K . -17.81 0.53 -24.35
O12 UB7 K . -18.66 1.54 -22.47
H011 UB7 K . -21.79 4.73 -24.49
H021 UB7 K . -20.37 3.38 -23.03
H041 UB7 K . -18.49 1.61 -26.50
H051 UB7 K . -19.94 2.90 -27.95
H1 UB7 K . -22.38 5.24 -28.98
H2 UB7 K . -17.33 -0.05 -23.70
FE FE L . -16.51 4.97 -23.77
FE1 FES M . -14.90 18.30 -20.85
FE2 FES M . -17.13 17.01 -21.51
S1 FES M . -15.94 18.20 -22.75
S2 FES M . -16.12 17.09 -19.54
S SO4 N . 3.91 16.89 -8.06
O1 SO4 N . 3.60 16.71 -9.47
O2 SO4 N . 3.86 18.35 -7.76
O3 SO4 N . 2.96 16.18 -7.19
O4 SO4 N . 5.29 16.32 -7.77
S SO4 O . -10.93 37.29 -12.36
O1 SO4 O . -12.01 36.36 -12.63
O2 SO4 O . -11.48 38.63 -12.31
O3 SO4 O . -9.91 37.22 -13.42
O4 SO4 O . -10.35 36.93 -11.09
S SO4 P . 26.84 34.90 1.73
O1 SO4 P . 25.68 35.02 2.57
O2 SO4 P . 26.43 35.21 0.35
O3 SO4 P . 27.35 33.54 1.84
O4 SO4 P . 27.90 35.80 2.20
S SO4 Q . -12.33 48.76 30.34
O1 SO4 Q . -12.69 50.14 30.66
O2 SO4 Q . -13.51 47.94 30.32
O3 SO4 Q . -11.69 48.70 29.04
O4 SO4 Q . -11.43 48.25 31.35
C01 UB7 R . 15.85 29.17 8.47
C02 UB7 R . 15.35 28.10 7.72
C03 UB7 R . 13.96 27.85 7.64
C04 UB7 R . 13.09 28.69 8.37
C05 UB7 R . 13.60 29.76 9.12
C06 UB7 R . 14.99 30.03 9.16
C07 UB7 R . 15.54 31.15 9.99
C10 UB7 R . 13.46 26.71 6.75
O08 UB7 R . 16.72 31.34 10.14
O09 UB7 R . 14.67 31.79 10.63
O11 UB7 R . 12.07 26.33 6.77
O12 UB7 R . 14.37 26.12 6.04
H011 UB7 R . 16.93 29.33 8.50
H021 UB7 R . 16.05 27.46 7.19
H041 UB7 R . 12.02 28.51 8.37
H051 UB7 R . 12.89 30.37 9.66
H1 UB7 R . 15.07 32.53 11.17
H2 UB7 R . 11.91 25.55 6.17
S SO4 S . 27.40 45.28 17.05
O1 SO4 S . 26.69 46.55 17.06
O2 SO4 S . 26.50 44.24 17.47
O3 SO4 S . 28.52 45.36 17.96
O4 SO4 S . 27.88 45.00 15.72
FE1 FES T . 8.47 20.73 21.93
FE2 FES T . 8.53 23.15 20.86
S1 FES T . 9.86 22.25 22.33
S2 FES T . 7.12 21.60 20.41
S SO4 U . -0.87 11.99 38.89
O1 SO4 U . -1.84 11.90 37.78
O2 SO4 U . -0.41 13.38 39.09
O3 SO4 U . -1.50 11.50 40.10
O4 SO4 U . 0.30 11.15 38.61
S SO4 V . 4.82 -1.03 17.14
O1 SO4 V . 4.14 -1.28 18.48
O2 SO4 V . 3.96 -0.27 16.22
O3 SO4 V . 5.13 -2.34 16.48
O4 SO4 V . 6.06 -0.32 17.41
C01 UB7 W . -7.54 -18.56 23.58
C02 UB7 W . -8.32 -19.48 24.26
C03 UB7 W . -9.61 -19.13 24.73
C04 UB7 W . -10.07 -17.82 24.50
C05 UB7 W . -9.28 -16.90 23.81
C06 UB7 W . -8.01 -17.26 23.33
C07 UB7 W . -7.22 -16.35 22.43
C10 UB7 W . -10.44 -20.17 25.42
O08 UB7 W . -7.72 -15.29 21.86
O09 UB7 W . -5.97 -16.84 22.18
O11 UB7 W . -11.62 -19.76 25.88
O12 UB7 W . -10.06 -21.32 25.53
H011 UB7 W . -6.54 -18.86 23.26
H021 UB7 W . -7.93 -20.48 24.44
H041 UB7 W . -11.04 -17.50 24.85
H051 UB7 W . -9.67 -15.90 23.64
H1 UB7 W . -5.46 -16.23 21.58
H2 UB7 W . -12.13 -20.49 26.30
FE FE X . -8.91 -18.28 20.25
S SO4 Y . 16.32 -44.12 -18.29
O1 SO4 Y . 15.93 -44.69 -19.57
O2 SO4 Y . 15.70 -42.82 -18.14
O3 SO4 Y . 15.85 -44.98 -17.25
O4 SO4 Y . 17.77 -44.02 -18.16
S SO4 Z . 32.12 -32.06 -14.45
O1 SO4 Z . 31.03 -32.63 -15.21
O2 SO4 Z . 32.08 -30.64 -14.63
O3 SO4 Z . 31.95 -32.35 -13.04
O4 SO4 Z . 33.41 -32.58 -14.90
#